data_4GXP
#
_entry.id   4GXP
#
_cell.length_a   115.377
_cell.length_b   115.377
_cell.length_c   282.538
_cell.angle_alpha   90.00
_cell.angle_beta   90.00
_cell.angle_gamma   120.00
#
_symmetry.space_group_name_H-M   'P 31 1 2'
#
loop_
_entity.id
_entity.type
_entity.pdbx_description
1 polymer 'Beta-glucosidase Chimeric protein'
2 water water
#
_entity_poly.entity_id   1
_entity_poly.type   'polypeptide(L)'
_entity_poly.pdbx_seq_one_letter_code
;MHHHHHHMNVKKFPEGFLWGVATASYQIEGSPLADGAGMSIWHTFSHTPGNVKNGDTGDVACDHYNRWKEDIEIIEKLGV
KAYRFSISWPRILPEGTGRVNQKGLDFYNRIIDTLLEKGITPFVTIFHWDLPFALQLKGGLLNREIADWFAEYSRVLFEN
FGDRVKNWITFNEPLCSAIPGYGSGTFAPGRQSTSEPWTVGHNILVAHGRAVKVFRETVKDGKIGIVLNGDFTYPWDAAD
PADKEAAERRLEFFTAWFADPIYLGDYPASMRKQLGDRLPTFTPEERALVHGSNDFYGMNHYTSNYIRHRSSPASADDTV
GNVDVLFTNKQGNCIGPETAMPWLRPCAAGFRDFLVWISKRYGYPPIYVTENGAAFDDVVSEDGRVHDQNRIDYLKAYIG
AMVTAVELDGVNVKGYFVWSLLDNFEWAEGYSKRFGIVYVDYSTQKRIVKDSGYWYSNVVKNNGLED
;
_entity_poly.pdbx_strand_id   A,B,C
#
# COMPACT_ATOMS: atom_id res chain seq x y z
N LYS A 11 -20.79 31.59 -9.89
CA LYS A 11 -19.60 32.51 -9.92
C LYS A 11 -19.10 32.70 -11.37
N LYS A 12 -19.89 33.41 -12.19
CA LYS A 12 -19.53 33.65 -13.59
C LYS A 12 -18.20 34.41 -13.75
N PHE A 13 -17.45 34.05 -14.80
CA PHE A 13 -16.13 34.63 -15.18
C PHE A 13 -16.21 35.82 -16.13
N PRO A 14 -15.10 36.56 -16.29
CA PRO A 14 -15.08 37.66 -17.26
C PRO A 14 -15.65 37.29 -18.63
N GLU A 15 -16.11 38.30 -19.38
CA GLU A 15 -16.66 38.10 -20.70
C GLU A 15 -15.56 37.58 -21.62
N GLY A 16 -15.84 36.44 -22.26
CA GLY A 16 -14.90 35.81 -23.21
C GLY A 16 -13.69 35.05 -22.66
N PHE A 17 -13.70 34.80 -21.35
CA PHE A 17 -12.69 33.96 -20.72
C PHE A 17 -12.61 32.63 -21.46
N LEU A 18 -11.43 32.32 -22.03
CA LEU A 18 -11.20 31.07 -22.80
C LEU A 18 -11.12 29.83 -21.94
N TRP A 19 -11.85 28.79 -22.31
CA TRP A 19 -11.74 27.57 -21.60
C TRP A 19 -11.19 26.60 -22.59
N GLY A 20 -10.13 25.91 -22.22
CA GLY A 20 -9.46 25.01 -23.14
C GLY A 20 -9.10 23.69 -22.52
N VAL A 21 -8.41 22.90 -23.32
CA VAL A 21 -7.82 21.63 -22.91
C VAL A 21 -6.48 21.63 -23.66
N ALA A 22 -5.47 21.01 -23.06
CA ALA A 22 -4.14 20.96 -23.68
C ALA A 22 -3.68 19.55 -23.81
N THR A 23 -3.12 19.26 -24.97
CA THR A 23 -2.39 18.02 -25.17
C THR A 23 -1.05 18.46 -25.78
N ALA A 24 -0.17 17.52 -26.10
CA ALA A 24 1.15 17.83 -26.61
C ALA A 24 1.69 16.71 -27.46
N SER A 25 2.29 17.09 -28.59
CA SER A 25 2.71 16.17 -29.68
C SER A 25 3.10 14.75 -29.27
N TYR A 26 4.31 14.63 -28.72
CA TYR A 26 4.88 13.34 -28.40
C TYR A 26 4.02 12.46 -27.54
N GLN A 27 3.17 13.06 -26.72
CA GLN A 27 2.55 12.36 -25.60
C GLN A 27 1.30 11.58 -26.03
N ILE A 28 0.69 12.03 -27.12
CA ILE A 28 -0.57 11.46 -27.62
C ILE A 28 -0.51 10.99 -29.08
N GLU A 29 0.16 11.76 -29.94
CA GLU A 29 0.17 11.44 -31.36
C GLU A 29 0.36 9.95 -31.71
N GLY A 30 1.43 9.31 -31.21
CA GLY A 30 1.85 8.01 -31.73
C GLY A 30 2.50 8.28 -33.07
N SER A 31 3.03 7.25 -33.72
CA SER A 31 3.53 7.32 -35.11
C SER A 31 4.68 8.28 -35.38
N PRO A 32 5.69 8.30 -34.48
CA PRO A 32 6.72 9.36 -34.48
C PRO A 32 7.53 9.50 -35.74
N LEU A 33 7.36 8.57 -36.68
CA LEU A 33 8.25 8.38 -37.86
C LEU A 33 7.56 8.42 -39.21
N ALA A 34 6.23 8.30 -39.20
CA ALA A 34 5.44 8.24 -40.43
C ALA A 34 5.57 9.46 -41.36
N ASP A 35 5.10 9.28 -42.60
CA ASP A 35 5.00 10.33 -43.62
C ASP A 35 6.14 11.35 -43.63
N GLY A 36 7.37 10.83 -43.45
CA GLY A 36 8.58 11.64 -43.57
C GLY A 36 9.19 12.22 -42.30
N ALA A 37 8.58 11.96 -41.15
CA ALA A 37 9.01 12.52 -39.87
C ALA A 37 10.44 12.12 -39.49
N GLY A 38 11.24 13.05 -38.95
CA GLY A 38 12.56 12.70 -38.39
C GLY A 38 12.47 12.04 -37.02
N MET A 39 13.60 11.72 -36.42
CA MET A 39 13.60 11.15 -35.08
C MET A 39 13.78 12.27 -34.07
N SER A 40 13.02 12.21 -32.98
CA SER A 40 13.05 13.22 -31.94
C SER A 40 13.92 12.73 -30.84
N ILE A 41 14.34 13.65 -29.98
CA ILE A 41 15.14 13.27 -28.83
C ILE A 41 14.31 12.47 -27.84
N TRP A 42 13.00 12.60 -27.93
CA TRP A 42 12.18 11.75 -27.10
C TRP A 42 12.02 10.35 -27.63
N HIS A 43 12.00 10.23 -28.96
CA HIS A 43 12.05 8.93 -29.60
C HIS A 43 13.22 8.16 -29.10
N THR A 44 14.38 8.73 -29.29
CA THR A 44 15.64 8.21 -28.82
C THR A 44 15.64 7.68 -27.39
N PHE A 45 15.06 8.46 -26.48
CA PHE A 45 15.32 8.35 -25.05
C PHE A 45 14.44 7.27 -24.45
N SER A 46 13.19 7.27 -24.91
CA SER A 46 12.20 6.35 -24.45
C SER A 46 12.52 4.99 -24.97
N HIS A 47 13.16 4.96 -26.14
CA HIS A 47 13.58 3.71 -26.75
C HIS A 47 14.88 3.20 -26.21
N THR A 48 15.47 3.87 -25.22
CA THR A 48 16.65 3.33 -24.51
C THR A 48 16.30 2.70 -23.15
N PRO A 49 16.99 1.58 -22.78
CA PRO A 49 16.80 0.97 -21.49
C PRO A 49 17.05 1.94 -20.34
N GLY A 50 16.11 1.99 -19.40
CA GLY A 50 16.34 2.70 -18.14
C GLY A 50 15.60 4.00 -18.00
N ASN A 51 14.94 4.43 -19.06
CA ASN A 51 14.47 5.79 -19.01
C ASN A 51 13.08 6.05 -18.61
N VAL A 52 12.20 5.08 -18.75
CA VAL A 52 10.78 5.34 -18.73
C VAL A 52 10.07 4.15 -18.05
N LYS A 53 9.20 4.44 -17.08
CA LYS A 53 8.65 3.43 -16.13
C LYS A 53 8.70 1.98 -16.55
N ASN A 54 7.91 1.59 -17.53
CA ASN A 54 7.84 0.15 -17.78
C ASN A 54 8.38 -0.15 -19.15
N GLY A 55 9.29 0.71 -19.60
CA GLY A 55 9.84 0.62 -20.92
C GLY A 55 8.95 1.26 -21.94
N ASP A 56 7.80 1.79 -21.51
CA ASP A 56 6.94 2.61 -22.39
C ASP A 56 7.68 3.59 -23.33
N THR A 57 7.16 3.77 -24.52
CA THR A 57 7.69 4.71 -25.48
C THR A 57 6.53 5.51 -26.04
N GLY A 58 6.82 6.47 -26.92
CA GLY A 58 5.75 7.27 -27.52
C GLY A 58 5.30 6.81 -28.90
N ASP A 59 5.62 5.57 -29.25
CA ASP A 59 5.33 5.00 -30.56
C ASP A 59 3.85 5.05 -30.89
N VAL A 60 3.03 4.40 -30.06
CA VAL A 60 1.61 4.28 -30.30
C VAL A 60 0.87 5.39 -29.54
N ALA A 61 0.95 5.33 -28.21
CA ALA A 61 0.41 6.35 -27.31
C ALA A 61 -1.09 6.46 -27.49
N CYS A 62 -1.57 7.61 -27.95
CA CYS A 62 -3.01 7.82 -28.10
C CYS A 62 -3.43 7.69 -29.56
N ASP A 63 -2.45 7.42 -30.42
CA ASP A 63 -2.69 7.19 -31.85
C ASP A 63 -3.38 8.38 -32.47
N HIS A 64 -3.31 9.50 -31.75
CA HIS A 64 -4.03 10.69 -32.08
C HIS A 64 -3.79 11.07 -33.51
N TYR A 65 -2.62 10.65 -34.03
CA TYR A 65 -2.22 10.83 -35.43
C TYR A 65 -3.26 10.30 -36.40
N ASN A 66 -3.84 9.15 -36.05
CA ASN A 66 -4.90 8.54 -36.81
C ASN A 66 -6.28 9.01 -36.37
N ARG A 67 -6.37 9.58 -35.17
CA ARG A 67 -7.67 9.78 -34.52
C ARG A 67 -8.00 11.22 -34.13
N TRP A 68 -7.38 12.15 -34.81
CA TRP A 68 -7.60 13.54 -34.48
C TRP A 68 -8.99 13.99 -34.79
N LYS A 69 -9.57 13.51 -35.89
CA LYS A 69 -10.97 13.84 -36.19
C LYS A 69 -11.89 13.43 -35.02
N GLU A 70 -11.80 12.17 -34.61
CA GLU A 70 -12.55 11.68 -33.46
C GLU A 70 -12.28 12.59 -32.29
N ASP A 71 -11.00 12.87 -32.02
CA ASP A 71 -10.63 13.66 -30.81
C ASP A 71 -11.17 15.07 -30.79
N ILE A 72 -10.85 15.86 -31.82
CA ILE A 72 -11.51 17.17 -31.94
C ILE A 72 -13.00 17.05 -31.68
N GLU A 73 -13.64 15.98 -32.19
CA GLU A 73 -15.07 15.77 -31.97
C GLU A 73 -15.38 15.62 -30.48
N ILE A 74 -14.57 14.82 -29.78
CA ILE A 74 -14.76 14.65 -28.34
C ILE A 74 -14.69 16.03 -27.64
N ILE A 75 -13.89 16.95 -28.19
CA ILE A 75 -13.86 18.33 -27.71
C ILE A 75 -15.17 19.06 -28.07
N GLU A 76 -15.64 18.88 -29.32
CA GLU A 76 -16.85 19.59 -29.81
C GLU A 76 -18.08 19.30 -28.95
N LYS A 77 -18.36 18.02 -28.74
CA LYS A 77 -19.49 17.58 -27.90
C LYS A 77 -19.37 18.25 -26.52
N LEU A 78 -18.18 18.18 -25.94
CA LEU A 78 -17.92 18.81 -24.65
C LEU A 78 -18.12 20.34 -24.74
N GLY A 79 -18.07 20.86 -25.96
CA GLY A 79 -18.22 22.28 -26.26
C GLY A 79 -17.21 23.15 -25.54
N VAL A 80 -15.93 22.80 -25.68
CA VAL A 80 -14.87 23.50 -24.96
C VAL A 80 -14.21 24.55 -25.87
N LYS A 81 -14.41 25.82 -25.57
CA LYS A 81 -14.05 26.88 -26.50
C LYS A 81 -12.63 26.88 -27.14
N ALA A 82 -11.65 26.19 -26.54
CA ALA A 82 -10.24 26.15 -27.09
C ALA A 82 -9.35 24.88 -26.91
N TYR A 83 -8.47 24.67 -27.90
CA TYR A 83 -7.47 23.60 -27.88
C TYR A 83 -6.01 24.13 -27.95
N ARG A 84 -5.18 23.65 -27.01
CA ARG A 84 -3.74 23.88 -27.05
C ARG A 84 -3.05 22.57 -27.41
N PHE A 85 -2.17 22.63 -28.40
CA PHE A 85 -1.54 21.45 -28.96
C PHE A 85 -0.23 21.88 -29.58
N SER A 86 0.70 20.92 -29.72
CA SER A 86 2.04 21.16 -30.30
C SER A 86 2.16 20.85 -31.80
N ILE A 87 3.09 21.52 -32.45
CA ILE A 87 3.67 20.99 -33.66
C ILE A 87 4.90 20.15 -33.24
N SER A 88 4.98 18.91 -33.75
CA SER A 88 6.21 18.12 -33.65
C SER A 88 7.29 18.63 -34.60
N TRP A 89 8.42 19.02 -34.06
CA TRP A 89 9.45 19.61 -34.92
C TRP A 89 9.93 18.64 -36.00
N PRO A 90 10.29 17.40 -35.63
CA PRO A 90 10.83 16.56 -36.70
C PRO A 90 9.79 16.13 -37.73
N ARG A 91 8.50 16.34 -37.45
CA ARG A 91 7.49 16.17 -38.49
C ARG A 91 7.50 17.33 -39.50
N ILE A 92 7.88 18.52 -39.05
CA ILE A 92 7.94 19.64 -39.96
C ILE A 92 9.30 19.77 -40.65
N LEU A 93 10.38 19.46 -39.95
CA LEU A 93 11.70 19.59 -40.55
C LEU A 93 12.57 18.45 -40.07
N PRO A 94 12.54 17.29 -40.76
CA PRO A 94 13.14 16.07 -40.21
C PRO A 94 14.64 16.21 -40.07
N GLU A 95 15.28 16.86 -41.03
CA GLU A 95 16.71 17.14 -40.93
C GLU A 95 16.87 18.33 -40.00
N GLY A 96 15.78 18.67 -39.28
CA GLY A 96 15.73 19.79 -38.32
C GLY A 96 15.73 21.13 -39.02
N THR A 97 16.33 21.15 -40.20
CA THR A 97 16.67 22.38 -40.87
C THR A 97 16.59 22.11 -42.36
N GLY A 98 16.20 23.14 -43.12
CA GLY A 98 16.27 23.07 -44.59
C GLY A 98 14.99 22.58 -45.24
N ARG A 99 15.02 21.35 -45.75
CA ARG A 99 13.90 20.76 -46.50
C ARG A 99 12.69 20.58 -45.59
N VAL A 100 11.62 21.35 -45.83
CA VAL A 100 10.37 21.22 -45.05
C VAL A 100 9.46 20.11 -45.60
N ASN A 101 9.02 19.22 -44.70
CA ASN A 101 8.09 18.14 -45.06
C ASN A 101 6.64 18.62 -45.24
N GLN A 102 6.06 18.28 -46.38
CA GLN A 102 4.68 18.65 -46.67
C GLN A 102 3.66 17.72 -46.00
N LYS A 103 4.04 16.46 -45.80
CA LYS A 103 3.21 15.49 -45.10
C LYS A 103 2.94 16.04 -43.71
N GLY A 104 3.98 16.68 -43.15
CA GLY A 104 3.90 17.30 -41.80
C GLY A 104 2.81 18.36 -41.75
N LEU A 105 3.04 19.47 -42.44
CA LEU A 105 2.03 20.52 -42.66
C LEU A 105 0.63 19.95 -42.94
N ASP A 106 0.55 19.06 -43.93
CA ASP A 106 -0.70 18.40 -44.32
C ASP A 106 -1.54 18.06 -43.09
N PHE A 107 -0.92 17.30 -42.17
CA PHE A 107 -1.54 16.87 -40.92
C PHE A 107 -2.03 18.02 -40.06
N TYR A 108 -1.18 19.03 -39.89
CA TYR A 108 -1.52 20.13 -38.99
C TYR A 108 -2.51 21.10 -39.57
N ASN A 109 -2.21 21.64 -40.76
CA ASN A 109 -3.13 22.55 -41.45
C ASN A 109 -4.57 21.98 -41.51
N ARG A 110 -4.66 20.64 -41.65
CA ARG A 110 -5.92 19.89 -41.47
C ARG A 110 -6.50 20.12 -40.07
N ILE A 111 -5.79 19.63 -39.04
CA ILE A 111 -6.21 19.78 -37.64
C ILE A 111 -6.76 21.20 -37.40
N ILE A 112 -5.95 22.21 -37.75
CA ILE A 112 -6.34 23.63 -37.63
C ILE A 112 -7.67 23.94 -38.34
N ASP A 113 -7.69 23.71 -39.66
CA ASP A 113 -8.87 23.95 -40.48
C ASP A 113 -10.11 23.37 -39.80
N THR A 114 -10.04 22.11 -39.38
CA THR A 114 -11.11 21.48 -38.59
C THR A 114 -11.44 22.33 -37.38
N LEU A 115 -10.44 22.58 -36.53
CA LEU A 115 -10.70 23.36 -35.31
C LEU A 115 -11.57 24.59 -35.62
N LEU A 116 -11.13 25.35 -36.62
CA LEU A 116 -11.77 26.61 -36.96
C LEU A 116 -13.15 26.38 -37.56
N GLU A 117 -13.30 25.30 -38.34
CA GLU A 117 -14.60 24.92 -38.91
C GLU A 117 -15.67 24.71 -37.82
N LYS A 118 -15.32 23.93 -36.79
CA LYS A 118 -16.25 23.60 -35.71
C LYS A 118 -16.27 24.67 -34.59
N GLY A 119 -15.39 25.65 -34.72
CA GLY A 119 -15.37 26.81 -33.80
C GLY A 119 -14.43 26.78 -32.60
N ILE A 120 -13.62 25.74 -32.47
CA ILE A 120 -12.66 25.67 -31.35
C ILE A 120 -11.42 26.56 -31.65
N THR A 121 -10.91 27.24 -30.61
CA THR A 121 -9.75 28.14 -30.78
C THR A 121 -8.42 27.43 -30.58
N PRO A 122 -7.48 27.57 -31.55
CA PRO A 122 -6.21 26.86 -31.46
C PRO A 122 -5.08 27.65 -30.80
N PHE A 123 -4.49 27.11 -29.73
CA PHE A 123 -3.22 27.59 -29.20
C PHE A 123 -2.08 26.63 -29.58
N VAL A 124 -1.18 27.03 -30.47
CA VAL A 124 -0.11 26.11 -30.87
C VAL A 124 1.17 26.31 -30.05
N THR A 125 1.73 25.21 -29.57
CA THR A 125 3.02 25.25 -28.92
C THR A 125 4.09 24.92 -29.95
N ILE A 126 4.84 25.94 -30.34
CA ILE A 126 5.94 25.78 -31.25
C ILE A 126 6.91 24.71 -30.75
N PHE A 127 7.10 24.55 -29.43
CA PHE A 127 8.09 23.56 -28.90
C PHE A 127 7.73 22.82 -27.62
N HIS A 128 7.42 21.53 -27.71
CA HIS A 128 7.09 20.77 -26.51
C HIS A 128 7.96 19.56 -26.29
N TRP A 129 9.26 19.79 -26.20
CA TRP A 129 10.26 18.81 -25.79
C TRP A 129 10.83 17.86 -26.81
N ASP A 130 10.28 17.81 -28.03
CA ASP A 130 10.86 16.92 -29.08
C ASP A 130 11.94 17.53 -29.96
N LEU A 131 13.16 17.78 -29.48
CA LEU A 131 14.16 18.28 -30.42
C LEU A 131 14.43 17.19 -31.45
N PRO A 132 14.40 17.54 -32.75
CA PRO A 132 14.90 16.67 -33.82
C PRO A 132 16.25 16.07 -33.46
N PHE A 133 16.36 14.75 -33.55
CA PHE A 133 17.62 14.09 -33.23
C PHE A 133 18.67 14.79 -34.07
N ALA A 134 18.32 15.09 -35.31
CA ALA A 134 19.18 15.90 -36.20
C ALA A 134 19.88 17.07 -35.51
N LEU A 135 19.11 17.98 -34.89
CA LEU A 135 19.72 19.09 -34.13
C LEU A 135 20.44 18.60 -32.85
N GLN A 136 20.02 17.48 -32.26
CA GLN A 136 20.72 16.97 -31.08
C GLN A 136 22.15 16.51 -31.41
N LEU A 137 22.32 15.91 -32.59
CA LEU A 137 23.64 15.45 -32.95
C LEU A 137 24.57 16.65 -32.97
N LYS A 138 24.05 17.81 -33.42
CA LYS A 138 24.81 19.06 -33.51
C LYS A 138 25.07 19.70 -32.14
N GLY A 139 24.71 19.04 -31.04
CA GLY A 139 24.80 19.64 -29.70
C GLY A 139 23.44 19.90 -29.08
N GLY A 140 22.41 19.96 -29.92
CA GLY A 140 21.07 20.32 -29.49
C GLY A 140 20.89 21.71 -28.90
N LEU A 141 20.08 21.75 -27.85
CA LEU A 141 19.70 22.95 -27.11
C LEU A 141 20.87 23.50 -26.37
N LEU A 142 22.00 22.79 -26.40
CA LEU A 142 23.24 23.33 -25.87
C LEU A 142 24.00 24.26 -26.86
N ASN A 143 23.91 24.00 -28.17
CA ASN A 143 24.59 24.89 -29.11
C ASN A 143 23.92 26.25 -29.18
N ARG A 144 24.75 27.30 -29.24
CA ARG A 144 24.30 28.68 -29.22
C ARG A 144 23.41 28.78 -30.43
N GLU A 145 23.68 27.93 -31.42
CA GLU A 145 23.03 27.90 -32.74
C GLU A 145 21.53 27.58 -32.71
N ILE A 146 21.05 27.11 -31.55
CA ILE A 146 19.62 26.85 -31.33
C ILE A 146 18.77 28.07 -31.65
N ALA A 147 19.28 29.25 -31.30
CA ALA A 147 18.63 30.52 -31.61
C ALA A 147 18.34 30.71 -33.11
N ASP A 148 19.28 30.29 -33.94
CA ASP A 148 19.07 30.33 -35.39
C ASP A 148 18.06 29.27 -35.78
N TRP A 149 18.37 28.02 -35.45
CA TRP A 149 17.47 26.89 -35.69
C TRP A 149 16.05 27.25 -35.32
N PHE A 150 15.84 27.60 -34.05
CA PHE A 150 14.51 27.82 -33.49
C PHE A 150 13.74 28.82 -34.28
N ALA A 151 14.37 29.97 -34.51
CA ALA A 151 13.83 31.05 -35.33
C ALA A 151 13.44 30.52 -36.69
N GLU A 152 14.34 29.74 -37.31
CA GLU A 152 14.15 29.19 -38.65
C GLU A 152 12.87 28.40 -38.73
N TYR A 153 12.68 27.57 -37.71
CA TYR A 153 11.52 26.73 -37.54
C TYR A 153 10.26 27.58 -37.35
N SER A 154 10.32 28.52 -36.41
CA SER A 154 9.17 29.34 -36.10
C SER A 154 8.62 29.95 -37.37
N ARG A 155 9.54 30.40 -38.22
CA ARG A 155 9.20 31.06 -39.47
C ARG A 155 8.33 30.15 -40.33
N VAL A 156 8.81 28.92 -40.58
CA VAL A 156 8.05 27.91 -41.34
C VAL A 156 6.61 27.80 -40.82
N LEU A 157 6.47 27.76 -39.49
CA LEU A 157 5.16 27.73 -38.83
C LEU A 157 4.35 29.01 -38.99
N PHE A 158 5.00 30.15 -38.91
CA PHE A 158 4.26 31.41 -38.97
C PHE A 158 3.77 31.61 -40.41
N GLU A 159 4.61 31.27 -41.37
CA GLU A 159 4.28 31.47 -42.79
C GLU A 159 3.28 30.46 -43.35
N ASN A 160 3.14 29.32 -42.65
CA ASN A 160 2.15 28.32 -43.01
C ASN A 160 0.89 28.37 -42.14
N PHE A 161 1.03 28.79 -40.90
CA PHE A 161 -0.10 28.77 -39.99
C PHE A 161 -0.55 30.14 -39.49
N GLY A 162 0.36 31.10 -39.51
CA GLY A 162 0.09 32.46 -39.05
C GLY A 162 -1.34 32.91 -39.32
N ASP A 163 -1.75 32.80 -40.58
CA ASP A 163 -3.10 33.24 -41.00
C ASP A 163 -4.27 32.64 -40.20
N ARG A 164 -4.16 31.38 -39.81
CA ARG A 164 -5.28 30.68 -39.18
C ARG A 164 -5.15 30.53 -37.65
N VAL A 165 -3.93 30.71 -37.12
CA VAL A 165 -3.66 30.52 -35.71
C VAL A 165 -3.23 31.82 -35.05
N LYS A 166 -4.12 32.40 -34.24
CA LYS A 166 -3.86 33.70 -33.57
C LYS A 166 -2.91 33.62 -32.34
N ASN A 167 -2.91 32.49 -31.63
CA ASN A 167 -2.35 32.40 -30.27
C ASN A 167 -1.22 31.41 -30.05
N TRP A 168 0.00 31.94 -29.92
CA TRP A 168 1.20 31.12 -29.96
C TRP A 168 1.94 31.04 -28.66
N ILE A 169 2.54 29.88 -28.42
CA ILE A 169 3.38 29.64 -27.26
C ILE A 169 4.72 29.09 -27.76
N THR A 170 5.84 29.73 -27.42
CA THR A 170 7.14 29.29 -27.93
C THR A 170 7.62 27.96 -27.32
N PHE A 171 8.40 28.03 -26.24
CA PHE A 171 8.81 26.84 -25.54
C PHE A 171 7.77 26.56 -24.49
N ASN A 172 7.57 25.28 -24.18
CA ASN A 172 6.84 24.86 -23.00
C ASN A 172 7.83 24.52 -21.89
N GLU A 173 7.57 24.99 -20.69
CA GLU A 173 8.30 24.60 -19.50
C GLU A 173 9.78 24.44 -19.72
N PRO A 174 10.48 25.54 -19.96
CA PRO A 174 11.92 25.39 -20.20
C PRO A 174 12.68 24.80 -19.00
N LEU A 175 12.30 25.16 -17.78
CA LEU A 175 12.99 24.62 -16.64
C LEU A 175 13.20 23.15 -16.87
N CYS A 176 12.12 22.44 -17.23
CA CYS A 176 12.16 21.00 -17.44
C CYS A 176 13.24 20.54 -18.44
N SER A 177 13.23 21.13 -19.64
CA SER A 177 14.30 21.06 -20.65
C SER A 177 15.67 21.17 -20.06
N ALA A 178 15.82 22.16 -19.20
CA ALA A 178 17.12 22.50 -18.66
C ALA A 178 17.62 21.56 -17.57
N ILE A 179 16.97 21.57 -16.40
CA ILE A 179 17.47 20.82 -15.28
C ILE A 179 17.23 19.31 -15.39
N PRO A 180 15.98 18.89 -15.64
CA PRO A 180 15.84 17.47 -15.84
C PRO A 180 16.68 16.95 -17.01
N GLY A 181 16.86 17.78 -18.03
CA GLY A 181 17.54 17.37 -19.26
C GLY A 181 19.06 17.53 -19.36
N TYR A 182 19.69 18.38 -18.53
CA TYR A 182 21.15 18.55 -18.51
C TYR A 182 21.68 18.70 -17.08
N GLY A 183 20.85 18.50 -16.08
CA GLY A 183 21.33 18.74 -14.73
C GLY A 183 21.26 17.49 -13.90
N SER A 184 20.11 16.78 -13.99
CA SER A 184 19.80 15.57 -13.22
C SER A 184 19.72 14.34 -14.12
N GLY A 185 19.47 14.59 -15.41
CA GLY A 185 19.53 13.56 -16.45
C GLY A 185 18.39 12.57 -16.54
N THR A 186 17.19 13.04 -16.22
CA THR A 186 15.98 12.26 -16.10
C THR A 186 15.00 12.58 -17.24
N PHE A 187 15.21 13.66 -17.95
CA PHE A 187 14.50 13.92 -19.20
C PHE A 187 15.54 13.93 -20.30
N ALA A 188 15.10 13.92 -21.55
CA ALA A 188 16.01 13.84 -22.66
C ALA A 188 16.79 15.16 -22.72
N PRO A 189 18.05 15.16 -23.25
CA PRO A 189 18.96 14.07 -23.66
C PRO A 189 19.55 13.25 -22.49
N GLY A 190 19.26 13.65 -21.25
CA GLY A 190 19.83 13.03 -20.07
C GLY A 190 21.25 13.31 -19.69
N ARG A 191 21.68 14.55 -19.77
CA ARG A 191 23.04 14.89 -19.36
C ARG A 191 23.05 15.30 -17.91
N GLN A 192 24.20 15.33 -17.28
CA GLN A 192 24.24 15.76 -15.89
C GLN A 192 25.40 16.71 -15.60
N SER A 193 25.41 17.85 -16.28
CA SER A 193 26.30 18.92 -15.91
C SER A 193 25.84 19.62 -14.64
N THR A 194 26.55 20.69 -14.35
CA THR A 194 26.40 21.52 -13.17
C THR A 194 26.66 22.97 -13.71
N SER A 195 26.82 23.00 -15.03
CA SER A 195 26.87 24.21 -15.82
C SER A 195 25.74 24.15 -16.83
N GLU A 196 25.73 23.13 -17.68
CA GLU A 196 24.79 23.07 -18.81
C GLU A 196 23.33 23.56 -18.62
N PRO A 197 22.70 23.28 -17.45
CA PRO A 197 21.35 23.81 -17.27
C PRO A 197 21.25 25.32 -17.53
N TRP A 198 22.19 26.07 -16.96
CA TRP A 198 22.20 27.51 -17.03
C TRP A 198 22.45 28.03 -18.40
N THR A 199 23.41 27.42 -19.07
CA THR A 199 23.69 27.71 -20.45
C THR A 199 22.51 27.43 -21.34
N VAL A 200 21.76 26.37 -21.03
CA VAL A 200 20.65 25.90 -21.86
C VAL A 200 19.47 26.82 -21.64
N GLY A 201 19.26 27.18 -20.38
CA GLY A 201 18.25 28.15 -20.03
C GLY A 201 18.42 29.42 -20.82
N HIS A 202 19.65 29.98 -20.74
CA HIS A 202 20.01 31.16 -21.49
C HIS A 202 19.73 31.00 -22.95
N ASN A 203 20.21 29.93 -23.57
CA ASN A 203 19.92 29.65 -24.98
C ASN A 203 18.44 29.71 -25.36
N ILE A 204 17.58 29.19 -24.47
CA ILE A 204 16.15 29.13 -24.74
C ILE A 204 15.56 30.53 -24.76
N LEU A 205 15.97 31.38 -23.84
CA LEU A 205 15.48 32.74 -23.81
C LEU A 205 15.90 33.53 -25.07
N VAL A 206 17.16 33.42 -25.51
CA VAL A 206 17.50 34.12 -26.76
C VAL A 206 16.79 33.46 -27.93
N ALA A 207 16.59 32.15 -27.83
CA ALA A 207 15.87 31.38 -28.83
C ALA A 207 14.44 31.85 -28.85
N HIS A 208 13.95 32.23 -27.68
CA HIS A 208 12.59 32.72 -27.47
C HIS A 208 12.50 34.07 -28.11
N GLY A 209 13.46 34.92 -27.74
CA GLY A 209 13.70 36.22 -28.40
C GLY A 209 13.67 36.17 -29.91
N ARG A 210 14.59 35.42 -30.53
CA ARG A 210 14.59 35.37 -31.98
C ARG A 210 13.29 34.82 -32.51
N ALA A 211 12.71 33.85 -31.79
CA ALA A 211 11.38 33.29 -32.08
C ALA A 211 10.34 34.40 -32.20
N VAL A 212 10.36 35.33 -31.25
CA VAL A 212 9.30 36.31 -31.16
C VAL A 212 9.51 37.49 -32.10
N LYS A 213 10.76 37.88 -32.33
CA LYS A 213 11.01 39.06 -33.18
C LYS A 213 10.37 38.76 -34.52
N VAL A 214 10.58 37.55 -35.02
CA VAL A 214 10.01 37.18 -36.32
C VAL A 214 8.47 37.04 -36.26
N PHE A 215 7.93 36.58 -35.13
CA PHE A 215 6.48 36.59 -34.95
C PHE A 215 5.95 38.00 -35.21
N ARG A 216 6.63 38.98 -34.63
CA ARG A 216 6.26 40.40 -34.72
C ARG A 216 6.48 40.99 -36.11
N GLU A 217 7.39 40.39 -36.87
CA GLU A 217 7.60 40.77 -38.28
C GLU A 217 6.57 40.11 -39.21
N THR A 218 6.17 38.88 -38.90
CA THR A 218 5.34 38.13 -39.83
C THR A 218 3.86 38.05 -39.48
N VAL A 219 3.49 38.08 -38.21
CA VAL A 219 2.07 37.82 -37.90
C VAL A 219 1.38 38.96 -37.13
N LYS A 220 1.72 40.20 -37.49
CA LYS A 220 1.30 41.42 -36.77
C LYS A 220 -0.18 41.53 -36.37
N ASP A 221 -0.71 40.46 -35.79
CA ASP A 221 -2.14 40.35 -35.45
C ASP A 221 -2.43 39.30 -34.38
N GLY A 222 -1.37 38.79 -33.74
CA GLY A 222 -1.52 37.66 -32.82
C GLY A 222 -0.76 37.75 -31.51
N LYS A 223 -1.15 36.90 -30.57
CA LYS A 223 -0.50 36.82 -29.25
C LYS A 223 0.63 35.78 -29.30
N ILE A 224 1.67 35.98 -28.49
CA ILE A 224 2.71 34.97 -28.27
C ILE A 224 3.44 35.15 -26.93
N GLY A 225 3.72 34.03 -26.24
CA GLY A 225 4.49 34.06 -24.98
C GLY A 225 5.18 32.76 -24.62
N ILE A 226 5.97 32.75 -23.55
CA ILE A 226 6.53 31.51 -23.00
C ILE A 226 5.59 30.92 -21.95
N VAL A 227 5.71 29.62 -21.74
CA VAL A 227 4.90 28.97 -20.74
C VAL A 227 5.83 28.45 -19.65
N LEU A 228 5.58 28.83 -18.40
CA LEU A 228 6.48 28.48 -17.32
C LEU A 228 5.73 27.79 -16.22
N ASN A 229 6.26 26.68 -15.72
CA ASN A 229 5.68 26.02 -14.57
C ASN A 229 6.24 26.60 -13.29
N GLY A 230 5.77 26.09 -12.17
CA GLY A 230 6.18 26.66 -10.90
C GLY A 230 5.15 26.45 -9.83
N ASP A 231 5.59 25.88 -8.73
CA ASP A 231 4.72 25.49 -7.66
C ASP A 231 4.93 26.48 -6.57
N PHE A 232 3.87 27.06 -6.00
CA PHE A 232 4.01 28.07 -4.95
C PHE A 232 4.59 27.51 -3.65
N THR A 233 5.10 28.35 -2.78
CA THR A 233 5.85 27.89 -1.62
C THR A 233 5.22 28.39 -0.33
N TYR A 234 5.56 27.81 0.82
CA TYR A 234 5.05 28.28 2.09
C TYR A 234 6.18 28.04 3.07
N PRO A 235 6.39 28.95 4.02
CA PRO A 235 7.52 28.73 4.88
C PRO A 235 7.30 27.49 5.71
N TRP A 236 8.37 26.79 6.06
CA TRP A 236 8.27 25.58 6.88
C TRP A 236 7.98 25.97 8.31
N ASP A 237 8.65 27.01 8.77
CA ASP A 237 8.32 27.68 10.00
C ASP A 237 8.12 29.14 9.70
N ALA A 238 6.85 29.55 9.69
CA ALA A 238 6.44 30.91 9.37
C ALA A 238 7.09 31.99 10.26
N ALA A 239 7.33 31.63 11.52
CA ALA A 239 7.94 32.51 12.47
C ALA A 239 9.40 32.82 12.12
N ASP A 240 10.03 32.00 11.28
CA ASP A 240 11.46 32.14 11.02
C ASP A 240 11.70 32.77 9.67
N PRO A 241 12.27 33.99 9.66
CA PRO A 241 12.44 34.80 8.47
C PRO A 241 13.33 34.12 7.44
N ALA A 242 14.22 33.25 7.90
CA ALA A 242 15.00 32.39 7.02
C ALA A 242 14.11 31.59 6.05
N ASP A 243 13.10 30.92 6.58
CA ASP A 243 12.18 30.19 5.75
C ASP A 243 11.38 31.06 4.81
N LYS A 244 10.87 32.20 5.31
CA LYS A 244 10.13 33.16 4.47
C LYS A 244 11.01 33.73 3.35
N GLU A 245 12.30 33.89 3.61
CA GLU A 245 13.19 34.21 2.53
C GLU A 245 13.38 33.06 1.55
N ALA A 246 13.58 31.86 2.11
CA ALA A 246 13.81 30.61 1.38
C ALA A 246 12.67 30.28 0.44
N ALA A 247 11.45 30.50 0.94
CA ALA A 247 10.26 30.26 0.17
C ALA A 247 10.23 31.21 -1.01
N GLU A 248 10.65 32.44 -0.80
CA GLU A 248 10.68 33.36 -1.92
C GLU A 248 11.83 33.15 -2.87
N ARG A 249 12.98 32.75 -2.34
CA ARG A 249 14.13 32.48 -3.15
C ARG A 249 13.90 31.33 -4.10
N ARG A 250 13.34 30.26 -3.54
CA ARG A 250 12.89 29.13 -4.30
C ARG A 250 12.04 29.50 -5.50
N LEU A 251 11.06 30.35 -5.28
CA LEU A 251 10.25 30.82 -6.39
C LEU A 251 11.05 31.50 -7.49
N GLU A 252 12.13 32.18 -7.09
CA GLU A 252 13.00 32.90 -8.00
C GLU A 252 13.75 31.91 -8.84
N PHE A 253 14.40 30.94 -8.19
CA PHE A 253 15.07 29.87 -8.91
C PHE A 253 14.13 29.03 -9.78
N PHE A 254 12.89 28.86 -9.35
CA PHE A 254 11.94 28.00 -10.05
C PHE A 254 11.46 28.66 -11.34
N THR A 255 11.08 29.93 -11.22
CA THR A 255 10.33 30.57 -12.28
C THR A 255 10.74 31.99 -12.64
N ALA A 256 11.23 32.76 -11.68
CA ALA A 256 11.79 34.11 -11.97
C ALA A 256 13.05 34.07 -12.86
N TRP A 257 13.74 32.95 -12.78
CA TRP A 257 14.77 32.55 -13.69
C TRP A 257 14.43 32.77 -15.15
N PHE A 258 13.19 32.58 -15.56
CA PHE A 258 12.87 32.91 -16.96
C PHE A 258 12.09 34.20 -17.17
N ALA A 259 11.33 34.60 -16.14
CA ALA A 259 10.42 35.74 -16.22
C ALA A 259 11.12 37.06 -15.93
N ASP A 260 12.07 37.09 -14.99
CA ASP A 260 12.79 38.32 -14.75
C ASP A 260 13.56 38.75 -15.99
N PRO A 261 14.26 37.84 -16.67
CA PRO A 261 14.79 38.40 -17.89
C PRO A 261 13.70 38.90 -18.77
N ILE A 262 12.62 38.15 -18.92
CA ILE A 262 11.57 38.48 -19.88
C ILE A 262 10.88 39.81 -19.56
N TYR A 263 10.58 40.05 -18.30
CA TYR A 263 9.77 41.21 -17.90
C TYR A 263 10.61 42.35 -17.38
N LEU A 264 11.83 42.06 -16.96
CA LEU A 264 12.62 42.94 -16.14
C LEU A 264 14.02 43.24 -16.69
N GLY A 265 14.46 42.47 -17.68
CA GLY A 265 15.77 42.67 -18.26
C GLY A 265 16.84 41.68 -17.84
N ASP A 266 16.93 41.35 -16.54
CA ASP A 266 17.96 40.38 -16.10
C ASP A 266 17.49 39.19 -15.26
N TYR A 267 18.44 38.37 -14.83
CA TYR A 267 18.19 37.26 -13.93
C TYR A 267 18.06 37.70 -12.50
N PRO A 268 17.39 36.90 -11.64
CA PRO A 268 17.35 37.24 -10.23
C PRO A 268 18.72 37.43 -9.53
N ALA A 269 18.84 38.53 -8.80
CA ALA A 269 19.98 38.79 -7.94
C ALA A 269 20.38 37.61 -7.04
N SER A 270 19.42 36.79 -6.62
CA SER A 270 19.67 35.64 -5.73
C SER A 270 20.37 34.50 -6.45
N MET A 271 20.06 34.41 -7.72
CA MET A 271 20.57 33.36 -8.57
C MET A 271 21.95 33.74 -8.98
N ARG A 272 22.14 35.01 -9.35
CA ARG A 272 23.46 35.58 -9.57
C ARG A 272 24.33 35.43 -8.32
N LYS A 273 23.85 35.87 -7.16
CA LYS A 273 24.61 35.72 -5.93
C LYS A 273 25.12 34.32 -5.80
N GLN A 274 24.34 33.31 -6.16
CA GLN A 274 24.70 31.91 -5.91
C GLN A 274 25.40 31.22 -7.08
N LEU A 275 24.92 31.48 -8.30
CA LEU A 275 25.41 30.78 -9.49
C LEU A 275 26.61 31.40 -10.12
N GLY A 276 26.97 32.60 -9.65
CA GLY A 276 28.16 33.28 -10.14
C GLY A 276 28.28 33.21 -11.65
N ASP A 277 29.46 32.83 -12.13
CA ASP A 277 29.71 32.90 -13.57
C ASP A 277 29.16 31.67 -14.29
N ARG A 278 28.51 30.77 -13.55
CA ARG A 278 27.85 29.65 -14.21
C ARG A 278 26.65 30.18 -14.97
N LEU A 279 26.21 31.39 -14.62
CA LEU A 279 25.00 31.98 -15.17
C LEU A 279 25.34 33.13 -16.15
N PRO A 280 25.19 32.87 -17.45
CA PRO A 280 25.58 33.79 -18.49
C PRO A 280 25.09 35.21 -18.25
N THR A 281 25.79 36.18 -18.84
CA THR A 281 25.44 37.60 -18.83
C THR A 281 24.75 37.92 -20.16
N PHE A 282 23.95 38.99 -20.20
CA PHE A 282 23.27 39.35 -21.44
C PHE A 282 24.03 40.40 -22.32
N THR A 283 24.54 39.95 -23.45
CA THR A 283 24.72 40.77 -24.61
C THR A 283 23.61 41.85 -24.65
N PRO A 284 23.96 43.12 -24.86
CA PRO A 284 22.87 44.06 -24.92
C PRO A 284 21.98 43.77 -26.13
N GLU A 285 22.57 43.13 -27.15
CA GLU A 285 21.87 42.77 -28.38
C GLU A 285 20.90 41.64 -28.10
N GLU A 286 21.24 40.82 -27.09
CA GLU A 286 20.43 39.72 -26.52
C GLU A 286 19.26 40.29 -25.71
N ARG A 287 19.59 41.18 -24.78
CA ARG A 287 18.61 41.82 -23.92
C ARG A 287 17.50 42.47 -24.72
N ALA A 288 17.81 42.86 -25.94
CA ALA A 288 16.88 43.60 -26.79
C ALA A 288 15.84 42.67 -27.37
N LEU A 289 16.18 41.39 -27.38
CA LEU A 289 15.33 40.35 -27.94
C LEU A 289 14.40 39.78 -26.88
N VAL A 290 14.97 39.63 -25.69
CA VAL A 290 14.37 38.96 -24.55
C VAL A 290 13.49 39.88 -23.71
N HIS A 291 13.86 41.14 -23.59
CA HIS A 291 13.12 42.07 -22.73
C HIS A 291 11.79 42.45 -23.31
N GLY A 292 10.76 42.36 -22.47
CA GLY A 292 9.37 42.43 -22.93
C GLY A 292 9.10 41.65 -24.18
N SER A 293 9.23 40.34 -24.12
CA SER A 293 9.14 39.53 -25.32
C SER A 293 8.03 38.50 -25.25
N ASN A 294 7.29 38.45 -24.14
CA ASN A 294 6.02 37.75 -24.17
C ASN A 294 4.77 38.66 -23.99
N ASP A 295 3.79 38.44 -24.87
CA ASP A 295 2.57 39.22 -24.98
C ASP A 295 1.59 38.95 -23.84
N PHE A 296 1.81 37.82 -23.18
CA PHE A 296 0.98 37.37 -22.08
C PHE A 296 1.91 36.47 -21.30
N TYR A 297 1.56 36.25 -20.04
CA TYR A 297 2.29 35.34 -19.19
C TYR A 297 1.60 33.98 -19.25
N GLY A 298 2.20 33.00 -19.92
CA GLY A 298 1.68 31.63 -19.90
C GLY A 298 2.04 30.83 -18.66
N MET A 299 1.03 30.37 -17.93
CA MET A 299 1.24 29.69 -16.66
C MET A 299 0.87 28.21 -16.70
N ASN A 300 1.78 27.36 -16.24
CA ASN A 300 1.46 25.99 -15.88
C ASN A 300 1.51 25.92 -14.39
N HIS A 301 0.48 25.36 -13.75
CA HIS A 301 0.52 25.28 -12.29
C HIS A 301 -0.07 24.00 -11.78
N TYR A 302 0.55 23.40 -10.78
CA TYR A 302 0.08 22.10 -10.29
C TYR A 302 -0.11 22.00 -8.80
N THR A 303 0.78 22.54 -7.99
CA THR A 303 0.87 22.11 -6.60
C THR A 303 1.62 23.15 -5.76
N SER A 304 1.95 22.82 -4.50
CA SER A 304 2.76 23.70 -3.66
C SER A 304 3.49 22.94 -2.56
N ASN A 305 4.50 23.55 -1.96
CA ASN A 305 5.31 22.90 -0.92
C ASN A 305 5.65 23.83 0.23
N TYR A 306 5.99 23.27 1.37
CA TYR A 306 6.63 24.01 2.43
C TYR A 306 8.12 24.00 2.16
N ILE A 307 8.78 25.12 2.39
CA ILE A 307 10.21 25.27 2.08
C ILE A 307 10.95 25.58 3.37
N ARG A 308 11.97 24.82 3.73
CA ARG A 308 12.76 25.15 4.91
C ARG A 308 14.16 25.60 4.48
N HIS A 309 14.75 26.55 5.21
CA HIS A 309 16.08 27.07 4.86
C HIS A 309 17.17 26.07 5.17
N ARG A 310 18.40 26.41 4.81
CA ARG A 310 19.49 25.48 5.02
C ARG A 310 20.72 26.12 5.65
N SER A 311 21.33 25.44 6.61
CA SER A 311 22.53 25.94 7.33
C SER A 311 23.76 26.06 6.45
N SER A 312 24.05 24.99 5.72
CA SER A 312 25.23 24.82 4.83
C SER A 312 25.14 25.69 3.60
N PRO A 313 26.28 25.98 2.95
CA PRO A 313 26.19 26.77 1.73
C PRO A 313 25.70 25.86 0.61
N ALA A 314 25.57 26.34 -0.62
CA ALA A 314 24.96 25.56 -1.68
C ALA A 314 26.01 24.72 -2.40
N SER A 315 25.62 23.57 -2.92
CA SER A 315 26.55 22.69 -3.61
C SER A 315 26.57 23.13 -5.05
N ALA A 316 27.59 22.74 -5.80
CA ALA A 316 27.69 23.15 -7.19
C ALA A 316 26.56 22.50 -7.93
N ASP A 317 26.15 21.35 -7.38
CA ASP A 317 25.12 20.49 -7.93
C ASP A 317 23.71 21.09 -7.86
N ASP A 318 23.49 21.94 -6.87
CA ASP A 318 22.23 22.64 -6.59
C ASP A 318 21.58 23.38 -7.77
N THR A 319 20.26 23.28 -7.94
CA THR A 319 19.52 24.11 -8.91
C THR A 319 18.20 24.70 -8.34
N VAL A 320 18.09 24.72 -7.03
CA VAL A 320 16.83 24.98 -6.39
C VAL A 320 16.94 26.28 -5.60
N GLY A 321 18.14 26.58 -5.11
CA GLY A 321 18.37 27.76 -4.29
C GLY A 321 18.64 27.40 -2.85
N ASN A 322 19.35 26.31 -2.66
CA ASN A 322 19.71 25.83 -1.32
C ASN A 322 18.59 25.88 -0.29
N VAL A 323 17.49 25.18 -0.56
CA VAL A 323 16.34 25.04 0.36
C VAL A 323 15.92 23.59 0.41
N ASP A 324 15.24 23.14 1.47
CA ASP A 324 14.57 21.81 1.52
C ASP A 324 13.17 21.87 0.98
N VAL A 325 12.82 21.05 0.01
CA VAL A 325 11.45 21.07 -0.50
C VAL A 325 10.58 20.04 0.20
N LEU A 326 9.59 20.47 1.00
CA LEU A 326 8.87 19.49 1.89
C LEU A 326 7.34 19.27 1.67
N PHE A 327 6.72 18.46 2.51
CA PHE A 327 5.28 18.24 2.44
C PHE A 327 4.58 18.55 3.75
N THR A 328 5.39 18.74 4.76
CA THR A 328 4.92 19.05 6.08
C THR A 328 5.75 20.21 6.65
N ASN A 329 5.06 21.10 7.35
CA ASN A 329 5.67 22.21 8.02
C ASN A 329 5.93 21.83 9.46
N LYS A 330 6.51 22.77 10.21
CA LYS A 330 6.81 22.62 11.62
C LYS A 330 5.64 22.10 12.47
N GLN A 331 4.42 22.53 12.19
CA GLN A 331 3.28 22.20 13.05
C GLN A 331 2.87 20.75 12.85
N GLY A 332 3.36 20.13 11.77
CA GLY A 332 2.99 18.79 11.44
C GLY A 332 1.85 18.81 10.44
N ASN A 333 1.46 20.00 10.00
CA ASN A 333 0.47 20.08 8.94
C ASN A 333 1.10 19.62 7.66
N CYS A 334 0.25 19.31 6.70
CA CYS A 334 0.66 18.61 5.52
C CYS A 334 0.13 19.35 4.32
N ILE A 335 0.89 19.43 3.25
CA ILE A 335 0.47 20.29 2.15
C ILE A 335 -0.92 19.96 1.54
N GLY A 336 -1.34 18.73 1.63
CA GLY A 336 -2.58 18.37 1.00
C GLY A 336 -2.45 16.90 0.81
N PRO A 337 -3.48 16.28 0.25
CA PRO A 337 -3.44 14.82 0.22
C PRO A 337 -2.72 14.25 -1.02
N GLU A 338 -2.63 12.92 -1.09
CA GLU A 338 -2.01 12.18 -2.20
C GLU A 338 -2.69 12.37 -3.55
N THR A 339 -1.94 12.21 -4.64
CA THR A 339 -2.53 12.00 -5.94
C THR A 339 -1.79 10.82 -6.53
N ALA A 340 -2.05 10.45 -7.78
CA ALA A 340 -1.22 9.42 -8.40
C ALA A 340 0.28 9.84 -8.43
N MET A 341 0.56 11.02 -8.99
CA MET A 341 1.83 11.68 -8.88
C MET A 341 2.30 11.95 -7.45
N PRO A 342 3.40 11.31 -7.04
CA PRO A 342 3.87 11.31 -5.66
C PRO A 342 4.27 12.68 -5.17
N TRP A 343 4.69 13.54 -6.11
CA TRP A 343 5.14 14.89 -5.80
C TRP A 343 4.02 15.89 -5.80
N LEU A 344 3.06 15.74 -6.72
CA LEU A 344 1.93 16.65 -6.90
C LEU A 344 0.83 16.45 -5.88
N ARG A 345 0.75 17.30 -4.85
CA ARG A 345 -0.34 17.28 -3.82
C ARG A 345 -1.26 18.46 -4.05
N PRO A 346 -2.61 18.29 -3.96
CA PRO A 346 -3.35 19.52 -4.27
C PRO A 346 -3.35 20.52 -3.12
N CYS A 347 -3.33 21.80 -3.49
CA CYS A 347 -3.78 22.91 -2.61
C CYS A 347 -3.98 24.24 -3.37
N ALA A 348 -5.24 24.63 -3.54
CA ALA A 348 -5.59 25.73 -4.42
C ALA A 348 -5.22 27.11 -3.87
N ALA A 349 -5.06 27.24 -2.56
CA ALA A 349 -4.47 28.44 -2.01
C ALA A 349 -3.21 28.85 -2.78
N GLY A 350 -2.35 27.88 -3.02
CA GLY A 350 -1.13 28.02 -3.79
C GLY A 350 -1.33 28.48 -5.21
N PHE A 351 -2.45 28.15 -5.83
CA PHE A 351 -2.75 28.60 -7.17
C PHE A 351 -3.11 30.08 -7.18
N ARG A 352 -4.00 30.50 -6.28
CA ARG A 352 -4.31 31.89 -6.10
C ARG A 352 -3.02 32.58 -5.80
N ASP A 353 -2.38 32.22 -4.68
CA ASP A 353 -1.14 32.85 -4.27
C ASP A 353 -0.17 33.01 -5.43
N PHE A 354 0.07 31.95 -6.19
CA PHE A 354 0.96 32.04 -7.32
C PHE A 354 0.54 33.09 -8.34
N LEU A 355 -0.74 33.14 -8.71
CA LEU A 355 -1.25 34.14 -9.66
C LEU A 355 -1.05 35.55 -9.16
N VAL A 356 -1.14 35.76 -7.86
CA VAL A 356 -0.91 37.06 -7.32
C VAL A 356 0.60 37.35 -7.39
N TRP A 357 1.41 36.46 -6.86
CA TRP A 357 2.87 36.59 -6.96
C TRP A 357 3.33 37.13 -8.28
N ILE A 358 2.92 36.47 -9.37
CA ILE A 358 3.25 36.89 -10.73
C ILE A 358 2.84 38.32 -11.02
N SER A 359 1.60 38.62 -10.70
CA SER A 359 0.99 39.90 -11.00
C SER A 359 1.76 41.06 -10.40
N LYS A 360 1.89 41.03 -9.08
CA LYS A 360 2.68 41.98 -8.32
C LYS A 360 4.07 42.13 -8.93
N ARG A 361 4.73 41.01 -9.23
CA ARG A 361 6.06 41.00 -9.82
C ARG A 361 6.23 41.48 -11.28
N TYR A 362 5.22 41.30 -12.14
CA TYR A 362 5.38 41.65 -13.56
C TYR A 362 4.35 42.65 -14.09
N GLY A 363 3.76 43.42 -13.18
CA GLY A 363 2.95 44.55 -13.53
C GLY A 363 1.66 44.04 -14.11
N TYR A 364 1.06 43.08 -13.43
CA TYR A 364 -0.25 42.61 -13.80
C TYR A 364 -0.38 42.27 -15.27
N PRO A 365 0.38 41.28 -15.74
CA PRO A 365 0.25 40.93 -17.14
C PRO A 365 -1.03 40.13 -17.36
N PRO A 366 -1.51 40.09 -18.62
CA PRO A 366 -2.59 39.16 -18.93
C PRO A 366 -2.05 37.74 -18.85
N ILE A 367 -2.79 36.83 -18.24
CA ILE A 367 -2.27 35.50 -17.92
C ILE A 367 -3.15 34.39 -18.49
N TYR A 368 -2.54 33.43 -19.18
CA TYR A 368 -3.24 32.23 -19.59
C TYR A 368 -2.73 31.05 -18.79
N VAL A 369 -3.59 30.45 -17.97
CA VAL A 369 -3.23 29.24 -17.23
C VAL A 369 -3.23 28.09 -18.23
N THR A 370 -2.09 27.89 -18.88
CA THR A 370 -1.98 26.95 -20.02
C THR A 370 -1.87 25.47 -19.64
N GLU A 371 -2.01 25.17 -18.35
CA GLU A 371 -2.05 23.82 -17.82
C GLU A 371 -2.46 23.85 -16.35
N ASN A 372 -3.54 23.15 -16.04
CA ASN A 372 -3.89 22.79 -14.68
C ASN A 372 -4.52 21.41 -14.71
N GLY A 373 -4.15 20.59 -13.74
CA GLY A 373 -4.63 19.25 -13.72
C GLY A 373 -4.05 18.32 -12.70
N ALA A 374 -4.68 17.16 -12.61
CA ALA A 374 -4.31 16.16 -11.63
C ALA A 374 -4.41 14.79 -12.21
N ALA A 375 -3.71 13.87 -11.55
CA ALA A 375 -3.63 12.50 -11.96
C ALA A 375 -3.95 11.55 -10.82
N PHE A 376 -4.94 10.70 -11.06
CA PHE A 376 -5.30 9.69 -10.10
C PHE A 376 -5.35 8.39 -10.88
N ASP A 377 -5.48 7.26 -10.17
CA ASP A 377 -5.61 5.94 -10.80
C ASP A 377 -7.04 5.65 -11.21
N ASP A 378 -7.50 6.23 -12.32
CA ASP A 378 -8.87 5.99 -12.83
C ASP A 378 -9.08 4.54 -13.24
N VAL A 379 -10.25 3.99 -12.92
CA VAL A 379 -10.72 2.66 -13.41
C VAL A 379 -12.11 2.86 -14.01
N VAL A 380 -12.35 2.31 -15.19
CA VAL A 380 -13.71 2.26 -15.76
C VAL A 380 -14.65 1.40 -14.90
N SER A 381 -15.74 2.03 -14.44
CA SER A 381 -16.76 1.37 -13.62
C SER A 381 -17.55 0.40 -14.50
N GLU A 382 -18.29 -0.50 -13.86
CA GLU A 382 -19.12 -1.48 -14.56
C GLU A 382 -20.14 -0.81 -15.49
N ASP A 383 -20.70 0.33 -15.05
CA ASP A 383 -21.55 1.17 -15.91
C ASP A 383 -20.85 1.81 -17.15
N GLY A 384 -19.57 1.55 -17.36
CA GLY A 384 -18.81 2.18 -18.45
C GLY A 384 -18.38 3.63 -18.23
N ARG A 385 -18.98 4.29 -17.23
CA ARG A 385 -18.65 5.67 -16.92
C ARG A 385 -17.32 5.65 -16.15
N VAL A 386 -16.58 6.78 -16.12
CA VAL A 386 -15.34 6.84 -15.33
C VAL A 386 -15.52 7.82 -14.17
N HIS A 387 -15.85 7.28 -13.00
CA HIS A 387 -16.16 8.11 -11.83
C HIS A 387 -14.95 8.69 -11.08
N ASP A 388 -14.32 9.73 -11.63
CA ASP A 388 -13.16 10.39 -10.98
C ASP A 388 -13.55 11.58 -10.12
N GLN A 389 -13.98 11.32 -8.89
CA GLN A 389 -14.56 12.37 -8.05
C GLN A 389 -13.48 13.31 -7.66
N ASN A 390 -12.39 12.72 -7.18
CA ASN A 390 -11.17 13.41 -6.78
C ASN A 390 -10.62 14.38 -7.84
N ARG A 391 -10.69 14.01 -9.11
CA ARG A 391 -10.27 14.96 -10.12
C ARG A 391 -11.25 16.12 -10.31
N ILE A 392 -12.54 15.90 -10.08
CA ILE A 392 -13.52 17.00 -10.08
C ILE A 392 -13.15 17.88 -8.91
N ASP A 393 -13.07 17.29 -7.73
CA ASP A 393 -12.65 17.97 -6.52
C ASP A 393 -11.46 18.87 -6.69
N TYR A 394 -10.39 18.34 -7.25
CA TYR A 394 -9.22 19.10 -7.64
C TYR A 394 -9.61 20.37 -8.42
N LEU A 395 -10.22 20.17 -9.59
CA LEU A 395 -10.49 21.26 -10.52
C LEU A 395 -11.44 22.27 -9.95
N LYS A 396 -12.41 21.82 -9.15
CA LYS A 396 -13.22 22.71 -8.33
C LYS A 396 -12.28 23.65 -7.57
N ALA A 397 -11.56 23.14 -6.58
CA ALA A 397 -10.67 23.97 -5.77
C ALA A 397 -9.83 25.01 -6.57
N TYR A 398 -9.27 24.61 -7.70
CA TYR A 398 -8.38 25.46 -8.45
C TYR A 398 -9.10 26.49 -9.32
N ILE A 399 -10.17 26.09 -10.02
CA ILE A 399 -10.99 27.07 -10.74
C ILE A 399 -11.61 27.99 -9.70
N GLY A 400 -11.74 27.44 -8.49
CA GLY A 400 -12.11 28.17 -7.30
C GLY A 400 -11.12 29.26 -7.00
N ALA A 401 -9.93 28.87 -6.60
CA ALA A 401 -8.88 29.84 -6.32
C ALA A 401 -8.68 30.85 -7.45
N MET A 402 -8.76 30.43 -8.69
CA MET A 402 -8.54 31.35 -9.78
C MET A 402 -9.55 32.52 -9.80
N VAL A 403 -10.81 32.23 -9.50
CA VAL A 403 -11.84 33.28 -9.39
C VAL A 403 -11.40 34.29 -8.34
N THR A 404 -11.23 33.82 -7.11
CA THR A 404 -10.73 34.66 -6.00
C THR A 404 -9.59 35.55 -6.43
N ALA A 405 -8.63 35.00 -7.17
CA ALA A 405 -7.51 35.80 -7.63
C ALA A 405 -8.02 36.91 -8.53
N VAL A 406 -8.88 36.56 -9.46
CA VAL A 406 -9.41 37.51 -10.43
C VAL A 406 -10.25 38.55 -9.73
N GLU A 407 -11.23 38.09 -8.95
CA GLU A 407 -12.18 38.97 -8.31
C GLU A 407 -11.56 39.98 -7.37
N LEU A 408 -10.88 39.50 -6.32
CA LEU A 408 -10.31 40.31 -5.24
C LEU A 408 -8.95 41.00 -5.50
N ASP A 409 -7.94 40.19 -5.81
CA ASP A 409 -6.57 40.66 -6.04
C ASP A 409 -6.41 41.19 -7.45
N GLY A 410 -7.39 40.95 -8.29
CA GLY A 410 -7.43 41.64 -9.54
C GLY A 410 -6.35 41.22 -10.49
N VAL A 411 -5.92 39.97 -10.39
CA VAL A 411 -5.08 39.37 -11.42
C VAL A 411 -5.90 39.16 -12.69
N ASN A 412 -5.30 39.59 -13.79
CA ASN A 412 -5.92 39.53 -15.08
C ASN A 412 -5.68 38.17 -15.78
N VAL A 413 -6.32 37.11 -15.25
CA VAL A 413 -6.38 35.82 -15.95
C VAL A 413 -7.17 36.03 -17.24
N LYS A 414 -6.95 35.21 -18.25
CA LYS A 414 -7.60 35.44 -19.53
C LYS A 414 -8.15 34.17 -20.23
N GLY A 415 -7.67 33.01 -19.79
CA GLY A 415 -8.09 31.71 -20.30
C GLY A 415 -7.60 30.64 -19.35
N TYR A 416 -8.10 29.41 -19.49
CA TYR A 416 -7.66 28.30 -18.63
C TYR A 416 -7.84 26.96 -19.29
N PHE A 417 -6.72 26.25 -19.49
CA PHE A 417 -6.70 24.94 -20.13
C PHE A 417 -6.45 23.83 -19.12
N VAL A 418 -7.10 22.69 -19.35
CA VAL A 418 -6.91 21.54 -18.49
C VAL A 418 -5.81 20.68 -19.10
N TRP A 419 -4.91 20.21 -18.25
CA TRP A 419 -4.05 19.12 -18.63
C TRP A 419 -4.71 17.91 -18.04
N SER A 420 -5.23 16.99 -18.85
CA SER A 420 -5.21 16.99 -20.31
C SER A 420 -6.54 16.45 -20.86
N LEU A 421 -6.86 16.81 -22.11
CA LEU A 421 -7.97 16.19 -22.84
C LEU A 421 -7.93 14.66 -22.69
N LEU A 422 -6.85 14.06 -23.22
CA LEU A 422 -6.68 12.60 -23.22
C LEU A 422 -5.66 12.19 -22.19
N ASP A 423 -5.77 10.95 -21.72
CA ASP A 423 -4.64 10.32 -21.06
C ASP A 423 -3.47 10.25 -22.05
N ASN A 424 -2.25 10.46 -21.57
CA ASN A 424 -1.13 10.49 -22.48
C ASN A 424 0.06 9.75 -21.97
N PHE A 425 1.14 9.83 -22.75
CA PHE A 425 2.47 9.43 -22.36
C PHE A 425 3.01 10.52 -21.42
N GLU A 426 3.03 10.23 -20.14
CA GLU A 426 3.54 11.17 -19.17
C GLU A 426 5.02 10.95 -18.91
N TRP A 427 5.85 11.09 -19.95
CA TRP A 427 7.34 11.12 -19.83
C TRP A 427 7.97 9.97 -19.07
N ALA A 428 8.98 10.22 -18.22
CA ALA A 428 9.77 9.15 -17.58
C ALA A 428 8.92 8.15 -16.82
N GLU A 429 7.64 8.50 -16.79
CA GLU A 429 6.62 7.92 -15.93
C GLU A 429 5.76 7.05 -16.81
N GLY A 430 5.94 7.18 -18.12
CA GLY A 430 5.20 6.40 -19.09
C GLY A 430 3.70 6.59 -19.06
N TYR A 431 2.98 5.49 -19.19
CA TYR A 431 1.54 5.56 -19.28
C TYR A 431 0.96 5.40 -17.91
N SER A 432 1.82 5.08 -16.96
CA SER A 432 1.45 4.83 -15.60
C SER A 432 0.66 5.92 -14.85
N LYS A 433 0.37 7.05 -15.51
CA LYS A 433 -0.24 8.20 -14.85
C LYS A 433 -1.28 8.90 -15.71
N ARG A 434 -2.50 9.03 -15.23
CA ARG A 434 -3.54 9.61 -16.05
C ARG A 434 -3.94 11.07 -15.73
N PHE A 435 -3.77 11.97 -16.68
CA PHE A 435 -4.19 13.34 -16.50
C PHE A 435 -5.39 13.67 -17.37
N GLY A 436 -6.09 12.68 -17.91
CA GLY A 436 -7.14 12.99 -18.88
C GLY A 436 -8.42 13.48 -18.23
N ILE A 437 -9.15 14.34 -18.95
CA ILE A 437 -10.57 14.60 -18.65
C ILE A 437 -11.39 13.51 -19.39
N VAL A 438 -10.68 12.60 -20.07
CA VAL A 438 -11.23 11.55 -20.95
C VAL A 438 -10.32 10.32 -20.81
N TYR A 439 -10.90 9.19 -20.43
CA TYR A 439 -10.14 7.94 -20.26
C TYR A 439 -9.82 7.29 -21.58
N VAL A 440 -8.62 6.72 -21.68
CA VAL A 440 -8.23 5.94 -22.85
C VAL A 440 -7.57 4.62 -22.49
N ASP A 441 -8.33 3.53 -22.65
CA ASP A 441 -7.82 2.15 -22.62
C ASP A 441 -6.87 2.01 -23.79
N TYR A 442 -5.61 1.70 -23.53
CA TYR A 442 -4.64 1.68 -24.63
C TYR A 442 -4.71 0.44 -25.54
N SER A 443 -5.60 -0.52 -25.23
CA SER A 443 -5.80 -1.75 -26.03
C SER A 443 -6.65 -1.50 -27.25
N THR A 444 -7.96 -1.47 -27.08
CA THR A 444 -8.78 -0.70 -27.99
C THR A 444 -8.35 0.70 -27.64
N GLN A 445 -8.16 1.55 -28.64
CA GLN A 445 -7.96 2.96 -28.30
C GLN A 445 -9.30 3.66 -28.03
N LYS A 446 -10.15 3.03 -27.22
CA LYS A 446 -11.46 3.64 -26.88
C LYS A 446 -11.27 4.84 -25.96
N ARG A 447 -12.21 5.77 -26.06
CA ARG A 447 -12.19 6.97 -25.26
C ARG A 447 -13.49 7.02 -24.48
N ILE A 448 -13.39 6.98 -23.15
CA ILE A 448 -14.56 7.23 -22.30
C ILE A 448 -14.39 8.62 -21.70
N VAL A 449 -15.34 9.53 -21.90
CA VAL A 449 -15.28 10.86 -21.22
C VAL A 449 -15.39 10.66 -19.70
N LYS A 450 -14.30 10.93 -19.01
CA LYS A 450 -14.26 10.74 -17.58
C LYS A 450 -15.32 11.67 -17.00
N ASP A 451 -15.77 11.36 -15.79
CA ASP A 451 -16.86 12.10 -15.20
C ASP A 451 -16.50 13.57 -15.25
N SER A 452 -15.30 13.89 -14.79
CA SER A 452 -14.78 15.24 -14.74
C SER A 452 -14.71 15.91 -16.12
N GLY A 453 -14.81 15.13 -17.18
CA GLY A 453 -14.97 15.68 -18.51
C GLY A 453 -16.32 16.35 -18.69
N TYR A 454 -17.39 15.69 -18.22
CA TYR A 454 -18.75 16.25 -18.27
C TYR A 454 -18.84 17.37 -17.27
N TRP A 455 -18.03 17.25 -16.23
CA TRP A 455 -18.01 18.25 -15.16
C TRP A 455 -17.47 19.57 -15.63
N TYR A 456 -16.41 19.50 -16.43
CA TYR A 456 -15.76 20.65 -16.97
C TYR A 456 -16.64 21.23 -18.06
N SER A 457 -17.38 20.34 -18.71
CA SER A 457 -18.39 20.76 -19.68
C SER A 457 -19.35 21.75 -19.04
N ASN A 458 -19.93 21.37 -17.90
CA ASN A 458 -20.83 22.27 -17.22
C ASN A 458 -20.12 23.59 -17.00
N VAL A 459 -18.92 23.55 -16.38
CA VAL A 459 -18.18 24.77 -16.04
C VAL A 459 -18.11 25.66 -17.28
N VAL A 460 -17.57 25.12 -18.37
CA VAL A 460 -17.37 25.87 -19.59
C VAL A 460 -18.65 26.57 -20.00
N LYS A 461 -19.74 25.80 -20.03
CA LYS A 461 -21.02 26.21 -20.57
C LYS A 461 -21.62 27.27 -19.71
N ASN A 462 -21.75 26.96 -18.43
CA ASN A 462 -22.16 27.93 -17.45
C ASN A 462 -21.15 29.11 -17.26
N ASN A 463 -19.92 28.96 -17.75
CA ASN A 463 -18.84 29.97 -17.63
C ASN A 463 -18.49 30.31 -16.19
N GLY A 464 -18.45 29.29 -15.35
CA GLY A 464 -18.12 29.48 -13.97
C GLY A 464 -18.55 28.26 -13.22
N LEU A 465 -18.18 28.22 -11.95
CA LEU A 465 -18.47 27.10 -11.07
C LEU A 465 -19.90 27.19 -10.47
N GLU A 466 -20.72 26.13 -10.65
CA GLU A 466 -22.08 26.03 -10.08
C GLU A 466 -21.98 25.43 -8.69
N LYS B 11 3.24 -8.94 26.81
CA LYS B 11 3.82 -10.33 26.73
C LYS B 11 5.34 -10.26 26.59
N LYS B 12 5.98 -11.44 26.56
CA LYS B 12 7.44 -11.51 26.35
C LYS B 12 7.87 -12.33 25.13
N PHE B 13 9.13 -12.17 24.73
CA PHE B 13 9.70 -12.99 23.66
C PHE B 13 10.39 -14.23 24.23
N PRO B 14 10.92 -15.12 23.34
CA PRO B 14 11.80 -16.22 23.76
C PRO B 14 12.98 -15.78 24.67
N GLU B 15 13.53 -16.72 25.44
CA GLU B 15 14.73 -16.47 26.26
C GLU B 15 15.89 -15.97 25.39
N GLY B 16 16.84 -15.26 26.00
CA GLY B 16 18.04 -14.83 25.28
C GLY B 16 17.85 -14.30 23.86
N PHE B 17 16.65 -13.79 23.57
CA PHE B 17 16.32 -13.19 22.27
C PHE B 17 17.14 -11.90 21.99
N LEU B 18 17.96 -11.89 20.93
CA LEU B 18 18.83 -10.74 20.67
C LEU B 18 18.02 -9.49 20.25
N TRP B 19 17.92 -8.49 21.15
CA TRP B 19 17.45 -7.16 20.74
C TRP B 19 18.65 -6.29 20.54
N GLY B 20 18.74 -5.65 19.36
CA GLY B 20 19.83 -4.72 19.07
C GLY B 20 19.49 -3.55 18.15
N VAL B 21 20.54 -2.82 17.78
CA VAL B 21 20.47 -1.74 16.82
C VAL B 21 21.55 -1.96 15.76
N ALA B 22 21.34 -1.33 14.61
CA ALA B 22 22.18 -1.54 13.42
C ALA B 22 22.58 -0.25 12.82
N THR B 23 23.83 -0.20 12.38
CA THR B 23 24.34 0.96 11.66
C THR B 23 25.20 0.43 10.49
N ALA B 24 25.77 1.32 9.68
CA ALA B 24 26.62 0.84 8.63
C ALA B 24 27.73 1.84 8.29
N SER B 25 28.86 1.29 7.83
CA SER B 25 30.14 1.98 7.70
C SER B 25 30.06 3.40 7.06
N TYR B 26 29.87 3.47 5.74
CA TYR B 26 29.79 4.77 5.05
C TYR B 26 28.77 5.72 5.67
N GLN B 27 27.68 5.13 6.14
CA GLN B 27 26.54 5.89 6.57
C GLN B 27 26.80 6.56 7.91
N ILE B 28 27.78 6.06 8.65
CA ILE B 28 28.09 6.73 9.94
C ILE B 28 29.52 7.22 10.17
N GLU B 29 30.52 6.49 9.67
CA GLU B 29 31.92 6.68 10.11
C GLU B 29 32.49 8.04 9.78
N GLY B 30 32.40 8.43 8.52
CA GLY B 30 33.03 9.69 8.11
C GLY B 30 34.54 9.47 8.15
N SER B 31 35.28 10.40 7.58
CA SER B 31 36.74 10.27 7.47
C SER B 31 37.07 8.93 6.84
N PRO B 32 36.54 8.72 5.63
CA PRO B 32 36.78 7.48 4.90
C PRO B 32 38.22 7.42 4.27
N LEU B 33 38.81 8.59 3.98
CA LEU B 33 40.15 8.65 3.38
C LEU B 33 41.28 8.49 4.44
N ALA B 34 40.91 8.46 5.71
CA ALA B 34 41.92 8.60 6.76
C ALA B 34 42.73 7.32 7.04
N ASP B 35 43.82 7.49 7.81
CA ASP B 35 44.65 6.38 8.34
C ASP B 35 44.95 5.28 7.34
N GLY B 36 45.23 5.73 6.11
CA GLY B 36 45.62 4.86 5.02
C GLY B 36 44.51 3.96 4.52
N ALA B 37 43.27 4.43 4.67
CA ALA B 37 42.14 3.77 4.04
C ALA B 37 42.02 4.25 2.58
N GLY B 38 41.26 3.50 1.80
CA GLY B 38 41.13 3.78 0.38
C GLY B 38 39.78 4.26 -0.09
N MET B 39 39.77 4.87 -1.26
CA MET B 39 38.53 5.36 -1.88
C MET B 39 37.48 4.25 -2.03
N SER B 40 36.34 4.41 -1.37
CA SER B 40 35.21 3.55 -1.65
C SER B 40 34.50 3.99 -2.95
N ILE B 41 33.73 3.05 -3.50
CA ILE B 41 32.94 3.27 -4.72
C ILE B 41 31.95 4.44 -4.47
N TRP B 42 31.47 4.51 -3.21
CA TRP B 42 30.43 5.45 -2.84
C TRP B 42 30.97 6.80 -2.60
N HIS B 43 32.16 6.83 -2.00
CA HIS B 43 32.96 8.09 -1.91
C HIS B 43 33.01 8.82 -3.27
N THR B 44 33.67 8.21 -4.26
CA THR B 44 33.44 8.41 -5.69
C THR B 44 32.04 8.92 -6.06
N PHE B 45 31.04 8.09 -5.84
CA PHE B 45 29.67 8.30 -6.33
C PHE B 45 29.12 9.62 -5.82
N SER B 46 29.31 9.83 -4.52
CA SER B 46 28.73 10.96 -3.83
C SER B 46 29.58 12.20 -3.99
N HIS B 47 30.85 12.03 -4.33
CA HIS B 47 31.68 13.18 -4.66
C HIS B 47 31.47 13.67 -6.05
N THR B 48 30.62 12.99 -6.82
CA THR B 48 30.34 13.45 -8.19
C THR B 48 28.91 13.98 -8.32
N PRO B 49 28.76 15.18 -8.92
CA PRO B 49 27.53 15.92 -9.21
C PRO B 49 26.34 15.10 -9.71
N GLY B 50 25.20 15.32 -9.08
CA GLY B 50 23.93 14.86 -9.61
C GLY B 50 23.39 13.56 -9.02
N ASN B 51 24.12 12.93 -8.10
CA ASN B 51 23.52 11.72 -7.65
C ASN B 51 23.14 11.53 -6.17
N VAL B 52 23.05 12.64 -5.43
CA VAL B 52 22.75 12.63 -3.98
C VAL B 52 22.08 13.98 -3.51
N LYS B 53 20.83 13.91 -2.99
CA LYS B 53 20.00 15.09 -2.69
C LYS B 53 20.69 16.46 -2.61
N ASN B 54 21.64 16.66 -1.69
CA ASN B 54 22.23 18.05 -1.67
C ASN B 54 23.71 18.18 -1.88
N GLY B 55 24.25 17.25 -2.66
CA GLY B 55 25.69 17.16 -2.84
C GLY B 55 26.24 16.42 -1.64
N ASP B 56 25.34 16.02 -0.73
CA ASP B 56 25.72 15.27 0.45
C ASP B 56 26.74 14.18 0.14
N THR B 57 27.73 14.03 1.04
CA THR B 57 28.69 12.92 0.96
C THR B 57 29.05 12.40 2.36
N GLY B 58 29.55 11.16 2.39
CA GLY B 58 30.02 10.54 3.63
C GLY B 58 31.29 11.14 4.25
N ASP B 59 31.80 12.25 3.70
CA ASP B 59 33.02 12.82 4.25
C ASP B 59 32.97 13.00 5.76
N VAL B 60 31.95 13.68 6.31
CA VAL B 60 31.84 13.70 7.78
C VAL B 60 30.89 12.69 8.45
N ALA B 61 29.66 12.54 7.95
CA ALA B 61 28.71 11.51 8.42
C ALA B 61 28.16 11.72 9.83
N CYS B 62 28.62 10.93 10.79
CA CYS B 62 28.34 11.22 12.19
C CYS B 62 29.63 11.36 12.95
N ASP B 63 30.73 11.41 12.19
CA ASP B 63 32.09 11.41 12.73
C ASP B 63 32.30 10.26 13.68
N HIS B 64 31.59 9.17 13.39
CA HIS B 64 31.67 8.00 14.18
C HIS B 64 33.05 7.44 14.30
N TYR B 65 33.85 7.60 13.24
CA TYR B 65 35.27 7.26 13.28
C TYR B 65 35.94 7.85 14.52
N ASN B 66 35.40 8.99 14.98
CA ASN B 66 35.82 9.59 16.24
C ASN B 66 35.02 9.36 17.53
N ARG B 67 33.74 8.96 17.42
CA ARG B 67 32.84 9.07 18.57
C ARG B 67 32.28 7.71 19.06
N TRP B 68 32.82 6.63 18.48
CA TRP B 68 32.44 5.29 18.87
C TRP B 68 32.30 5.12 20.37
N LYS B 69 33.32 5.52 21.13
CA LYS B 69 33.33 5.30 22.58
C LYS B 69 32.10 5.96 23.19
N GLU B 70 31.88 7.23 22.80
CA GLU B 70 30.61 7.89 23.11
C GLU B 70 29.40 7.07 22.54
N ASP B 71 29.45 6.79 21.24
CA ASP B 71 28.33 6.16 20.55
C ASP B 71 27.99 4.84 21.26
N ILE B 72 28.95 3.92 21.30
CA ILE B 72 28.72 2.61 21.92
C ILE B 72 28.43 2.80 23.41
N GLU B 73 28.85 3.95 23.94
CA GLU B 73 28.49 4.33 25.30
C GLU B 73 26.96 4.45 25.39
N ILE B 74 26.38 5.35 24.56
CA ILE B 74 24.93 5.46 24.40
C ILE B 74 24.33 4.05 24.25
N ILE B 75 25.01 3.23 23.43
CA ILE B 75 24.59 1.83 23.30
C ILE B 75 24.49 1.19 24.67
N GLU B 76 25.50 1.36 25.53
CA GLU B 76 25.52 0.64 26.85
C GLU B 76 24.45 1.16 27.81
N LYS B 77 24.31 2.49 27.83
CA LYS B 77 23.32 3.20 28.66
C LYS B 77 21.89 2.66 28.53
N LEU B 78 21.47 2.32 27.31
CA LEU B 78 20.10 1.87 27.03
C LEU B 78 19.97 0.36 27.24
N GLY B 79 21.10 -0.34 27.18
CA GLY B 79 21.12 -1.79 27.33
C GLY B 79 20.61 -2.54 26.12
N VAL B 80 20.74 -1.95 24.93
CA VAL B 80 20.46 -2.69 23.68
C VAL B 80 21.41 -3.92 23.61
N LYS B 81 20.85 -5.13 23.67
CA LYS B 81 21.66 -6.36 23.73
C LYS B 81 22.71 -6.47 22.60
N ALA B 82 22.26 -6.38 21.34
CA ALA B 82 23.15 -6.64 20.20
C ALA B 82 23.49 -5.37 19.49
N TYR B 83 24.38 -5.44 18.48
CA TYR B 83 24.72 -4.25 17.63
C TYR B 83 25.29 -4.59 16.23
N ARG B 84 24.47 -4.42 15.20
CA ARG B 84 24.88 -4.79 13.85
C ARG B 84 25.67 -3.65 13.25
N PHE B 85 26.69 -3.98 12.48
CA PHE B 85 27.43 -2.94 11.80
C PHE B 85 28.26 -3.48 10.64
N SER B 86 28.65 -2.57 9.74
CA SER B 86 29.40 -2.90 8.54
C SER B 86 30.86 -2.59 8.81
N ILE B 87 31.78 -3.26 8.12
CA ILE B 87 33.17 -2.78 8.04
C ILE B 87 33.47 -2.18 6.65
N SER B 88 34.19 -1.06 6.64
CA SER B 88 34.67 -0.53 5.35
C SER B 88 35.80 -1.44 4.81
N TRP B 89 35.45 -2.21 3.78
CA TRP B 89 36.42 -2.99 2.98
C TRP B 89 37.65 -2.19 2.51
N PRO B 90 37.51 -0.98 2.00
CA PRO B 90 38.80 -0.29 1.77
C PRO B 90 39.48 0.32 3.00
N ARG B 91 39.00 0.01 4.21
CA ARG B 91 39.69 0.46 5.41
C ARG B 91 40.73 -0.60 5.77
N ILE B 92 40.34 -1.86 5.58
CA ILE B 92 41.19 -3.02 5.89
C ILE B 92 42.22 -3.17 4.75
N LEU B 93 41.72 -3.45 3.55
CA LEU B 93 42.53 -3.82 2.40
C LEU B 93 42.39 -2.66 1.35
N PRO B 94 43.26 -1.65 1.43
CA PRO B 94 42.87 -0.41 0.73
C PRO B 94 42.94 -0.52 -0.77
N GLU B 95 43.91 -1.29 -1.27
CA GLU B 95 44.00 -1.56 -2.69
C GLU B 95 43.21 -2.83 -2.97
N GLY B 96 42.30 -3.18 -2.05
CA GLY B 96 41.37 -4.25 -2.31
C GLY B 96 41.98 -5.61 -2.05
N THR B 97 42.94 -5.96 -2.93
CA THR B 97 43.63 -7.26 -2.74
C THR B 97 45.01 -6.90 -2.24
N GLY B 98 45.58 -7.78 -1.42
CA GLY B 98 46.96 -7.58 -0.95
C GLY B 98 47.12 -6.87 0.39
N ARG B 99 47.99 -5.86 0.40
CA ARG B 99 48.41 -5.19 1.64
C ARG B 99 47.24 -4.87 2.56
N VAL B 100 47.13 -5.61 3.67
CA VAL B 100 46.28 -5.25 4.82
C VAL B 100 46.83 -4.02 5.56
N ASN B 101 45.93 -3.12 5.97
CA ASN B 101 46.26 -1.86 6.63
C ASN B 101 45.87 -1.94 8.11
N GLN B 102 46.84 -2.26 8.97
CA GLN B 102 46.52 -2.70 10.35
C GLN B 102 46.01 -1.57 11.24
N LYS B 103 46.22 -0.33 10.76
CA LYS B 103 45.52 0.85 11.30
C LYS B 103 43.99 0.68 11.10
N GLY B 104 43.62 -0.08 10.08
CA GLY B 104 42.24 -0.54 9.89
C GLY B 104 41.80 -1.49 11.01
N LEU B 105 42.44 -2.65 11.11
CA LEU B 105 42.04 -3.65 12.14
C LEU B 105 42.11 -3.03 13.54
N ASP B 106 43.03 -2.05 13.68
CA ASP B 106 43.17 -1.24 14.89
C ASP B 106 41.87 -0.53 15.30
N PHE B 107 41.25 0.21 14.37
CA PHE B 107 39.98 0.91 14.63
C PHE B 107 38.79 -0.03 14.93
N TYR B 108 38.63 -1.11 14.15
CA TYR B 108 37.51 -2.03 14.36
C TYR B 108 37.67 -2.84 15.64
N ASN B 109 38.65 -3.75 15.70
CA ASN B 109 38.79 -4.66 16.85
C ASN B 109 38.78 -3.85 18.16
N ARG B 110 39.20 -2.58 18.07
CA ARG B 110 38.97 -1.65 19.15
C ARG B 110 37.48 -1.72 19.59
N ILE B 111 36.61 -1.17 18.73
CA ILE B 111 35.15 -1.20 18.90
C ILE B 111 34.65 -2.60 19.24
N ILE B 112 35.24 -3.62 18.61
CA ILE B 112 34.86 -5.00 18.83
C ILE B 112 35.22 -5.44 20.27
N ASP B 113 36.41 -5.00 20.73
CA ASP B 113 36.90 -5.29 22.09
C ASP B 113 36.29 -4.34 23.11
N THR B 114 35.86 -3.16 22.64
CA THR B 114 35.00 -2.32 23.45
C THR B 114 33.64 -3.03 23.68
N LEU B 115 32.97 -3.44 22.59
CA LEU B 115 31.59 -3.90 22.67
C LEU B 115 31.42 -5.20 23.51
N LEU B 116 32.47 -6.02 23.57
CA LEU B 116 32.45 -7.25 24.40
C LEU B 116 32.75 -6.87 25.85
N GLU B 117 33.76 -6.01 26.05
CA GLU B 117 34.05 -5.44 27.35
C GLU B 117 32.79 -4.90 28.05
N LYS B 118 31.78 -4.51 27.25
CA LYS B 118 30.54 -3.94 27.79
C LYS B 118 29.41 -4.95 27.92
N GLY B 119 29.59 -6.13 27.32
CA GLY B 119 28.58 -7.18 27.34
C GLY B 119 27.54 -7.07 26.23
N ILE B 120 27.90 -6.37 25.15
CA ILE B 120 27.03 -6.27 23.96
C ILE B 120 27.48 -7.24 22.88
N THR B 121 26.61 -8.21 22.55
CA THR B 121 26.83 -9.14 21.43
C THR B 121 26.79 -8.33 20.12
N PRO B 122 27.85 -8.45 19.30
CA PRO B 122 27.87 -7.67 18.04
C PRO B 122 27.85 -8.62 16.83
N PHE B 123 27.02 -8.33 15.83
CA PHE B 123 27.09 -9.14 14.61
C PHE B 123 27.65 -8.19 13.55
N VAL B 124 28.35 -8.74 12.57
CA VAL B 124 29.10 -7.88 11.63
C VAL B 124 28.79 -8.16 10.16
N THR B 125 28.57 -7.09 9.42
CA THR B 125 28.20 -7.19 8.02
C THR B 125 29.50 -6.99 7.31
N ILE B 126 29.94 -8.05 6.62
CA ILE B 126 31.17 -8.01 5.82
C ILE B 126 31.17 -6.85 4.80
N PHE B 127 30.03 -6.66 4.13
CA PHE B 127 29.93 -5.75 3.00
C PHE B 127 28.58 -5.03 2.83
N HIS B 128 28.53 -3.76 3.26
CA HIS B 128 27.36 -2.86 3.11
C HIS B 128 27.52 -1.84 1.98
N TRP B 129 28.05 -2.27 0.83
CA TRP B 129 27.99 -1.56 -0.47
C TRP B 129 29.14 -0.66 -0.84
N ASP B 130 30.05 -0.43 0.10
CA ASP B 130 31.27 0.28 -0.22
C ASP B 130 32.38 -0.62 -0.74
N LEU B 131 32.32 -0.99 -2.03
CA LEU B 131 33.48 -1.63 -2.68
C LEU B 131 34.66 -0.63 -2.70
N PRO B 132 35.91 -1.11 -2.47
CA PRO B 132 37.12 -0.28 -2.60
C PRO B 132 37.35 0.06 -4.04
N PHE B 133 37.53 1.36 -4.32
CA PHE B 133 37.65 1.85 -5.70
C PHE B 133 38.60 0.98 -6.50
N ALA B 134 39.70 0.56 -5.88
CA ALA B 134 40.56 -0.44 -6.49
C ALA B 134 39.75 -1.51 -7.29
N LEU B 135 39.09 -2.43 -6.59
CA LEU B 135 38.39 -3.50 -7.29
C LEU B 135 37.40 -2.96 -8.31
N GLN B 136 36.87 -1.76 -8.06
CA GLN B 136 35.89 -1.14 -8.95
C GLN B 136 36.49 -0.86 -10.34
N LEU B 137 37.75 -0.44 -10.41
CA LEU B 137 38.33 -0.15 -11.73
C LEU B 137 38.64 -1.48 -12.42
N LYS B 138 38.86 -2.54 -11.64
CA LYS B 138 38.93 -3.89 -12.21
C LYS B 138 37.54 -4.40 -12.64
N GLY B 139 36.50 -3.58 -12.43
CA GLY B 139 35.13 -3.87 -12.89
C GLY B 139 34.21 -4.30 -11.76
N GLY B 140 34.67 -4.12 -10.52
CA GLY B 140 33.87 -4.43 -9.31
C GLY B 140 32.99 -5.64 -9.45
N LEU B 141 31.83 -5.61 -8.80
CA LEU B 141 30.90 -6.77 -8.70
C LEU B 141 30.26 -7.13 -10.07
N LEU B 142 30.83 -6.67 -11.18
CA LEU B 142 30.44 -7.20 -12.53
C LEU B 142 31.34 -8.35 -13.05
N ASN B 143 32.56 -8.41 -12.54
CA ASN B 143 33.60 -9.28 -13.05
C ASN B 143 33.72 -10.48 -12.15
N ARG B 144 33.60 -11.67 -12.74
CA ARG B 144 33.49 -12.96 -11.99
C ARG B 144 34.48 -13.04 -10.81
N GLU B 145 35.67 -12.48 -11.03
CA GLU B 145 36.75 -12.51 -10.06
C GLU B 145 36.43 -11.90 -8.67
N ILE B 146 35.33 -11.13 -8.59
CA ILE B 146 34.72 -10.71 -7.31
C ILE B 146 34.64 -11.94 -6.40
N ALA B 147 34.33 -13.09 -6.98
CA ALA B 147 34.00 -14.25 -6.17
C ALA B 147 35.22 -14.55 -5.33
N ASP B 148 36.37 -14.21 -5.88
CA ASP B 148 37.62 -14.51 -5.24
C ASP B 148 38.01 -13.41 -4.28
N TRP B 149 38.22 -12.20 -4.85
CA TRP B 149 38.46 -10.94 -4.13
C TRP B 149 37.74 -10.86 -2.82
N PHE B 150 36.51 -11.36 -2.81
CA PHE B 150 35.66 -11.19 -1.65
C PHE B 150 36.11 -12.16 -0.58
N ALA B 151 36.38 -13.39 -1.03
CA ALA B 151 36.77 -14.46 -0.12
C ALA B 151 38.09 -14.06 0.55
N GLU B 152 39.01 -13.57 -0.27
CA GLU B 152 40.27 -13.10 0.26
C GLU B 152 39.96 -12.17 1.45
N TYR B 153 39.14 -11.15 1.17
CA TYR B 153 38.77 -10.13 2.14
C TYR B 153 37.95 -10.75 3.32
N SER B 154 37.13 -11.77 3.05
CA SER B 154 36.33 -12.38 4.13
C SER B 154 37.20 -13.18 5.11
N ARG B 155 38.19 -13.89 4.54
CA ARG B 155 39.21 -14.63 5.32
C ARG B 155 40.12 -13.62 6.06
N VAL B 156 40.51 -12.53 5.38
CA VAL B 156 41.25 -11.45 6.09
C VAL B 156 40.51 -11.15 7.41
N LEU B 157 39.19 -11.00 7.31
CA LEU B 157 38.39 -10.58 8.44
C LEU B 157 38.04 -11.75 9.39
N PHE B 158 38.03 -12.99 8.88
CA PHE B 158 37.71 -14.09 9.78
C PHE B 158 38.89 -14.39 10.68
N GLU B 159 40.07 -14.54 10.05
CA GLU B 159 41.30 -14.81 10.78
C GLU B 159 41.50 -13.71 11.80
N ASN B 160 41.30 -12.48 11.35
CA ASN B 160 41.63 -11.33 12.18
C ASN B 160 40.70 -10.93 13.33
N PHE B 161 39.64 -11.74 13.58
CA PHE B 161 38.55 -11.29 14.43
C PHE B 161 37.58 -12.38 14.88
N GLY B 162 37.72 -13.58 14.30
CA GLY B 162 37.00 -14.77 14.76
C GLY B 162 37.27 -14.97 16.24
N ASP B 163 38.49 -14.61 16.65
CA ASP B 163 38.82 -14.34 18.04
C ASP B 163 37.56 -14.06 18.89
N ARG B 164 36.89 -12.95 18.55
CA ARG B 164 35.76 -12.44 19.34
C ARG B 164 34.40 -12.47 18.60
N VAL B 165 34.33 -11.83 17.40
CA VAL B 165 33.07 -11.75 16.62
C VAL B 165 32.59 -13.12 16.13
N LYS B 166 31.50 -13.63 16.70
CA LYS B 166 31.03 -15.00 16.40
C LYS B 166 29.68 -15.08 15.64
N ASN B 167 29.20 -13.94 15.17
CA ASN B 167 28.03 -13.91 14.30
C ASN B 167 28.30 -12.97 13.10
N TRP B 168 28.07 -13.46 11.88
CA TRP B 168 28.49 -12.68 10.70
C TRP B 168 27.51 -12.62 9.57
N ILE B 169 27.67 -11.59 8.76
CA ILE B 169 26.88 -11.35 7.55
C ILE B 169 27.79 -10.98 6.39
N THR B 170 27.35 -11.30 5.17
CA THR B 170 28.15 -11.05 3.97
C THR B 170 27.67 -9.81 3.20
N PHE B 171 26.83 -10.08 2.20
CA PHE B 171 26.20 -9.03 1.42
C PHE B 171 24.93 -8.56 2.15
N ASN B 172 24.88 -7.26 2.43
CA ASN B 172 23.64 -6.65 2.83
C ASN B 172 22.95 -6.22 1.57
N GLU B 173 21.73 -6.70 1.40
CA GLU B 173 20.80 -6.27 0.34
C GLU B 173 21.34 -6.36 -1.09
N PRO B 174 21.76 -7.57 -1.51
CA PRO B 174 22.39 -7.66 -2.82
C PRO B 174 21.52 -7.02 -3.92
N LEU B 175 20.19 -7.01 -3.74
CA LEU B 175 19.30 -6.33 -4.68
C LEU B 175 19.65 -4.83 -4.93
N CYS B 176 19.91 -4.07 -3.87
CA CYS B 176 20.22 -2.64 -4.06
C CYS B 176 21.57 -2.47 -4.71
N SER B 177 22.47 -3.41 -4.47
CA SER B 177 23.70 -3.52 -5.24
C SER B 177 23.44 -3.73 -6.73
N ALA B 178 22.53 -4.64 -7.05
CA ALA B 178 22.35 -5.10 -8.42
C ALA B 178 21.51 -4.22 -9.34
N ILE B 179 20.32 -3.79 -8.90
CA ILE B 179 19.41 -3.08 -9.81
C ILE B 179 19.61 -1.59 -9.74
N PRO B 180 19.53 -1.01 -8.53
CA PRO B 180 19.86 0.41 -8.48
C PRO B 180 21.27 0.69 -9.02
N GLY B 181 22.17 -0.29 -8.88
CA GLY B 181 23.59 -0.13 -9.15
C GLY B 181 23.98 -0.33 -10.62
N TYR B 182 23.44 -1.41 -11.22
CA TYR B 182 23.74 -1.75 -12.62
C TYR B 182 22.51 -1.65 -13.55
N GLY B 183 21.34 -1.44 -12.93
CA GLY B 183 20.06 -1.33 -13.64
C GLY B 183 19.60 0.11 -13.86
N SER B 184 18.92 0.67 -12.88
CA SER B 184 18.44 2.05 -12.97
C SER B 184 19.56 3.12 -12.82
N GLY B 185 20.69 2.68 -12.29
CA GLY B 185 21.92 3.47 -12.09
C GLY B 185 21.89 4.61 -11.07
N THR B 186 21.18 4.39 -9.96
CA THR B 186 20.91 5.41 -8.95
C THR B 186 21.70 5.07 -7.67
N PHE B 187 22.67 4.20 -7.83
CA PHE B 187 23.52 3.71 -6.75
C PHE B 187 24.90 3.41 -7.37
N ALA B 188 25.97 3.69 -6.62
CA ALA B 188 27.33 3.36 -7.04
C ALA B 188 27.42 1.97 -7.64
N PRO B 189 27.89 1.85 -8.88
CA PRO B 189 28.56 2.87 -9.64
C PRO B 189 27.66 3.42 -10.74
N GLY B 190 26.36 3.46 -10.51
CA GLY B 190 25.46 4.03 -11.50
C GLY B 190 25.48 3.57 -12.95
N ARG B 191 25.60 2.27 -13.21
CA ARG B 191 25.48 1.78 -14.60
C ARG B 191 24.05 1.37 -14.88
N GLN B 192 23.67 1.44 -16.15
CA GLN B 192 22.34 1.04 -16.63
C GLN B 192 22.37 -0.04 -17.73
N SER B 193 22.20 -1.32 -17.36
CA SER B 193 22.28 -2.42 -18.34
C SER B 193 21.00 -3.16 -18.34
N THR B 194 20.66 -3.70 -19.50
CA THR B 194 19.45 -4.50 -19.59
C THR B 194 19.75 -5.89 -19.06
N SER B 195 20.94 -6.04 -18.48
CA SER B 195 21.55 -7.35 -18.29
C SER B 195 22.50 -7.47 -17.10
N GLU B 196 23.40 -6.49 -16.94
CA GLU B 196 24.41 -6.60 -15.89
C GLU B 196 23.83 -6.97 -14.53
N PRO B 197 22.77 -6.27 -14.07
CA PRO B 197 22.22 -6.63 -12.74
C PRO B 197 22.17 -8.16 -12.51
N TRP B 198 21.77 -8.91 -13.52
CA TRP B 198 21.66 -10.34 -13.41
C TRP B 198 22.99 -10.94 -13.13
N THR B 199 23.96 -10.61 -13.95
CA THR B 199 25.27 -11.14 -13.73
C THR B 199 25.77 -10.74 -12.35
N VAL B 200 25.54 -9.49 -11.98
CA VAL B 200 26.02 -9.01 -10.70
C VAL B 200 25.39 -9.80 -9.59
N GLY B 201 24.07 -9.99 -9.65
CA GLY B 201 23.36 -10.75 -8.63
C GLY B 201 23.99 -12.12 -8.50
N HIS B 202 24.19 -12.74 -9.67
CA HIS B 202 24.83 -14.06 -9.77
C HIS B 202 26.15 -14.10 -9.11
N ASN B 203 27.03 -13.24 -9.62
CA ASN B 203 28.35 -13.10 -9.05
C ASN B 203 28.28 -12.94 -7.53
N ILE B 204 27.18 -12.34 -7.02
CA ILE B 204 27.10 -12.03 -5.58
C ILE B 204 26.95 -13.34 -4.80
N LEU B 205 26.06 -14.18 -5.30
CA LEU B 205 25.77 -15.41 -4.63
C LEU B 205 27.07 -16.18 -4.51
N VAL B 206 27.82 -16.35 -5.63
CA VAL B 206 28.96 -17.28 -5.59
C VAL B 206 30.11 -16.67 -4.81
N ALA B 207 30.09 -15.32 -4.72
CA ALA B 207 31.00 -14.66 -3.80
C ALA B 207 30.56 -15.05 -2.39
N HIS B 208 29.27 -14.94 -2.12
CA HIS B 208 28.74 -15.36 -0.82
C HIS B 208 29.09 -16.81 -0.58
N GLY B 209 29.22 -17.56 -1.68
CA GLY B 209 29.58 -18.98 -1.60
C GLY B 209 31.00 -19.11 -1.04
N ARG B 210 31.95 -18.50 -1.76
CA ARG B 210 33.35 -18.75 -1.41
C ARG B 210 33.69 -18.34 0.02
N ALA B 211 32.88 -17.40 0.56
CA ALA B 211 32.97 -16.96 1.98
C ALA B 211 32.55 -18.04 3.03
N VAL B 212 31.34 -18.59 2.91
CA VAL B 212 30.89 -19.63 3.83
C VAL B 212 31.90 -20.81 3.82
N LYS B 213 32.10 -21.41 2.64
CA LYS B 213 33.19 -22.39 2.44
C LYS B 213 34.54 -22.02 3.09
N VAL B 214 34.79 -20.74 3.37
CA VAL B 214 35.93 -20.46 4.26
C VAL B 214 35.55 -20.26 5.73
N PHE B 215 34.37 -19.68 5.98
CA PHE B 215 33.92 -19.46 7.35
C PHE B 215 33.82 -20.82 8.03
N ARG B 216 33.28 -21.78 7.30
CA ARG B 216 33.15 -23.18 7.74
C ARG B 216 34.49 -23.67 8.24
N GLU B 217 35.54 -23.39 7.46
CA GLU B 217 36.89 -23.78 7.82
C GLU B 217 37.60 -22.75 8.74
N THR B 218 36.97 -21.58 8.95
CA THR B 218 37.61 -20.48 9.71
C THR B 218 37.23 -20.43 11.21
N VAL B 219 36.12 -19.77 11.53
CA VAL B 219 35.67 -19.72 12.94
C VAL B 219 34.71 -20.88 13.36
N LYS B 220 34.97 -21.50 14.50
CA LYS B 220 34.23 -22.72 14.81
C LYS B 220 32.83 -22.48 15.39
N ASP B 221 32.73 -21.66 16.43
CA ASP B 221 31.46 -21.47 17.14
C ASP B 221 30.64 -20.30 16.56
N GLY B 222 30.73 -20.12 15.23
CA GLY B 222 30.12 -18.97 14.55
C GLY B 222 28.90 -19.27 13.68
N LYS B 223 28.36 -18.20 13.07
CA LYS B 223 27.16 -18.24 12.20
C LYS B 223 27.20 -17.11 11.17
N ILE B 224 26.84 -17.43 9.93
CA ILE B 224 26.73 -16.41 8.87
C ILE B 224 25.63 -16.67 7.82
N GLY B 225 25.16 -15.57 7.19
CA GLY B 225 24.17 -15.58 6.08
C GLY B 225 24.19 -14.23 5.32
N ILE B 226 23.56 -14.18 4.12
CA ILE B 226 23.42 -12.88 3.38
C ILE B 226 22.04 -12.28 3.68
N VAL B 227 22.04 -11.01 4.07
CA VAL B 227 20.84 -10.29 4.47
C VAL B 227 20.10 -9.89 3.20
N LEU B 228 18.85 -10.33 3.10
CA LEU B 228 18.05 -10.03 1.93
C LEU B 228 16.88 -9.13 2.36
N ASN B 229 16.52 -8.14 1.53
CA ASN B 229 15.32 -7.31 1.80
C ASN B 229 14.10 -7.58 0.92
N GLY B 230 13.02 -6.86 1.15
CA GLY B 230 11.82 -7.10 0.34
C GLY B 230 10.55 -6.81 1.11
N ASP B 231 9.72 -5.95 0.52
CA ASP B 231 8.42 -5.50 1.06
C ASP B 231 7.31 -6.46 0.72
N PHE B 232 6.37 -6.70 1.62
CA PHE B 232 5.37 -7.73 1.30
C PHE B 232 4.37 -7.20 0.28
N THR B 233 3.61 -8.09 -0.35
CA THR B 233 2.66 -7.67 -1.39
C THR B 233 1.22 -8.07 -1.10
N TYR B 234 0.26 -7.35 -1.68
CA TYR B 234 -1.18 -7.65 -1.62
C TYR B 234 -1.78 -7.47 -3.01
N PRO B 235 -2.73 -8.32 -3.40
CA PRO B 235 -3.34 -8.22 -4.74
C PRO B 235 -4.04 -6.87 -4.97
N TRP B 236 -3.94 -6.33 -6.18
CA TRP B 236 -4.58 -5.04 -6.45
C TRP B 236 -6.06 -5.17 -6.51
N ASP B 237 -6.50 -6.37 -6.90
CA ASP B 237 -7.82 -6.85 -6.51
C ASP B 237 -7.72 -8.35 -6.28
N ALA B 238 -8.23 -8.78 -5.13
CA ALA B 238 -8.01 -10.14 -4.65
C ALA B 238 -8.91 -11.15 -5.36
N ALA B 239 -9.77 -10.62 -6.23
CA ALA B 239 -10.70 -11.43 -7.04
C ALA B 239 -10.06 -11.80 -8.37
N ASP B 240 -9.26 -10.90 -8.93
CA ASP B 240 -8.63 -11.23 -10.20
C ASP B 240 -7.36 -12.07 -10.01
N PRO B 241 -7.44 -13.38 -10.29
CA PRO B 241 -6.27 -14.22 -9.96
C PRO B 241 -4.97 -13.77 -10.65
N ALA B 242 -5.07 -13.18 -11.84
CA ALA B 242 -3.88 -12.57 -12.45
C ALA B 242 -3.10 -11.73 -11.42
N ASP B 243 -3.79 -11.20 -10.41
CA ASP B 243 -3.13 -10.42 -9.35
C ASP B 243 -2.48 -11.31 -8.28
N LYS B 244 -3.24 -12.22 -7.69
CA LYS B 244 -2.66 -13.24 -6.82
C LYS B 244 -1.33 -13.80 -7.38
N GLU B 245 -1.11 -13.69 -8.71
CA GLU B 245 0.09 -14.23 -9.31
C GLU B 245 1.08 -13.11 -9.55
N ALA B 246 0.57 -11.93 -9.90
CA ALA B 246 1.40 -10.71 -9.96
C ALA B 246 2.11 -10.45 -8.62
N ALA B 247 1.40 -10.72 -7.52
CA ALA B 247 1.95 -10.46 -6.20
C ALA B 247 2.88 -11.56 -5.75
N GLU B 248 2.57 -12.80 -6.13
CA GLU B 248 3.56 -13.87 -5.99
C GLU B 248 4.85 -13.56 -6.76
N ARG B 249 4.70 -13.26 -8.04
CA ARG B 249 5.82 -13.05 -8.88
C ARG B 249 6.68 -11.95 -8.24
N ARG B 250 6.06 -10.83 -7.77
CA ARG B 250 6.88 -9.68 -7.30
C ARG B 250 7.74 -10.10 -6.12
N LEU B 251 7.21 -10.89 -5.21
CA LEU B 251 8.03 -11.30 -4.09
C LEU B 251 9.13 -12.18 -4.61
N GLU B 252 8.78 -12.96 -5.63
CA GLU B 252 9.73 -13.87 -6.21
C GLU B 252 10.89 -13.04 -6.74
N PHE B 253 10.63 -12.16 -7.72
CA PHE B 253 11.68 -11.29 -8.22
C PHE B 253 12.45 -10.47 -7.15
N PHE B 254 11.74 -9.92 -6.16
CA PHE B 254 12.34 -9.14 -5.05
C PHE B 254 13.38 -9.90 -4.21
N THR B 255 13.03 -11.12 -3.82
CA THR B 255 13.82 -11.81 -2.83
C THR B 255 14.07 -13.29 -3.03
N ALA B 256 13.14 -14.03 -3.65
CA ALA B 256 13.36 -15.45 -4.03
C ALA B 256 14.42 -15.54 -5.13
N TRP B 257 14.72 -14.39 -5.74
CA TRP B 257 15.77 -14.27 -6.73
C TRP B 257 17.04 -14.55 -6.04
N PHE B 258 17.08 -14.31 -4.74
CA PHE B 258 18.28 -14.61 -4.01
C PHE B 258 18.26 -15.85 -3.13
N ALA B 259 17.08 -16.19 -2.61
CA ALA B 259 17.05 -17.12 -1.53
C ALA B 259 16.78 -18.54 -2.06
N ASP B 260 16.01 -18.62 -3.14
CA ASP B 260 15.81 -19.86 -3.86
C ASP B 260 17.15 -20.55 -4.12
N PRO B 261 18.15 -19.86 -4.71
CA PRO B 261 19.37 -20.66 -4.84
C PRO B 261 19.87 -21.18 -3.49
N ILE B 262 19.90 -20.29 -2.50
CA ILE B 262 20.69 -20.48 -1.29
C ILE B 262 20.04 -21.47 -0.34
N TYR B 263 18.77 -21.78 -0.62
CA TYR B 263 17.97 -22.83 0.08
C TYR B 263 17.39 -23.91 -0.86
N LEU B 264 16.92 -23.52 -2.04
CA LEU B 264 16.04 -24.34 -2.91
C LEU B 264 16.64 -24.66 -4.35
N GLY B 265 17.98 -24.68 -4.45
CA GLY B 265 18.69 -25.08 -5.70
C GLY B 265 19.07 -24.05 -6.78
N ASP B 266 18.05 -23.36 -7.30
CA ASP B 266 18.14 -22.53 -8.49
C ASP B 266 17.29 -21.27 -8.24
N TYR B 267 17.47 -20.25 -9.07
CA TYR B 267 16.49 -19.19 -9.19
C TYR B 267 15.07 -19.73 -9.43
N PRO B 268 14.06 -18.85 -9.18
CA PRO B 268 12.64 -18.97 -9.53
C PRO B 268 12.35 -19.18 -11.01
N ALA B 269 11.57 -20.21 -11.36
CA ALA B 269 11.05 -20.36 -12.72
C ALA B 269 10.46 -19.04 -13.26
N SER B 270 9.64 -18.38 -12.43
CA SER B 270 9.14 -17.02 -12.67
C SER B 270 10.13 -16.12 -13.43
N MET B 271 11.38 -16.09 -12.92
CA MET B 271 12.40 -15.18 -13.41
C MET B 271 12.89 -15.78 -14.72
N ARG B 272 13.25 -17.06 -14.63
CA ARG B 272 13.74 -17.85 -15.74
C ARG B 272 12.85 -17.70 -16.98
N LYS B 273 11.53 -17.75 -16.78
CA LYS B 273 10.60 -17.53 -17.88
C LYS B 273 10.79 -16.17 -18.56
N GLN B 274 10.83 -15.06 -17.81
CA GLN B 274 10.90 -13.73 -18.45
C GLN B 274 12.30 -13.32 -18.87
N LEU B 275 13.26 -13.54 -17.99
CA LEU B 275 14.56 -12.93 -18.15
C LEU B 275 15.44 -13.86 -19.05
N GLY B 276 15.10 -15.17 -19.04
CA GLY B 276 15.77 -16.17 -19.88
C GLY B 276 17.30 -16.03 -19.96
N ASP B 277 17.88 -16.14 -21.15
CA ASP B 277 19.32 -16.39 -21.22
C ASP B 277 20.14 -15.32 -20.48
N ARG B 278 19.51 -14.19 -20.13
CA ARG B 278 20.18 -13.15 -19.35
C ARG B 278 20.41 -13.57 -17.91
N LEU B 279 19.57 -14.47 -17.37
CA LEU B 279 19.83 -14.96 -16.02
C LEU B 279 20.83 -16.08 -16.19
N PRO B 280 21.98 -16.01 -15.48
CA PRO B 280 23.05 -17.02 -15.56
C PRO B 280 22.60 -18.39 -15.20
N THR B 281 23.49 -19.35 -15.39
CA THR B 281 23.20 -20.71 -14.93
C THR B 281 24.12 -21.28 -13.85
N PHE B 282 23.54 -22.09 -13.01
CA PHE B 282 24.27 -22.53 -11.87
C PHE B 282 25.19 -23.67 -12.20
N THR B 283 26.48 -23.36 -12.20
CA THR B 283 27.45 -24.41 -12.40
C THR B 283 27.55 -25.34 -11.19
N PRO B 284 27.45 -26.67 -11.41
CA PRO B 284 27.54 -27.59 -10.25
C PRO B 284 28.58 -27.12 -9.23
N GLU B 285 29.77 -26.72 -9.71
CA GLU B 285 30.81 -26.30 -8.78
C GLU B 285 30.32 -25.15 -7.90
N GLU B 286 29.60 -24.20 -8.52
CA GLU B 286 28.91 -23.10 -7.80
C GLU B 286 27.73 -23.48 -6.88
N ARG B 287 26.80 -24.28 -7.42
CA ARG B 287 25.65 -24.78 -6.63
C ARG B 287 26.17 -25.47 -5.38
N ALA B 288 27.32 -26.14 -5.53
CA ALA B 288 28.01 -26.75 -4.39
C ALA B 288 28.43 -25.72 -3.34
N LEU B 289 28.39 -24.45 -3.72
CA LEU B 289 28.90 -23.43 -2.83
C LEU B 289 27.78 -22.55 -2.21
N VAL B 290 26.64 -22.41 -2.91
CA VAL B 290 25.49 -21.57 -2.46
C VAL B 290 24.37 -22.33 -1.72
N HIS B 291 24.32 -23.65 -1.90
CA HIS B 291 23.14 -24.40 -1.45
C HIS B 291 22.99 -24.48 0.06
N GLY B 292 24.04 -24.87 0.77
CA GLY B 292 23.97 -24.79 2.25
C GLY B 292 24.84 -23.66 2.77
N SER B 293 24.39 -22.44 2.55
CA SER B 293 25.31 -21.33 2.70
C SER B 293 24.78 -20.25 3.62
N ASN B 294 23.57 -20.45 4.18
CA ASN B 294 23.18 -19.63 5.31
C ASN B 294 22.57 -20.32 6.53
N ASP B 295 23.40 -20.29 7.58
CA ASP B 295 23.09 -20.74 8.95
C ASP B 295 21.87 -20.03 9.50
N PHE B 296 21.51 -18.93 8.86
CA PHE B 296 20.34 -18.18 9.31
C PHE B 296 19.85 -17.33 8.14
N TYR B 297 18.65 -16.79 8.33
CA TYR B 297 17.99 -15.99 7.33
C TYR B 297 17.92 -14.57 7.84
N GLY B 298 18.82 -13.72 7.35
CA GLY B 298 18.74 -12.29 7.66
C GLY B 298 17.60 -11.60 6.90
N MET B 299 16.80 -10.83 7.63
CA MET B 299 15.76 -10.02 7.01
C MET B 299 16.02 -8.53 7.26
N ASN B 300 15.81 -7.72 6.22
CA ASN B 300 15.43 -6.32 6.37
C ASN B 300 14.00 -6.21 5.88
N HIS B 301 13.15 -5.44 6.60
CA HIS B 301 11.76 -5.23 6.17
C HIS B 301 11.27 -3.84 6.42
N TYR B 302 10.48 -3.30 5.48
CA TYR B 302 10.07 -1.93 5.59
C TYR B 302 8.62 -1.67 5.36
N THR B 303 8.09 -2.09 4.21
CA THR B 303 6.69 -1.79 3.93
C THR B 303 6.09 -2.77 3.03
N SER B 304 5.02 -2.37 2.38
CA SER B 304 4.23 -3.34 1.64
C SER B 304 3.44 -2.61 0.58
N ASN B 305 2.94 -3.31 -0.43
CA ASN B 305 2.17 -2.68 -1.49
C ASN B 305 1.19 -3.59 -2.19
N TYR B 306 0.12 -2.99 -2.69
CA TYR B 306 -0.78 -3.60 -3.63
C TYR B 306 -0.14 -3.74 -5.00
N ILE B 307 -0.35 -4.88 -5.65
CA ILE B 307 0.32 -5.25 -6.91
C ILE B 307 -0.69 -5.52 -8.04
N ARG B 308 -0.57 -4.82 -9.15
CA ARG B 308 -1.48 -5.02 -10.26
C ARG B 308 -0.78 -5.78 -11.40
N HIS B 309 -1.51 -6.64 -12.10
CA HIS B 309 -0.93 -7.50 -13.12
C HIS B 309 -0.81 -6.69 -14.38
N ARG B 310 0.06 -7.10 -15.30
CA ARG B 310 0.14 -6.34 -16.55
C ARG B 310 -0.38 -7.11 -17.77
N SER B 311 -0.74 -6.35 -18.81
CA SER B 311 -1.31 -6.92 -20.03
C SER B 311 -0.13 -7.21 -20.95
N SER B 312 0.58 -6.14 -21.28
CA SER B 312 1.82 -6.17 -22.07
C SER B 312 2.87 -7.13 -21.49
N PRO B 313 3.71 -7.71 -22.37
CA PRO B 313 4.79 -8.60 -21.92
C PRO B 313 5.97 -7.79 -21.39
N ALA B 314 6.77 -8.42 -20.53
CA ALA B 314 7.93 -7.77 -19.93
C ALA B 314 8.77 -6.94 -20.93
N SER B 315 9.16 -5.74 -20.52
CA SER B 315 10.15 -5.03 -21.30
C SER B 315 11.52 -5.62 -20.97
N ALA B 316 12.51 -5.33 -21.81
CA ALA B 316 13.87 -5.79 -21.59
C ALA B 316 14.45 -5.24 -20.31
N ASP B 317 14.04 -4.01 -19.97
CA ASP B 317 14.48 -3.31 -18.75
C ASP B 317 13.81 -3.83 -17.44
N ASP B 318 12.59 -4.36 -17.55
CA ASP B 318 11.86 -4.85 -16.38
C ASP B 318 12.68 -5.71 -15.41
N THR B 319 12.71 -5.32 -14.14
CA THR B 319 13.53 -6.01 -13.14
C THR B 319 12.64 -6.45 -12.00
N VAL B 320 11.35 -6.19 -12.14
CA VAL B 320 10.48 -6.29 -10.96
C VAL B 320 9.49 -7.46 -11.04
N GLY B 321 9.29 -7.94 -12.27
CA GLY B 321 8.29 -8.97 -12.61
C GLY B 321 7.07 -8.59 -13.44
N ASN B 322 7.20 -7.62 -14.34
CA ASN B 322 6.06 -7.12 -15.11
C ASN B 322 4.83 -6.73 -14.28
N VAL B 323 5.02 -6.26 -13.03
CA VAL B 323 3.93 -6.05 -12.07
C VAL B 323 3.89 -4.59 -11.64
N ASP B 324 2.75 -3.91 -11.70
CA ASP B 324 2.63 -2.53 -11.19
C ASP B 324 2.76 -2.48 -9.67
N VAL B 325 3.47 -1.49 -9.12
CA VAL B 325 3.50 -1.38 -7.63
C VAL B 325 2.70 -0.19 -7.12
N LEU B 326 1.50 -0.42 -6.61
CA LEU B 326 0.63 0.69 -6.24
C LEU B 326 0.54 0.94 -4.72
N PHE B 327 0.05 2.13 -4.34
CA PHE B 327 -0.19 2.42 -2.93
C PHE B 327 -1.64 2.29 -2.47
N THR B 328 -2.60 2.45 -3.36
CA THR B 328 -3.96 2.04 -3.05
C THR B 328 -4.33 0.86 -3.92
N ASN B 329 -5.34 0.10 -3.48
CA ASN B 329 -5.91 -1.03 -4.24
C ASN B 329 -7.20 -0.66 -4.96
N LYS B 330 -7.80 -1.67 -5.62
CA LYS B 330 -9.03 -1.48 -6.41
C LYS B 330 -10.20 -0.87 -5.64
N GLN B 331 -10.28 -1.15 -4.33
CA GLN B 331 -11.35 -0.55 -3.51
C GLN B 331 -10.98 0.83 -2.98
N GLY B 332 -9.82 1.35 -3.40
CA GLY B 332 -9.35 2.62 -2.89
C GLY B 332 -8.79 2.60 -1.47
N ASN B 333 -9.07 1.53 -0.68
CA ASN B 333 -8.38 1.33 0.61
C ASN B 333 -6.94 1.75 0.34
N CYS B 334 -6.35 2.61 1.18
CA CYS B 334 -4.88 2.86 1.06
C CYS B 334 -4.10 1.70 1.64
N ILE B 335 -2.79 1.84 1.74
CA ILE B 335 -1.99 0.78 2.30
C ILE B 335 -1.52 1.24 3.66
N GLY B 336 -1.28 2.53 3.78
CA GLY B 336 -0.68 3.04 5.00
C GLY B 336 -0.34 4.49 4.86
N PRO B 337 -0.14 5.16 6.01
CA PRO B 337 0.27 6.60 6.17
C PRO B 337 1.62 6.96 5.49
N GLU B 338 1.89 8.23 5.24
CA GLU B 338 3.22 8.64 4.75
C GLU B 338 4.28 8.61 5.82
N THR B 339 5.52 8.28 5.44
CA THR B 339 6.65 8.62 6.28
C THR B 339 7.49 9.62 5.54
N ALA B 340 8.56 10.10 6.16
CA ALA B 340 9.44 11.06 5.49
C ALA B 340 9.85 10.46 4.13
N MET B 341 10.35 9.20 4.21
CA MET B 341 10.56 8.28 3.08
C MET B 341 9.32 8.03 2.25
N PRO B 342 9.35 8.47 0.99
CA PRO B 342 8.13 8.52 0.19
C PRO B 342 7.61 7.16 -0.23
N TRP B 343 8.41 6.12 -0.11
CA TRP B 343 7.97 4.76 -0.50
C TRP B 343 7.63 3.82 0.65
N LEU B 344 7.89 4.28 1.87
CA LEU B 344 7.87 3.51 3.08
C LEU B 344 6.61 3.92 3.83
N ARG B 345 5.57 3.10 3.77
CA ARG B 345 4.33 3.41 4.45
C ARG B 345 4.15 2.26 5.43
N PRO B 346 3.98 2.56 6.75
CA PRO B 346 3.97 1.46 7.71
C PRO B 346 2.83 0.51 7.37
N CYS B 347 3.08 -0.78 7.53
CA CYS B 347 2.07 -1.79 7.40
C CYS B 347 2.82 -2.94 8.03
N ALA B 348 2.27 -3.49 9.10
CA ALA B 348 3.01 -4.36 9.98
C ALA B 348 2.48 -5.77 9.85
N ALA B 349 1.21 -5.93 9.51
CA ALA B 349 0.71 -7.19 8.95
C ALA B 349 1.71 -7.77 7.91
N GLY B 350 2.27 -6.85 7.06
CA GLY B 350 3.30 -7.15 6.05
C GLY B 350 4.55 -7.82 6.62
N PHE B 351 5.04 -7.26 7.72
CA PHE B 351 6.09 -7.85 8.50
C PHE B 351 5.66 -9.25 9.08
N ARG B 352 4.40 -9.44 9.53
CA ARG B 352 4.00 -10.77 9.86
C ARG B 352 4.09 -11.57 8.56
N ASP B 353 3.28 -11.18 7.58
CA ASP B 353 3.05 -11.92 6.34
C ASP B 353 4.28 -12.34 5.53
N PHE B 354 5.32 -11.50 5.54
CA PHE B 354 6.59 -11.87 4.94
C PHE B 354 7.24 -12.99 5.76
N LEU B 355 7.27 -12.80 7.08
CA LEU B 355 7.85 -13.80 7.97
C LEU B 355 7.25 -15.20 7.74
N VAL B 356 5.94 -15.28 7.61
CA VAL B 356 5.33 -16.58 7.38
C VAL B 356 5.76 -17.07 6.00
N TRP B 357 5.62 -16.20 5.01
CA TRP B 357 5.93 -16.49 3.61
C TRP B 357 7.30 -17.10 3.42
N ILE B 358 8.32 -16.38 3.89
CA ILE B 358 9.69 -16.91 4.00
C ILE B 358 9.72 -18.31 4.66
N SER B 359 9.10 -18.41 5.83
CA SER B 359 9.15 -19.71 6.58
C SER B 359 8.49 -20.86 5.81
N LYS B 360 7.47 -20.53 5.00
CA LYS B 360 6.72 -21.50 4.21
C LYS B 360 7.29 -21.78 2.78
N ARG B 361 8.30 -21.04 2.35
CA ARG B 361 8.96 -21.48 1.12
C ARG B 361 10.24 -22.30 1.40
N TYR B 362 10.87 -21.98 2.54
CA TYR B 362 12.18 -22.53 2.89
C TYR B 362 12.23 -23.38 4.19
N GLY B 363 11.05 -23.76 4.69
CA GLY B 363 10.93 -24.60 5.89
C GLY B 363 11.46 -24.01 7.20
N TYR B 364 10.94 -22.84 7.60
CA TYR B 364 11.13 -22.34 8.97
C TYR B 364 12.60 -22.29 9.51
N PRO B 365 13.50 -21.51 8.87
CA PRO B 365 14.88 -21.34 9.35
C PRO B 365 14.99 -20.37 10.54
N PRO B 366 16.14 -20.36 11.27
CA PRO B 366 16.20 -19.29 12.23
C PRO B 366 16.55 -17.92 11.52
N ILE B 367 15.73 -16.91 11.84
CA ILE B 367 15.64 -15.64 11.17
C ILE B 367 16.12 -14.56 12.12
N TYR B 368 16.88 -13.59 11.59
CA TYR B 368 17.21 -12.40 12.34
C TYR B 368 16.59 -11.26 11.56
N VAL B 369 15.73 -10.44 12.19
CA VAL B 369 15.40 -9.17 11.56
C VAL B 369 16.68 -8.35 11.64
N THR B 370 17.47 -8.39 10.58
CA THR B 370 18.65 -7.53 10.49
C THR B 370 18.26 -6.02 10.38
N GLU B 371 17.03 -5.72 9.91
CA GLU B 371 16.61 -4.31 9.70
C GLU B 371 15.10 -4.00 9.77
N ASN B 372 14.76 -3.06 10.66
CA ASN B 372 13.42 -2.49 10.73
C ASN B 372 13.42 -1.03 11.24
N GLY B 373 12.54 -0.17 10.70
CA GLY B 373 12.56 1.24 11.09
C GLY B 373 11.88 2.20 10.13
N ALA B 374 11.86 3.50 10.51
CA ALA B 374 11.16 4.50 9.74
C ALA B 374 11.83 5.86 9.71
N ALA B 375 11.58 6.64 8.65
CA ALA B 375 12.02 8.02 8.62
C ALA B 375 10.83 8.94 8.77
N PHE B 376 10.88 9.74 9.83
CA PHE B 376 9.97 10.85 10.01
C PHE B 376 10.86 12.05 10.16
N ASP B 377 10.30 13.24 9.99
CA ASP B 377 11.13 14.46 10.04
C ASP B 377 11.30 14.96 11.46
N ASP B 378 12.13 14.26 12.24
CA ASP B 378 12.42 14.59 13.63
C ASP B 378 13.01 16.03 13.81
N VAL B 379 12.43 16.76 14.77
CA VAL B 379 12.85 18.12 15.17
C VAL B 379 12.99 18.19 16.70
N VAL B 380 13.95 19.02 17.14
CA VAL B 380 14.19 19.18 18.56
C VAL B 380 13.19 20.23 19.07
N SER B 381 12.40 19.87 20.09
CA SER B 381 11.49 20.82 20.74
C SER B 381 12.31 21.57 21.78
N GLU B 382 11.80 22.72 22.26
CA GLU B 382 12.56 23.56 23.19
C GLU B 382 12.87 22.75 24.50
N ASP B 383 12.11 21.70 24.74
CA ASP B 383 12.43 20.73 25.79
C ASP B 383 13.84 20.11 25.64
N GLY B 384 14.40 20.18 24.42
CA GLY B 384 15.68 19.51 24.06
C GLY B 384 15.55 18.01 23.77
N ARG B 385 14.45 17.62 23.12
CA ARG B 385 14.16 16.21 22.88
C ARG B 385 13.11 15.99 21.78
N VAL B 386 13.55 15.24 20.76
CA VAL B 386 12.67 14.73 19.70
C VAL B 386 11.58 13.85 20.29
N HIS B 387 10.33 14.25 20.04
CA HIS B 387 9.20 13.47 20.51
C HIS B 387 8.60 12.72 19.34
N ASP B 388 9.14 11.53 19.08
CA ASP B 388 8.82 10.88 17.82
C ASP B 388 7.79 9.80 17.99
N GLN B 389 6.52 10.21 18.08
CA GLN B 389 5.46 9.21 18.28
C GLN B 389 5.34 8.28 17.07
N ASN B 390 5.17 8.89 15.89
CA ASN B 390 4.97 8.16 14.66
C ASN B 390 6.04 7.08 14.51
N ARG B 391 7.21 7.33 15.10
CA ARG B 391 8.28 6.31 15.19
C ARG B 391 7.93 5.15 16.13
N ILE B 392 7.37 5.43 17.30
CA ILE B 392 6.90 4.35 18.16
C ILE B 392 5.64 3.62 17.59
N ASP B 393 4.82 4.37 16.83
CA ASP B 393 3.69 3.81 16.07
C ASP B 393 4.20 2.93 14.91
N TYR B 394 5.46 3.14 14.59
CA TYR B 394 6.07 2.22 13.69
C TYR B 394 6.53 1.01 14.47
N LEU B 395 7.31 1.23 15.52
CA LEU B 395 7.98 0.11 16.17
C LEU B 395 7.05 -0.74 17.02
N LYS B 396 6.09 -0.13 17.74
CA LYS B 396 5.11 -0.96 18.47
C LYS B 396 4.54 -1.92 17.41
N ALA B 397 3.87 -1.38 16.37
CA ALA B 397 3.15 -2.20 15.38
C ALA B 397 3.96 -3.38 14.84
N TYR B 398 5.19 -3.11 14.42
CA TYR B 398 6.00 -4.14 13.76
C TYR B 398 6.38 -5.25 14.74
N ILE B 399 6.91 -4.86 15.89
CA ILE B 399 7.24 -5.86 16.93
C ILE B 399 5.92 -6.53 17.42
N GLY B 400 4.86 -5.72 17.43
CA GLY B 400 3.49 -6.21 17.51
C GLY B 400 3.27 -7.35 16.52
N ALA B 401 3.45 -7.08 15.24
CA ALA B 401 3.32 -8.13 14.21
C ALA B 401 4.18 -9.33 14.54
N MET B 402 5.46 -9.06 14.80
CA MET B 402 6.48 -10.10 15.00
C MET B 402 6.09 -11.17 16.04
N VAL B 403 5.69 -10.83 17.27
CA VAL B 403 5.25 -11.91 18.18
C VAL B 403 4.19 -12.81 17.57
N THR B 404 3.19 -12.25 16.89
CA THR B 404 2.14 -13.05 16.25
C THR B 404 2.76 -13.97 15.20
N ALA B 405 3.80 -13.48 14.52
CA ALA B 405 4.59 -14.31 13.63
C ALA B 405 5.22 -15.45 14.42
N VAL B 406 5.96 -15.10 15.47
CA VAL B 406 6.47 -16.10 16.40
C VAL B 406 5.32 -16.97 17.01
N GLU B 407 4.46 -16.39 17.85
CA GLU B 407 3.50 -17.20 18.63
C GLU B 407 2.46 -18.01 17.80
N LEU B 408 1.72 -17.34 16.91
CA LEU B 408 0.56 -17.97 16.25
C LEU B 408 0.91 -18.76 14.95
N ASP B 409 2.00 -18.40 14.24
CA ASP B 409 2.44 -19.12 12.99
C ASP B 409 3.76 -19.87 13.18
N GLY B 410 4.36 -19.62 14.35
CA GLY B 410 5.60 -20.25 14.77
C GLY B 410 6.66 -20.08 13.73
N VAL B 411 7.15 -18.85 13.58
CA VAL B 411 8.35 -18.67 12.82
C VAL B 411 9.50 -18.33 13.74
N ASN B 412 10.61 -19.08 13.56
CA ASN B 412 11.78 -19.06 14.46
C ASN B 412 12.71 -17.84 14.32
N VAL B 413 12.12 -16.69 14.68
CA VAL B 413 12.78 -15.38 14.70
C VAL B 413 13.69 -15.33 15.91
N LYS B 414 15.01 -15.37 15.69
CA LYS B 414 15.91 -15.47 16.85
C LYS B 414 16.52 -14.11 17.26
N GLY B 415 16.24 -13.03 16.50
CA GLY B 415 16.71 -11.66 16.84
C GLY B 415 16.12 -10.43 16.09
N TYR B 416 16.42 -9.22 16.57
CA TYR B 416 15.79 -8.00 16.03
C TYR B 416 16.61 -6.69 16.08
N PHE B 417 16.96 -6.17 14.90
CA PHE B 417 17.85 -5.00 14.82
C PHE B 417 17.21 -3.76 14.22
N VAL B 418 17.17 -2.73 15.05
CA VAL B 418 16.44 -1.54 14.71
C VAL B 418 17.33 -0.68 13.85
N TRP B 419 16.78 -0.25 12.72
CA TRP B 419 17.46 0.64 11.83
C TRP B 419 16.97 2.01 12.11
N SER B 420 17.83 2.94 12.56
CA SER B 420 19.17 2.65 13.07
C SER B 420 19.35 3.27 14.46
N LEU B 421 20.46 2.93 15.13
CA LEU B 421 20.89 3.67 16.34
C LEU B 421 20.85 5.11 15.94
N LEU B 422 21.83 5.57 15.18
CA LEU B 422 22.00 6.98 15.02
C LEU B 422 21.51 7.37 13.62
N ASP B 423 20.84 8.53 13.49
CA ASP B 423 20.59 9.11 12.18
C ASP B 423 21.92 9.04 11.43
N ASN B 424 21.90 9.16 10.09
CA ASN B 424 23.07 8.84 9.22
C ASN B 424 22.81 9.27 7.80
N PHE B 425 23.61 8.71 6.87
CA PHE B 425 23.64 9.09 5.42
C PHE B 425 22.74 8.12 4.67
N GLU B 426 21.56 8.62 4.28
CA GLU B 426 20.53 7.79 3.70
C GLU B 426 20.73 7.74 2.17
N TRP B 427 21.93 7.31 1.79
CA TRP B 427 22.36 7.15 0.40
C TRP B 427 22.05 8.31 -0.50
N ALA B 428 21.52 8.09 -1.70
CA ALA B 428 21.33 9.16 -2.70
C ALA B 428 20.33 10.16 -2.19
N GLU B 429 19.98 9.99 -0.94
CA GLU B 429 18.99 10.80 -0.29
C GLU B 429 19.75 11.78 0.59
N GLY B 430 21.03 11.52 0.78
CA GLY B 430 21.87 12.32 1.64
C GLY B 430 21.42 12.26 3.08
N TYR B 431 21.43 13.43 3.74
CA TYR B 431 20.93 13.54 5.13
C TYR B 431 19.54 14.10 5.23
N SER B 432 18.79 14.07 4.13
CA SER B 432 17.39 14.47 4.16
C SER B 432 16.53 13.57 5.03
N LYS B 433 17.03 12.38 5.47
CA LYS B 433 16.13 11.34 6.04
C LYS B 433 16.58 10.58 7.32
N ARG B 434 15.87 10.79 8.43
CA ARG B 434 16.28 10.25 9.71
C ARG B 434 15.62 8.91 10.13
N PHE B 435 16.46 7.92 10.46
CA PHE B 435 15.99 6.62 10.91
C PHE B 435 16.52 6.38 12.31
N GLY B 436 17.26 7.36 12.84
CA GLY B 436 17.89 7.24 14.16
C GLY B 436 16.96 6.92 15.37
N ILE B 437 17.25 5.89 16.15
CA ILE B 437 16.80 5.89 17.56
C ILE B 437 17.50 7.05 18.32
N VAL B 438 18.45 7.74 17.68
CA VAL B 438 19.21 8.80 18.32
C VAL B 438 19.30 9.89 17.29
N TYR B 439 19.04 11.14 17.67
CA TYR B 439 19.07 12.24 16.73
C TYR B 439 20.45 12.85 16.74
N VAL B 440 21.16 12.81 15.61
CA VAL B 440 22.47 13.46 15.53
C VAL B 440 22.27 14.86 14.98
N ASP B 441 22.60 15.88 15.77
CA ASP B 441 22.56 17.27 15.29
C ASP B 441 23.79 17.39 14.45
N TYR B 442 23.66 17.61 13.15
CA TYR B 442 24.87 17.52 12.30
C TYR B 442 25.81 18.71 12.45
N SER B 443 25.38 19.78 13.14
CA SER B 443 26.28 20.98 13.27
C SER B 443 27.31 20.73 14.37
N THR B 444 26.79 20.46 15.58
CA THR B 444 27.61 20.07 16.69
C THR B 444 27.25 18.65 16.82
N GLN B 445 28.18 17.76 16.47
CA GLN B 445 27.93 16.28 16.43
C GLN B 445 27.24 15.73 17.68
N LYS B 446 26.28 16.47 18.22
CA LYS B 446 25.65 16.10 19.49
C LYS B 446 24.66 14.93 19.27
N ARG B 447 24.58 14.04 20.25
CA ARG B 447 23.65 12.94 20.16
C ARG B 447 22.52 13.12 21.18
N ILE B 448 21.28 13.25 20.70
CA ILE B 448 20.12 13.40 21.58
C ILE B 448 19.26 12.19 21.35
N VAL B 449 19.25 11.30 22.35
CA VAL B 449 18.45 10.05 22.32
C VAL B 449 16.98 10.42 22.24
N LYS B 450 16.35 9.93 21.18
CA LYS B 450 14.93 10.15 20.96
C LYS B 450 14.05 9.33 21.92
N ASP B 451 12.80 9.78 22.06
CA ASP B 451 11.83 9.18 22.96
C ASP B 451 11.75 7.73 22.60
N SER B 452 11.76 7.48 21.28
CA SER B 452 11.67 6.10 20.81
C SER B 452 12.82 5.25 21.35
N GLY B 453 13.99 5.88 21.49
CA GLY B 453 15.17 5.22 22.08
C GLY B 453 14.89 4.67 23.48
N TYR B 454 14.39 5.56 24.33
CA TYR B 454 13.99 5.23 25.68
C TYR B 454 12.88 4.19 25.62
N TRP B 455 12.00 4.37 24.61
CA TRP B 455 10.87 3.47 24.39
C TRP B 455 11.37 2.10 24.09
N TYR B 456 12.30 2.08 23.12
CA TYR B 456 12.98 0.86 22.72
C TYR B 456 13.70 0.24 23.94
N SER B 457 14.49 1.07 24.62
CA SER B 457 15.16 0.70 25.87
C SER B 457 14.21 -0.20 26.65
N ASN B 458 13.01 0.32 26.94
CA ASN B 458 12.01 -0.40 27.74
C ASN B 458 11.58 -1.76 27.14
N VAL B 459 11.59 -1.85 25.80
CA VAL B 459 11.27 -3.13 25.12
C VAL B 459 12.39 -4.15 25.31
N VAL B 460 13.66 -3.70 25.17
CA VAL B 460 14.80 -4.54 25.55
C VAL B 460 14.68 -5.08 27.00
N LYS B 461 14.36 -4.21 27.95
CA LYS B 461 14.35 -4.56 29.37
C LYS B 461 13.26 -5.61 29.72
N ASN B 462 12.00 -5.17 29.72
CA ASN B 462 10.82 -6.02 29.57
C ASN B 462 11.04 -7.31 28.75
N ASN B 463 11.95 -7.24 27.77
CA ASN B 463 12.05 -8.25 26.70
C ASN B 463 10.69 -8.49 26.04
N GLY B 464 10.05 -7.38 25.61
CA GLY B 464 8.67 -7.43 25.13
C GLY B 464 7.97 -6.09 25.15
N LEU B 465 6.73 -6.08 24.64
CA LEU B 465 5.98 -4.84 24.41
C LEU B 465 5.26 -4.26 25.67
N GLU B 466 5.64 -2.99 25.94
CA GLU B 466 5.12 -2.17 27.06
C GLU B 466 3.96 -2.81 27.85
N LYS C 11 -9.57 5.53 10.43
CA LYS C 11 -9.79 4.05 10.60
C LYS C 11 -11.25 3.62 10.39
N LYS C 12 -11.91 4.25 9.40
CA LYS C 12 -13.29 3.95 9.03
C LYS C 12 -13.40 2.59 8.29
N PHE C 13 -14.65 2.16 8.04
CA PHE C 13 -14.96 0.97 7.23
C PHE C 13 -15.53 1.37 5.85
N PRO C 14 -16.14 0.41 5.09
CA PRO C 14 -16.76 0.87 3.86
C PRO C 14 -18.20 1.37 4.08
N GLU C 15 -18.80 1.85 2.97
CA GLU C 15 -20.05 2.63 3.02
C GLU C 15 -21.28 1.84 3.52
N GLY C 16 -21.75 2.20 4.71
CA GLY C 16 -22.81 1.43 5.34
C GLY C 16 -22.41 -0.01 5.67
N PHE C 17 -21.26 -0.14 6.33
CA PHE C 17 -20.80 -1.39 6.90
C PHE C 17 -21.78 -1.72 8.01
N LEU C 18 -22.45 -2.87 7.94
CA LEU C 18 -23.62 -3.12 8.80
C LEU C 18 -23.26 -3.52 10.23
N TRP C 19 -22.93 -2.56 11.09
CA TRP C 19 -22.65 -2.85 12.52
C TRP C 19 -23.80 -3.57 13.17
N GLY C 20 -23.67 -3.90 14.47
CA GLY C 20 -24.83 -4.40 15.23
C GLY C 20 -24.67 -5.41 16.36
N VAL C 21 -25.83 -5.88 16.86
CA VAL C 21 -25.96 -6.87 17.95
C VAL C 21 -26.88 -8.02 17.49
N ALA C 22 -26.83 -9.16 18.21
CA ALA C 22 -27.66 -10.35 17.91
C ALA C 22 -28.05 -11.00 19.22
N THR C 23 -29.16 -11.77 19.14
CA THR C 23 -29.72 -12.53 20.25
C THR C 23 -30.43 -13.71 19.61
N ALA C 24 -30.10 -14.93 20.08
CA ALA C 24 -30.93 -16.15 19.82
C ALA C 24 -32.33 -15.96 20.41
N SER C 25 -33.30 -16.73 19.92
CA SER C 25 -34.65 -16.66 20.50
C SER C 25 -34.69 -17.31 21.90
N TYR C 26 -34.63 -18.65 21.98
CA TYR C 26 -34.73 -19.33 23.29
C TYR C 26 -33.71 -18.82 24.33
N GLN C 27 -32.73 -18.04 23.84
CA GLN C 27 -31.67 -17.48 24.67
C GLN C 27 -32.23 -17.02 26.04
N GLU C 29 -35.04 -14.90 24.76
CA GLU C 29 -36.47 -14.76 25.14
C GLU C 29 -36.73 -15.29 26.56
N GLY C 30 -37.38 -16.47 26.63
CA GLY C 30 -37.81 -17.02 27.89
C GLY C 30 -39.32 -17.15 27.83
N SER C 31 -39.90 -17.66 28.93
CA SER C 31 -41.31 -18.04 28.95
C SER C 31 -41.65 -18.81 27.66
N PRO C 32 -41.24 -20.09 27.60
CA PRO C 32 -41.43 -20.99 26.45
C PRO C 32 -42.89 -21.32 26.10
N LEU C 33 -43.69 -21.69 27.10
CA LEU C 33 -45.00 -22.37 26.89
C LEU C 33 -46.20 -21.46 26.65
N ALA C 34 -46.28 -20.34 27.39
CA ALA C 34 -47.41 -19.43 27.29
C ALA C 34 -47.51 -18.78 25.91
N ASP C 35 -48.71 -18.81 25.32
CA ASP C 35 -49.00 -18.04 24.10
C ASP C 35 -49.80 -18.75 23.00
N GLY C 36 -49.90 -20.09 23.09
CA GLY C 36 -50.51 -20.92 22.05
C GLY C 36 -49.46 -21.70 21.26
N ALA C 37 -48.32 -21.93 21.91
CA ALA C 37 -47.13 -22.42 21.24
C ALA C 37 -46.77 -23.80 21.72
N GLY C 38 -46.35 -24.64 20.79
CA GLY C 38 -45.96 -26.02 21.09
C GLY C 38 -44.69 -26.19 21.88
N MET C 39 -44.36 -27.45 22.15
CA MET C 39 -43.19 -27.81 22.95
C MET C 39 -41.91 -27.67 22.12
N SER C 40 -40.85 -27.15 22.72
CA SER C 40 -39.54 -27.01 22.07
C SER C 40 -38.61 -28.16 22.47
N ILE C 41 -37.74 -28.59 21.55
CA ILE C 41 -36.72 -29.58 21.85
C ILE C 41 -35.93 -29.15 23.09
N TRP C 42 -35.47 -27.90 23.06
CA TRP C 42 -34.65 -27.33 24.13
C TRP C 42 -35.40 -27.09 25.43
N HIS C 43 -36.73 -27.06 25.38
CA HIS C 43 -37.50 -27.08 26.62
C HIS C 43 -37.26 -28.39 27.33
N THR C 44 -37.82 -29.46 26.76
CA THR C 44 -37.69 -30.82 27.28
C THR C 44 -36.27 -31.11 27.77
N PHE C 45 -35.28 -30.65 27.00
CA PHE C 45 -33.86 -30.88 27.30
C PHE C 45 -33.35 -30.07 28.50
N SER C 46 -33.75 -28.80 28.60
CA SER C 46 -33.28 -27.97 29.71
C SER C 46 -34.00 -28.36 31.00
N HIS C 47 -35.13 -29.04 30.82
CA HIS C 47 -35.94 -29.56 31.92
C HIS C 47 -35.39 -30.86 32.46
N THR C 48 -35.25 -31.87 31.59
CA THR C 48 -34.63 -33.14 31.99
C THR C 48 -33.32 -32.86 32.71
N PRO C 49 -33.12 -33.45 33.90
CA PRO C 49 -32.09 -32.96 34.81
C PRO C 49 -30.72 -33.62 34.66
N GLY C 50 -29.67 -32.83 34.87
CA GLY C 50 -28.30 -33.31 34.80
C GLY C 50 -27.53 -32.78 33.60
N ASN C 51 -28.25 -32.24 32.62
CA ASN C 51 -27.60 -31.86 31.37
C ASN C 51 -27.28 -30.37 31.16
N VAL C 52 -28.13 -29.44 31.65
CA VAL C 52 -27.77 -28.01 31.72
C VAL C 52 -27.02 -27.75 33.04
N LYS C 53 -26.38 -26.59 33.19
CA LYS C 53 -25.41 -26.42 34.30
C LYS C 53 -25.99 -26.09 35.68
N ASN C 54 -26.46 -24.85 35.86
CA ASN C 54 -27.01 -24.42 37.15
C ASN C 54 -28.41 -24.95 37.31
N GLY C 55 -28.61 -26.22 36.92
CA GLY C 55 -29.93 -26.85 36.84
C GLY C 55 -30.97 -25.98 36.13
N ASP C 56 -30.48 -24.94 35.44
CA ASP C 56 -31.32 -23.90 34.85
C ASP C 56 -32.28 -24.40 33.78
N THR C 57 -33.03 -23.48 33.20
CA THR C 57 -33.96 -23.75 32.11
C THR C 57 -34.10 -22.50 31.28
N GLY C 58 -34.80 -22.60 30.16
CA GLY C 58 -35.19 -21.41 29.40
C GLY C 58 -36.28 -20.59 30.07
N ASP C 59 -37.02 -21.21 30.98
CA ASP C 59 -38.29 -20.70 31.52
C ASP C 59 -38.28 -19.22 31.91
N VAL C 60 -37.29 -18.81 32.70
CA VAL C 60 -37.14 -17.41 33.08
C VAL C 60 -36.39 -16.65 31.98
N ALA C 61 -35.06 -16.79 31.96
CA ALA C 61 -34.20 -16.15 30.95
C ALA C 61 -34.41 -14.64 30.84
N CYS C 62 -34.31 -14.11 29.62
CA CYS C 62 -34.27 -12.65 29.37
C CYS C 62 -35.59 -11.88 29.59
N ASP C 63 -36.69 -12.60 29.89
CA ASP C 63 -38.05 -12.03 29.98
C ASP C 63 -38.53 -11.35 28.69
N HIS C 64 -37.68 -11.35 27.66
CA HIS C 64 -37.95 -10.68 26.36
C HIS C 64 -39.28 -11.00 25.73
N TYR C 65 -39.92 -12.10 26.15
CA TYR C 65 -41.32 -12.33 25.77
C TYR C 65 -42.04 -11.00 26.10
N ASN C 66 -42.06 -10.66 27.38
CA ASN C 66 -42.58 -9.39 27.84
C ASN C 66 -41.59 -8.26 27.55
N ARG C 67 -40.41 -8.30 28.17
CA ARG C 67 -39.48 -7.16 28.18
C ARG C 67 -38.96 -6.61 26.82
N TRP C 68 -39.39 -7.22 25.70
CA TRP C 68 -39.07 -6.67 24.37
C TRP C 68 -39.48 -5.22 24.35
N LYS C 69 -40.47 -4.91 25.20
CA LYS C 69 -40.95 -3.57 25.46
C LYS C 69 -39.85 -2.48 25.43
N GLU C 70 -38.88 -2.60 26.34
CA GLU C 70 -37.75 -1.69 26.46
C GLU C 70 -36.58 -2.09 25.55
N ASP C 71 -36.42 -3.41 25.41
CA ASP C 71 -35.24 -4.04 24.81
C ASP C 71 -34.89 -3.45 23.45
N ILE C 72 -35.71 -3.73 22.44
CA ILE C 72 -35.48 -3.29 21.06
C ILE C 72 -35.10 -1.82 20.96
N GLU C 73 -35.36 -1.06 22.04
CA GLU C 73 -35.06 0.38 22.09
C GLU C 73 -33.68 0.70 22.69
N ILE C 74 -33.06 -0.27 23.36
CA ILE C 74 -31.66 -0.13 23.77
C ILE C 74 -30.80 0.05 22.52
N ILE C 75 -31.12 -0.75 21.49
CA ILE C 75 -30.43 -0.72 20.19
C ILE C 75 -30.47 0.63 19.47
N GLU C 76 -31.62 1.33 19.51
CA GLU C 76 -31.69 2.69 18.94
C GLU C 76 -31.05 3.69 19.90
N LYS C 77 -31.17 3.43 21.20
CA LYS C 77 -30.49 4.22 22.23
C LYS C 77 -28.96 4.24 22.10
N LEU C 78 -28.38 3.05 21.85
CA LEU C 78 -26.93 2.89 21.75
C LEU C 78 -26.41 3.33 20.38
N GLY C 79 -27.18 3.00 19.33
CA GLY C 79 -26.82 3.39 17.98
C GLY C 79 -26.50 2.23 17.07
N VAL C 80 -26.83 1.03 17.55
CA VAL C 80 -26.75 -0.16 16.71
C VAL C 80 -27.85 -0.07 15.62
N LYS C 81 -27.49 -0.53 14.41
CA LYS C 81 -28.42 -0.55 13.27
C LYS C 81 -28.89 -1.98 12.80
N ALA C 82 -28.89 -2.98 13.70
CA ALA C 82 -29.21 -4.34 13.25
C ALA C 82 -29.77 -5.36 14.25
N TYR C 83 -30.92 -5.94 13.90
CA TYR C 83 -31.40 -7.12 14.56
C TYR C 83 -30.98 -8.38 13.78
N ARG C 84 -30.22 -9.23 14.44
CA ARG C 84 -30.12 -10.59 14.02
C ARG C 84 -30.84 -11.24 15.18
N PHE C 85 -32.06 -11.73 14.89
CA PHE C 85 -32.95 -12.33 15.91
C PHE C 85 -33.61 -13.59 15.34
N SER C 86 -34.03 -14.48 16.23
CA SER C 86 -34.59 -15.75 15.81
C SER C 86 -36.10 -15.88 16.12
N ILE C 87 -36.64 -17.07 15.78
CA ILE C 87 -38.05 -17.37 15.90
C ILE C 87 -38.14 -18.80 16.43
N SER C 88 -38.77 -18.98 17.59
CA SER C 88 -38.93 -20.33 18.13
C SER C 88 -39.99 -21.01 17.29
N TRP C 89 -39.54 -21.93 16.44
CA TRP C 89 -40.46 -22.74 15.65
C TRP C 89 -41.76 -23.00 16.39
N PRO C 90 -41.70 -23.47 17.66
CA PRO C 90 -42.93 -23.77 18.43
C PRO C 90 -43.89 -22.57 18.68
N ARG C 91 -43.34 -21.35 18.66
CA ARG C 91 -44.16 -20.13 18.71
C ARG C 91 -44.97 -20.01 17.42
N ILE C 92 -44.28 -20.00 16.27
CA ILE C 92 -44.94 -19.91 14.95
C ILE C 92 -45.76 -21.16 14.54
N LEU C 93 -45.35 -22.33 15.04
CA LEU C 93 -46.01 -23.58 14.68
C LEU C 93 -45.89 -24.61 15.82
N PRO C 94 -47.04 -24.94 16.47
CA PRO C 94 -46.99 -25.85 17.61
C PRO C 94 -46.65 -27.27 17.21
N GLU C 95 -46.97 -27.62 15.97
CA GLU C 95 -46.60 -28.92 15.43
C GLU C 95 -45.33 -28.81 14.62
N GLY C 96 -45.28 -27.78 13.75
CA GLY C 96 -44.31 -27.73 12.66
C GLY C 96 -44.97 -28.23 11.38
N THR C 97 -46.26 -28.55 11.49
CA THR C 97 -47.13 -28.89 10.37
C THR C 97 -48.47 -28.19 10.63
N GLY C 98 -49.29 -28.02 9.59
CA GLY C 98 -50.65 -27.49 9.74
C GLY C 98 -50.84 -26.16 10.45
N ARG C 99 -51.99 -26.00 11.11
CA ARG C 99 -52.44 -24.71 11.68
C ARG C 99 -51.36 -23.89 12.43
N VAL C 100 -51.03 -22.73 11.87
CA VAL C 100 -50.04 -21.84 12.49
C VAL C 100 -50.68 -21.00 13.60
N ASN C 101 -49.95 -20.84 14.72
CA ASN C 101 -50.40 -20.02 15.84
C ASN C 101 -50.24 -18.52 15.55
N GLN C 102 -51.28 -17.75 15.91
CA GLN C 102 -51.38 -16.32 15.61
C GLN C 102 -50.72 -15.41 16.65
N LYS C 103 -50.84 -15.77 17.94
CA LYS C 103 -50.24 -14.98 19.03
C LYS C 103 -48.71 -14.83 18.91
N GLY C 104 -48.09 -15.72 18.13
CA GLY C 104 -46.65 -15.69 17.82
C GLY C 104 -46.30 -14.78 16.64
N LEU C 105 -46.75 -15.17 15.44
CA LEU C 105 -46.50 -14.37 14.22
C LEU C 105 -47.09 -12.95 14.28
N ASP C 106 -47.76 -12.63 15.39
CA ASP C 106 -48.10 -11.25 15.72
C ASP C 106 -46.89 -10.65 16.46
N PHE C 107 -46.50 -11.36 17.51
CA PHE C 107 -45.47 -10.94 18.45
C PHE C 107 -44.19 -10.44 17.75
N TYR C 108 -43.66 -11.26 16.87
CA TYR C 108 -42.50 -10.95 16.06
C TYR C 108 -42.76 -9.74 15.16
N ASN C 109 -43.97 -9.66 14.62
CA ASN C 109 -44.38 -8.51 13.81
C ASN C 109 -44.31 -7.21 14.59
N ARG C 110 -44.77 -7.24 15.84
CA ARG C 110 -44.65 -6.09 16.75
C ARG C 110 -43.19 -5.75 17.06
N ILE C 111 -42.37 -6.81 17.23
CA ILE C 111 -40.93 -6.70 17.48
C ILE C 111 -40.19 -6.10 16.27
N ILE C 112 -40.36 -6.76 15.12
CA ILE C 112 -39.90 -6.22 13.83
C ILE C 112 -40.45 -4.81 13.56
N ASP C 113 -41.71 -4.59 13.94
CA ASP C 113 -42.42 -3.32 13.76
C ASP C 113 -41.73 -2.23 14.55
N THR C 114 -41.48 -2.52 15.83
CA THR C 114 -40.70 -1.61 16.68
C THR C 114 -39.36 -1.32 16.00
N LEU C 115 -38.71 -2.40 15.55
CA LEU C 115 -37.42 -2.35 14.87
C LEU C 115 -37.38 -1.45 13.60
N LEU C 116 -38.05 -1.87 12.53
CA LEU C 116 -38.01 -1.17 11.23
C LEU C 116 -38.56 0.28 11.27
N GLU C 117 -39.62 0.51 12.05
CA GLU C 117 -40.17 1.87 12.27
C GLU C 117 -39.12 2.75 12.93
N LYS C 118 -38.29 2.13 13.77
CA LYS C 118 -37.16 2.80 14.39
C LYS C 118 -35.89 2.71 13.49
N GLY C 119 -36.09 2.45 12.21
CA GLY C 119 -35.00 2.48 11.22
C GLY C 119 -33.95 1.38 11.36
N ILE C 120 -34.33 0.28 11.99
CA ILE C 120 -33.41 -0.83 12.27
C ILE C 120 -33.65 -2.02 11.32
N THR C 121 -32.55 -2.47 10.69
CA THR C 121 -32.55 -3.54 9.71
C THR C 121 -32.93 -4.89 10.36
N PRO C 122 -33.91 -5.62 9.77
CA PRO C 122 -34.13 -7.00 10.21
C PRO C 122 -33.36 -8.03 9.37
N PHE C 123 -33.17 -9.23 9.95
CA PHE C 123 -32.36 -10.29 9.36
C PHE C 123 -32.73 -11.67 9.93
N VAL C 124 -34.02 -12.01 9.87
CA VAL C 124 -34.63 -13.21 10.54
C VAL C 124 -33.74 -14.45 10.55
N THR C 125 -33.63 -15.07 11.74
CA THR C 125 -32.82 -16.28 11.92
C THR C 125 -33.77 -17.46 12.06
N ILE C 126 -34.10 -18.05 10.92
CA ILE C 126 -35.26 -18.90 10.77
C ILE C 126 -35.28 -20.21 11.60
N PHE C 127 -34.16 -20.54 12.27
CA PHE C 127 -33.96 -21.76 13.13
C PHE C 127 -32.65 -21.71 13.97
N HIS C 128 -32.79 -21.63 15.31
CA HIS C 128 -31.64 -21.47 16.22
C HIS C 128 -31.68 -22.48 17.34
N TRP C 129 -31.88 -23.75 16.93
CA TRP C 129 -31.97 -24.96 17.79
C TRP C 129 -33.23 -25.02 18.58
N ASP C 130 -34.16 -24.09 18.35
CA ASP C 130 -35.48 -24.05 19.05
C ASP C 130 -36.51 -24.92 18.31
N LEU C 131 -36.19 -26.21 18.12
CA LEU C 131 -37.08 -27.15 17.41
C LEU C 131 -38.43 -27.24 18.12
N PRO C 132 -39.44 -27.79 17.43
CA PRO C 132 -40.60 -28.25 18.19
C PRO C 132 -40.38 -29.69 18.65
N PHE C 133 -40.41 -29.91 19.97
CA PHE C 133 -40.39 -31.26 20.56
C PHE C 133 -41.43 -32.19 19.94
N ALA C 134 -42.46 -31.56 19.36
CA ALA C 134 -43.34 -32.17 18.37
C ALA C 134 -42.56 -32.95 17.29
N LEU C 135 -41.58 -32.31 16.66
CA LEU C 135 -40.82 -32.91 15.53
C LEU C 135 -39.74 -33.93 15.94
N GLN C 136 -39.50 -34.03 17.25
CA GLN C 136 -38.61 -35.03 17.80
C GLN C 136 -39.33 -36.37 17.76
N LEU C 137 -40.67 -36.31 17.75
CA LEU C 137 -41.51 -37.50 17.77
C LEU C 137 -41.40 -38.32 16.49
N LYS C 138 -40.79 -37.72 15.47
CA LYS C 138 -40.26 -38.48 14.34
C LYS C 138 -38.78 -38.14 14.13
N GLY C 139 -38.00 -38.28 15.21
CA GLY C 139 -36.54 -38.10 15.19
C GLY C 139 -35.91 -36.79 14.71
N GLY C 140 -36.65 -35.69 14.86
CA GLY C 140 -36.14 -34.38 14.47
C GLY C 140 -35.35 -34.37 13.15
N LEU C 141 -34.19 -33.71 13.16
CA LEU C 141 -33.36 -33.57 11.96
C LEU C 141 -32.59 -34.85 11.55
N LEU C 142 -32.85 -35.95 12.26
CA LEU C 142 -32.41 -37.27 11.84
C LEU C 142 -33.31 -37.81 10.73
N ASN C 143 -34.42 -37.10 10.51
CA ASN C 143 -35.45 -37.51 9.54
C ASN C 143 -35.22 -36.94 8.15
N ARG C 144 -35.00 -37.82 7.19
CA ARG C 144 -34.71 -37.43 5.80
C ARG C 144 -35.89 -36.70 5.09
N GLU C 145 -36.92 -36.32 5.85
CA GLU C 145 -38.06 -35.61 5.26
C GLU C 145 -38.25 -34.22 5.86
N ILE C 146 -37.19 -33.69 6.46
CA ILE C 146 -37.25 -32.35 7.07
C ILE C 146 -37.18 -31.27 5.97
N ALA C 147 -36.67 -31.68 4.80
CA ALA C 147 -36.71 -30.88 3.56
C ALA C 147 -38.12 -30.33 3.25
N ASP C 148 -39.08 -30.73 4.07
CA ASP C 148 -40.48 -30.46 3.84
C ASP C 148 -41.09 -29.69 5.01
N TRP C 149 -40.73 -30.06 6.24
CA TRP C 149 -41.16 -29.31 7.44
C TRP C 149 -40.64 -27.91 7.36
N PHE C 150 -39.35 -27.80 7.04
CA PHE C 150 -38.70 -26.51 6.81
C PHE C 150 -39.29 -25.84 5.56
N ALA C 151 -39.44 -26.60 4.47
CA ALA C 151 -40.07 -26.10 3.24
C ALA C 151 -41.38 -25.38 3.52
N GLU C 152 -42.17 -25.94 4.44
CA GLU C 152 -43.35 -25.27 4.95
C GLU C 152 -42.97 -24.03 5.76
N TYR C 153 -42.19 -24.27 6.82
CA TYR C 153 -41.86 -23.28 7.83
C TYR C 153 -41.25 -22.03 7.22
N SER C 154 -40.42 -22.24 6.20
CA SER C 154 -39.87 -21.17 5.37
C SER C 154 -41.02 -20.33 4.79
N ARG C 155 -41.71 -20.88 3.79
CA ARG C 155 -42.93 -20.30 3.22
C ARG C 155 -43.71 -19.51 4.29
N VAL C 156 -44.02 -20.18 5.41
CA VAL C 156 -44.72 -19.57 6.55
C VAL C 156 -43.97 -18.34 7.07
N LEU C 157 -42.80 -18.55 7.67
CA LEU C 157 -41.95 -17.44 8.09
C LEU C 157 -41.93 -16.39 6.99
N PHE C 158 -41.64 -16.82 5.75
CA PHE C 158 -41.47 -15.92 4.58
C PHE C 158 -42.56 -14.86 4.38
N GLU C 159 -43.80 -15.29 4.17
CA GLU C 159 -44.88 -14.37 3.79
C GLU C 159 -45.52 -13.58 4.95
N ASN C 160 -45.25 -14.02 6.18
CA ASN C 160 -45.65 -13.27 7.36
C ASN C 160 -44.81 -12.00 7.58
N PHE C 161 -43.50 -12.08 7.31
CA PHE C 161 -42.56 -10.96 7.58
C PHE C 161 -41.63 -10.60 6.40
N GLY C 162 -41.87 -11.21 5.24
CA GLY C 162 -41.03 -11.00 4.06
C GLY C 162 -41.25 -9.69 3.33
N ASP C 163 -42.34 -9.00 3.66
CA ASP C 163 -42.57 -7.64 3.16
C ASP C 163 -41.54 -6.69 3.77
N ARG C 164 -41.31 -6.88 5.07
CA ARG C 164 -40.34 -6.09 5.84
C ARG C 164 -38.97 -6.79 5.84
N VAL C 165 -38.81 -7.79 6.71
CA VAL C 165 -37.54 -8.52 6.85
C VAL C 165 -37.03 -9.03 5.50
N LYS C 166 -36.05 -8.32 4.91
CA LYS C 166 -35.61 -8.58 3.54
C LYS C 166 -34.18 -9.19 3.41
N ASN C 167 -33.56 -9.45 4.57
CA ASN C 167 -32.34 -10.26 4.66
C ASN C 167 -32.56 -11.31 5.77
N TRP C 168 -32.27 -12.58 5.51
CA TRP C 168 -32.56 -13.65 6.48
C TRP C 168 -31.52 -14.77 6.52
N ILE C 169 -31.70 -15.70 7.49
CA ILE C 169 -30.77 -16.82 7.75
C ILE C 169 -31.56 -18.12 7.88
N THR C 170 -30.90 -19.24 7.60
CA THR C 170 -31.47 -20.57 7.79
C THR C 170 -31.10 -21.15 9.17
N PHE C 171 -29.89 -21.71 9.31
CA PHE C 171 -29.51 -22.37 10.58
C PHE C 171 -28.31 -21.70 11.28
N ASN C 172 -28.46 -21.41 12.57
CA ASN C 172 -27.30 -21.05 13.40
C ASN C 172 -26.45 -22.28 13.73
N GLU C 173 -25.24 -22.32 13.17
CA GLU C 173 -24.23 -23.33 13.49
C GLU C 173 -24.75 -24.78 13.34
N PRO C 174 -24.86 -25.23 12.07
CA PRO C 174 -25.23 -26.61 11.77
C PRO C 174 -24.49 -27.66 12.62
N LEU C 175 -23.18 -27.49 12.85
CA LEU C 175 -22.40 -28.46 13.64
C LEU C 175 -22.95 -28.58 15.06
N CYS C 176 -23.47 -27.49 15.63
CA CYS C 176 -24.03 -27.53 16.99
C CYS C 176 -25.44 -28.16 17.02
N SER C 177 -25.57 -29.21 16.21
CA SER C 177 -26.81 -29.89 15.98
C SER C 177 -26.38 -31.26 15.50
N ALA C 178 -25.14 -31.32 15.01
CA ALA C 178 -24.55 -32.58 14.68
C ALA C 178 -23.83 -33.12 15.93
N ILE C 179 -22.67 -32.51 16.22
CA ILE C 179 -21.71 -33.02 17.23
C ILE C 179 -22.26 -32.98 18.68
N PRO C 180 -22.51 -31.78 19.25
CA PRO C 180 -22.88 -31.79 20.67
C PRO C 180 -24.17 -32.56 20.98
N GLY C 181 -25.02 -32.74 19.97
CA GLY C 181 -26.41 -33.15 20.18
C GLY C 181 -26.61 -34.62 19.93
N TYR C 182 -26.20 -35.07 18.74
CA TYR C 182 -26.28 -36.49 18.35
C TYR C 182 -24.88 -37.11 18.31
N GLY C 183 -23.90 -36.36 18.83
CA GLY C 183 -22.50 -36.84 18.93
C GLY C 183 -22.12 -36.98 20.40
N SER C 184 -21.51 -35.91 20.95
CA SER C 184 -21.18 -35.85 22.38
C SER C 184 -22.39 -36.08 23.30
N GLY C 185 -23.56 -35.70 22.84
CA GLY C 185 -24.76 -35.76 23.67
C GLY C 185 -24.68 -34.78 24.82
N THR C 186 -24.57 -33.50 24.48
CA THR C 186 -24.39 -32.40 25.44
C THR C 186 -25.26 -31.15 25.16
N PHE C 187 -25.72 -31.00 23.92
CA PHE C 187 -26.87 -30.12 23.63
C PHE C 187 -28.01 -31.06 23.24
N ALA C 188 -29.14 -30.53 22.79
CA ALA C 188 -30.30 -31.38 22.55
C ALA C 188 -30.10 -32.28 21.32
N PRO C 189 -30.66 -33.51 21.38
CA PRO C 189 -31.40 -34.03 22.52
C PRO C 189 -30.52 -34.60 23.67
N GLY C 190 -29.25 -34.86 23.38
CA GLY C 190 -28.35 -35.50 24.35
C GLY C 190 -27.85 -36.85 23.87
N ARG C 191 -28.38 -37.29 22.71
CA ARG C 191 -27.95 -38.52 22.03
C ARG C 191 -26.44 -38.60 21.88
N GLN C 192 -25.90 -39.81 21.98
CA GLN C 192 -24.48 -40.02 21.76
C GLN C 192 -24.21 -41.13 20.73
N SER C 193 -23.95 -40.72 19.48
CA SER C 193 -23.85 -41.62 18.31
C SER C 193 -22.59 -41.39 17.46
N THR C 194 -22.29 -42.31 16.53
CA THR C 194 -21.15 -42.12 15.57
C THR C 194 -21.53 -42.12 14.08
N SER C 195 -22.73 -42.59 13.75
CA SER C 195 -23.23 -42.40 12.39
C SER C 195 -23.95 -41.07 12.36
N GLU C 196 -24.86 -40.90 13.35
CA GLU C 196 -25.88 -39.84 13.37
C GLU C 196 -25.50 -38.37 13.18
N PRO C 197 -24.39 -37.90 13.78
CA PRO C 197 -24.14 -36.46 13.57
C PRO C 197 -23.86 -36.15 12.11
N TRP C 198 -23.49 -37.19 11.34
CA TRP C 198 -23.12 -37.00 9.92
C TRP C 198 -24.30 -37.16 8.99
N THR C 199 -25.48 -37.25 9.58
CA THR C 199 -26.71 -37.35 8.80
C THR C 199 -27.68 -36.31 9.35
N VAL C 200 -27.84 -36.31 10.68
CA VAL C 200 -28.45 -35.19 11.38
C VAL C 200 -27.71 -33.89 11.04
N GLY C 201 -26.46 -34.02 10.59
CA GLY C 201 -25.74 -32.89 10.01
C GLY C 201 -25.94 -32.76 8.51
N HIS C 202 -26.18 -33.90 7.84
CA HIS C 202 -26.45 -33.91 6.40
C HIS C 202 -27.81 -33.36 6.06
N ASN C 203 -28.82 -33.72 6.85
CA ASN C 203 -30.18 -33.24 6.60
C ASN C 203 -30.26 -31.73 6.74
N ILE C 204 -29.51 -31.19 7.69
CA ILE C 204 -29.41 -29.74 7.87
C ILE C 204 -28.95 -29.12 6.53
N LEU C 205 -28.07 -29.81 5.80
CA LEU C 205 -27.58 -29.28 4.53
C LEU C 205 -28.58 -29.41 3.37
N VAL C 206 -29.55 -30.30 3.51
CA VAL C 206 -30.64 -30.36 2.54
C VAL C 206 -31.81 -29.45 2.98
N ALA C 207 -31.93 -29.22 4.30
CA ALA C 207 -33.02 -28.44 4.89
C ALA C 207 -32.93 -26.96 4.53
N HIS C 208 -31.84 -26.34 4.96
CA HIS C 208 -31.40 -25.03 4.47
C HIS C 208 -31.39 -25.06 2.96
N GLY C 209 -31.15 -26.24 2.40
CA GLY C 209 -31.16 -26.44 0.95
C GLY C 209 -32.53 -26.12 0.34
N ARG C 210 -33.56 -26.75 0.88
CA ARG C 210 -34.94 -26.54 0.42
C ARG C 210 -35.47 -25.14 0.77
N ALA C 211 -35.14 -24.67 1.98
CA ALA C 211 -35.63 -23.39 2.51
C ALA C 211 -34.92 -22.16 1.93
N VAL C 212 -34.19 -22.35 0.84
CA VAL C 212 -33.48 -21.26 0.16
C VAL C 212 -34.04 -21.02 -1.23
N LYS C 213 -34.53 -22.08 -1.87
CA LYS C 213 -35.11 -21.99 -3.21
C LYS C 213 -36.44 -21.25 -3.16
N VAL C 214 -37.15 -21.40 -2.04
CA VAL C 214 -38.46 -20.77 -1.85
C VAL C 214 -38.39 -19.25 -1.68
N PHE C 215 -37.26 -18.75 -1.17
CA PHE C 215 -37.01 -17.32 -1.04
C PHE C 215 -36.83 -16.66 -2.41
N ARG C 216 -36.35 -17.43 -3.40
CA ARG C 216 -36.21 -16.95 -4.78
C ARG C 216 -37.56 -16.83 -5.53
N GLU C 217 -38.64 -17.38 -4.95
CA GLU C 217 -39.97 -17.26 -5.53
C GLU C 217 -41.01 -16.87 -4.47
N THR C 218 -40.59 -16.06 -3.49
CA THR C 218 -41.52 -15.48 -2.50
C THR C 218 -41.05 -14.10 -2.00
N VAL C 219 -39.73 -13.88 -2.02
CA VAL C 219 -39.14 -12.60 -1.60
C VAL C 219 -38.49 -11.85 -2.78
N LYS C 220 -38.99 -10.64 -3.03
CA LYS C 220 -38.49 -9.80 -4.12
C LYS C 220 -37.15 -9.14 -3.80
N ASP C 221 -37.08 -8.47 -2.65
CA ASP C 221 -35.90 -7.69 -2.27
C ASP C 221 -34.85 -8.49 -1.48
N GLY C 222 -34.84 -9.81 -1.69
CA GLY C 222 -34.23 -10.74 -0.74
C GLY C 222 -32.76 -11.11 -0.80
N LYS C 223 -32.22 -11.42 0.38
CA LYS C 223 -30.93 -12.09 0.55
C LYS C 223 -31.08 -13.14 1.67
N ILE C 224 -30.52 -14.34 1.45
CA ILE C 224 -30.60 -15.43 2.46
C ILE C 224 -29.29 -16.19 2.56
N GLY C 225 -29.15 -17.03 3.59
CA GLY C 225 -27.92 -17.81 3.73
C GLY C 225 -27.60 -18.45 5.06
N ILE C 226 -26.65 -19.39 5.02
CA ILE C 226 -26.26 -20.20 6.18
C ILE C 226 -25.28 -19.51 7.11
N VAL C 227 -25.49 -19.70 8.41
CA VAL C 227 -24.51 -19.29 9.40
C VAL C 227 -23.62 -20.48 9.74
N LEU C 228 -22.31 -20.28 9.60
CA LEU C 228 -21.33 -21.32 9.93
C LEU C 228 -20.35 -20.84 10.98
N ASN C 229 -20.30 -21.57 12.10
CA ASN C 229 -19.23 -21.34 13.07
C ASN C 229 -18.04 -22.19 12.69
N GLY C 230 -16.87 -21.76 13.26
CA GLY C 230 -15.59 -22.27 12.80
C GLY C 230 -14.50 -21.38 13.36
N ASP C 231 -13.67 -22.02 14.16
CA ASP C 231 -12.55 -21.37 14.82
C ASP C 231 -11.36 -21.41 13.88
N PHE C 232 -10.30 -20.66 14.14
CA PHE C 232 -9.19 -20.82 13.21
C PHE C 232 -8.20 -21.91 13.62
N THR C 233 -7.11 -22.05 12.86
CA THR C 233 -6.26 -23.27 13.00
C THR C 233 -4.80 -22.98 12.76
N TYR C 234 -3.99 -23.14 13.80
CA TYR C 234 -2.53 -23.01 13.68
C TYR C 234 -1.83 -24.37 13.99
N PRO C 235 -0.70 -24.64 13.30
CA PRO C 235 0.03 -25.90 13.47
C PRO C 235 0.66 -26.01 14.86
N TRP C 236 0.53 -27.17 15.53
CA TRP C 236 1.29 -27.45 16.80
C TRP C 236 2.83 -27.30 16.65
N ASP C 237 3.42 -27.94 15.64
CA ASP C 237 4.82 -27.64 15.31
C ASP C 237 4.89 -27.28 13.82
N ALA C 238 5.02 -25.96 13.57
CA ALA C 238 4.87 -25.41 12.23
C ALA C 238 5.84 -26.11 11.32
N ALA C 239 6.90 -26.60 11.96
CA ALA C 239 8.02 -27.17 11.21
C ALA C 239 7.52 -28.43 10.50
N ASP C 240 6.77 -29.25 11.22
CA ASP C 240 6.32 -30.52 10.72
C ASP C 240 5.13 -30.39 9.74
N PRO C 241 5.36 -30.64 8.43
CA PRO C 241 4.33 -30.44 7.38
C PRO C 241 3.00 -31.07 7.68
N ALA C 242 3.04 -32.23 8.36
CA ALA C 242 1.86 -32.91 8.86
C ALA C 242 0.96 -31.92 9.62
N ASP C 243 1.55 -31.03 10.41
CA ASP C 243 0.67 -30.20 11.23
C ASP C 243 0.08 -29.09 10.36
N LYS C 244 0.88 -28.60 9.37
CA LYS C 244 0.30 -27.79 8.28
C LYS C 244 -0.81 -28.59 7.55
N GLU C 245 -0.50 -29.85 7.15
CA GLU C 245 -1.53 -30.72 6.56
C GLU C 245 -2.64 -30.64 7.52
N ALA C 246 -2.28 -30.72 8.81
CA ALA C 246 -3.29 -31.09 9.83
C ALA C 246 -4.28 -29.96 10.11
N ALA C 247 -3.71 -28.75 10.16
CA ALA C 247 -4.50 -27.59 10.46
C ALA C 247 -5.53 -27.47 9.33
N GLU C 248 -4.98 -27.50 8.06
CA GLU C 248 -5.84 -27.46 6.87
C GLU C 248 -7.02 -28.36 7.02
N ARG C 249 -6.77 -29.58 7.55
CA ARG C 249 -7.83 -30.57 7.80
C ARG C 249 -8.80 -30.08 8.87
N ARG C 250 -8.35 -29.92 10.12
CA ARG C 250 -9.22 -29.47 11.23
C ARG C 250 -10.34 -28.51 10.76
N LEU C 251 -9.97 -27.48 10.00
CA LEU C 251 -10.94 -26.52 9.49
C LEU C 251 -12.01 -27.22 8.65
N GLU C 252 -11.57 -28.09 7.73
CA GLU C 252 -12.51 -28.88 6.92
C GLU C 252 -13.52 -29.69 7.75
N PHE C 253 -13.08 -30.21 8.91
CA PHE C 253 -13.99 -30.85 9.87
C PHE C 253 -14.69 -29.86 10.79
N PHE C 254 -14.38 -28.56 10.65
CA PHE C 254 -15.03 -27.57 11.50
C PHE C 254 -16.05 -26.76 10.72
N THR C 255 -15.84 -26.62 9.43
CA THR C 255 -16.57 -25.55 8.72
C THR C 255 -16.81 -25.89 7.23
N ALA C 256 -15.73 -26.32 6.53
CA ALA C 256 -15.78 -26.76 5.16
C ALA C 256 -16.76 -27.91 5.05
N TRP C 257 -16.95 -28.61 6.16
CA TRP C 257 -17.96 -29.64 6.23
C TRP C 257 -19.24 -29.14 5.59
N PHE C 258 -19.77 -28.01 6.08
CA PHE C 258 -21.03 -27.50 5.55
C PHE C 258 -20.76 -26.65 4.29
N ALA C 259 -19.88 -25.67 4.43
CA ALA C 259 -19.56 -24.71 3.38
C ALA C 259 -19.28 -25.34 2.00
N ASP C 260 -18.26 -26.20 1.92
CA ASP C 260 -17.82 -26.81 0.64
C ASP C 260 -18.96 -27.30 -0.24
N PRO C 261 -19.86 -28.13 0.31
CA PRO C 261 -21.11 -28.41 -0.39
C PRO C 261 -21.80 -27.14 -0.92
N ILE C 262 -22.20 -26.24 -0.04
CA ILE C 262 -22.91 -25.04 -0.49
C ILE C 262 -22.21 -24.33 -1.70
N TYR C 263 -20.92 -24.00 -1.59
CA TYR C 263 -20.23 -23.31 -2.70
C TYR C 263 -19.62 -24.23 -3.78
N LEU C 264 -19.33 -25.48 -3.44
CA LEU C 264 -18.61 -26.38 -4.37
C LEU C 264 -19.46 -27.59 -4.73
N GLY C 265 -20.42 -27.92 -3.87
CA GLY C 265 -21.25 -29.09 -4.09
C GLY C 265 -20.43 -30.31 -3.74
N ASP C 266 -20.61 -30.77 -2.51
CA ASP C 266 -19.94 -31.99 -1.98
C ASP C 266 -18.94 -31.75 -0.84
N TYR C 267 -19.02 -32.67 0.12
CA TYR C 267 -18.19 -32.64 1.32
C TYR C 267 -16.71 -32.67 0.95
N PRO C 268 -15.87 -31.99 1.76
CA PRO C 268 -14.42 -32.05 1.62
C PRO C 268 -13.92 -33.49 1.41
N ALA C 269 -12.99 -33.68 0.46
CA ALA C 269 -12.52 -35.04 0.13
C ALA C 269 -12.05 -35.71 1.43
N SER C 270 -11.00 -35.13 2.01
CA SER C 270 -10.66 -35.21 3.45
C SER C 270 -11.68 -35.84 4.41
N MET C 271 -12.95 -35.46 4.28
CA MET C 271 -13.94 -35.99 5.19
C MET C 271 -14.44 -37.40 4.80
N ARG C 272 -14.79 -37.56 3.52
CA ARG C 272 -15.27 -38.84 3.05
C ARG C 272 -14.19 -39.90 3.29
N LYS C 273 -12.92 -39.49 3.14
CA LYS C 273 -11.77 -40.35 3.48
C LYS C 273 -11.81 -40.84 4.92
N GLN C 274 -12.02 -39.97 5.90
CA GLN C 274 -12.20 -40.49 7.27
C GLN C 274 -13.56 -41.21 7.45
N LEU C 275 -14.65 -40.56 7.07
CA LEU C 275 -15.95 -41.08 7.47
C LEU C 275 -16.48 -42.28 6.64
N GLY C 276 -15.85 -42.54 5.50
CA GLY C 276 -16.29 -43.60 4.57
C GLY C 276 -17.79 -43.77 4.42
N ASP C 277 -18.37 -44.65 5.23
CA ASP C 277 -19.77 -44.99 5.09
C ASP C 277 -20.67 -43.85 5.57
N ARG C 278 -20.55 -43.50 6.86
CA ARG C 278 -21.58 -42.72 7.59
C ARG C 278 -22.07 -41.43 6.92
N LEU C 279 -21.12 -40.67 6.34
CA LEU C 279 -21.42 -39.44 5.60
C LEU C 279 -22.02 -39.78 4.23
N PRO C 280 -23.22 -39.23 3.95
CA PRO C 280 -24.02 -39.44 2.74
C PRO C 280 -23.41 -38.93 1.45
N THR C 281 -23.47 -39.74 0.38
CA THR C 281 -23.07 -39.27 -0.95
C THR C 281 -24.30 -38.68 -1.67
N PHE C 282 -24.75 -37.53 -1.16
CA PHE C 282 -26.01 -36.88 -1.58
C PHE C 282 -26.29 -36.85 -3.10
N THR C 283 -27.59 -36.87 -3.42
CA THR C 283 -28.08 -37.02 -4.80
C THR C 283 -28.26 -35.70 -5.55
N PRO C 284 -28.09 -35.71 -6.90
CA PRO C 284 -28.38 -34.63 -7.84
C PRO C 284 -29.63 -33.78 -7.56
N GLU C 285 -30.63 -34.36 -6.91
CA GLU C 285 -31.79 -33.59 -6.45
C GLU C 285 -31.31 -32.49 -5.49
N GLU C 286 -30.31 -32.83 -4.67
CA GLU C 286 -29.75 -31.91 -3.70
C GLU C 286 -28.53 -31.15 -4.24
N ARG C 287 -27.73 -31.79 -5.12
CA ARG C 287 -26.59 -31.11 -5.80
C ARG C 287 -27.02 -29.80 -6.48
N ALA C 288 -28.32 -29.65 -6.72
CA ALA C 288 -28.89 -28.42 -7.23
C ALA C 288 -29.53 -27.63 -6.11
N LEU C 289 -30.08 -28.34 -5.11
CA LEU C 289 -30.76 -27.68 -3.97
C LEU C 289 -29.78 -27.07 -2.95
N VAL C 290 -28.48 -27.33 -3.15
CA VAL C 290 -27.41 -26.83 -2.27
C VAL C 290 -26.32 -26.00 -2.98
N HIS C 291 -26.04 -26.35 -4.24
CA HIS C 291 -24.94 -25.71 -4.99
C HIS C 291 -25.26 -24.28 -5.29
N GLY C 292 -24.43 -23.39 -4.76
CA GLY C 292 -24.66 -21.94 -4.80
C GLY C 292 -25.95 -21.60 -4.09
N SER C 293 -26.17 -22.20 -2.92
CA SER C 293 -27.44 -22.02 -2.19
C SER C 293 -27.46 -20.70 -1.42
N ASN C 294 -26.46 -20.47 -0.57
CA ASN C 294 -26.48 -19.27 0.26
C ASN C 294 -25.92 -17.97 -0.39
N ASP C 295 -26.69 -16.88 -0.26
CA ASP C 295 -26.43 -15.59 -0.97
C ASP C 295 -25.27 -14.77 -0.43
N PHE C 296 -24.75 -15.18 0.73
CA PHE C 296 -23.58 -14.59 1.38
C PHE C 296 -23.06 -15.64 2.39
N TYR C 297 -21.75 -15.61 2.65
CA TYR C 297 -21.20 -16.38 3.78
C TYR C 297 -21.54 -15.60 5.06
N GLY C 298 -22.23 -16.30 5.97
CA GLY C 298 -22.57 -15.79 7.30
C GLY C 298 -21.69 -16.47 8.32
N MET C 299 -20.96 -15.67 9.10
CA MET C 299 -19.88 -16.21 9.95
C MET C 299 -20.10 -16.10 11.45
N ASN C 300 -19.70 -17.17 12.14
CA ASN C 300 -19.46 -17.11 13.57
C ASN C 300 -17.97 -17.24 13.79
N HIS C 301 -17.49 -16.67 14.89
CA HIS C 301 -16.08 -16.85 15.28
C HIS C 301 -15.79 -16.36 16.69
N TYR C 302 -15.37 -17.37 17.53
CA TYR C 302 -14.92 -16.97 18.86
C TYR C 302 -13.42 -17.12 19.00
N THR C 303 -12.88 -18.31 18.64
CA THR C 303 -11.45 -18.58 18.85
C THR C 303 -10.75 -19.50 17.84
N SER C 304 -9.47 -19.77 18.19
CA SER C 304 -8.40 -20.21 17.28
C SER C 304 -7.62 -21.29 18.03
N ASN C 305 -7.00 -22.23 17.30
CA ASN C 305 -6.39 -23.43 17.91
C ASN C 305 -5.07 -24.00 17.36
N TYR C 306 -4.25 -24.47 18.30
CA TYR C 306 -3.09 -25.23 17.92
C TYR C 306 -3.58 -26.64 17.56
N ILE C 307 -3.26 -27.05 16.33
CA ILE C 307 -3.58 -28.42 15.86
C ILE C 307 -2.28 -29.25 15.79
N ARG C 308 -2.33 -30.49 16.29
CA ARG C 308 -1.26 -31.45 15.99
C ARG C 308 -1.88 -32.71 15.45
N HIS C 309 -1.14 -33.38 14.56
CA HIS C 309 -1.60 -34.57 13.85
C HIS C 309 -1.26 -35.78 14.69
N ARG C 310 -2.15 -36.79 14.68
CA ARG C 310 -1.78 -38.08 15.27
C ARG C 310 -1.38 -39.20 14.28
N SER C 311 -0.27 -39.88 14.57
CA SER C 311 0.26 -40.94 13.70
C SER C 311 -0.68 -42.15 13.61
N SER C 312 -1.39 -42.43 14.70
CA SER C 312 -2.39 -43.50 14.76
C SER C 312 -3.47 -43.29 13.68
N PRO C 313 -4.32 -44.30 13.41
CA PRO C 313 -5.34 -44.16 12.39
C PRO C 313 -6.61 -43.56 13.04
N ALA C 314 -7.73 -43.50 12.32
CA ALA C 314 -8.89 -42.75 12.83
C ALA C 314 -9.89 -43.61 13.59
N SER C 315 -10.22 -43.16 14.80
CA SER C 315 -11.22 -43.79 15.63
C SER C 315 -12.61 -43.50 15.09
N ALA C 316 -13.58 -44.35 15.42
CA ALA C 316 -14.89 -44.28 14.78
C ALA C 316 -15.80 -43.16 15.36
N ASP C 317 -15.32 -42.60 16.52
CA ASP C 317 -16.09 -41.62 17.28
C ASP C 317 -15.33 -40.29 17.33
N ASP C 318 -14.23 -40.25 16.60
CA ASP C 318 -13.62 -38.95 16.37
C ASP C 318 -14.56 -37.97 15.61
N THR C 319 -14.16 -36.71 15.52
CA THR C 319 -15.02 -35.71 14.89
C THR C 319 -14.22 -34.45 14.44
N VAL C 320 -12.93 -34.47 14.77
CA VAL C 320 -12.01 -33.39 14.55
C VAL C 320 -11.07 -33.83 13.41
N GLY C 321 -11.43 -34.96 12.80
CA GLY C 321 -10.68 -35.50 11.67
C GLY C 321 -9.27 -35.94 12.06
N ASN C 322 -9.21 -36.57 13.24
CA ASN C 322 -8.00 -37.23 13.75
C ASN C 322 -6.93 -36.34 14.42
N VAL C 323 -7.01 -34.99 14.31
CA VAL C 323 -6.06 -34.03 14.95
C VAL C 323 -6.42 -33.74 16.42
N ASP C 324 -5.66 -32.90 17.13
CA ASP C 324 -6.06 -32.57 18.54
C ASP C 324 -6.23 -31.09 18.88
N VAL C 325 -7.45 -30.53 18.91
CA VAL C 325 -7.57 -29.10 19.18
C VAL C 325 -6.74 -28.74 20.46
N LEU C 326 -5.84 -27.74 20.38
CA LEU C 326 -4.88 -27.45 21.48
C LEU C 326 -4.49 -25.97 21.75
N PHE C 327 -3.99 -25.69 22.96
CA PHE C 327 -3.76 -24.31 23.38
C PHE C 327 -2.31 -23.90 23.60
N THR C 328 -1.39 -24.87 23.78
CA THR C 328 0.06 -24.58 23.65
C THR C 328 0.63 -25.23 22.37
N ASN C 329 1.85 -24.87 22.00
CA ASN C 329 2.46 -25.45 20.81
C ASN C 329 3.89 -25.88 21.12
N LYS C 330 4.44 -26.88 20.36
CA LYS C 330 5.80 -27.36 20.64
C LYS C 330 6.71 -26.36 21.40
N GLN C 331 6.74 -25.08 20.99
CA GLN C 331 7.73 -24.15 21.55
C GLN C 331 7.40 -23.58 22.94
N GLY C 332 6.22 -23.93 23.47
CA GLY C 332 5.75 -23.34 24.72
C GLY C 332 4.56 -22.37 24.62
N ASN C 333 4.60 -21.44 23.65
CA ASN C 333 3.49 -20.50 23.41
C ASN C 333 2.02 -20.92 23.69
N CYS C 334 1.24 -19.92 24.14
CA CYS C 334 -0.18 -19.99 24.37
C CYS C 334 -0.95 -19.49 23.16
N ILE C 335 -2.23 -19.83 23.03
CA ILE C 335 -3.08 -19.18 22.03
C ILE C 335 -3.67 -17.87 22.62
N GLY C 336 -2.94 -17.29 23.59
CA GLY C 336 -3.42 -16.10 24.31
C GLY C 336 -4.34 -16.44 25.48
N PRO C 337 -4.69 -15.44 26.31
CA PRO C 337 -5.31 -15.59 27.66
C PRO C 337 -6.64 -16.35 27.77
N GLU C 338 -7.30 -16.23 28.91
CA GLU C 338 -8.49 -17.07 29.22
C GLU C 338 -9.73 -16.21 29.51
N THR C 339 -10.81 -16.46 28.78
CA THR C 339 -12.09 -15.79 29.05
C THR C 339 -12.75 -16.58 30.17
N ALA C 340 -13.93 -16.13 30.62
CA ALA C 340 -14.73 -16.92 31.59
C ALA C 340 -14.77 -18.37 31.17
N MET C 341 -15.17 -18.59 29.91
CA MET C 341 -15.14 -19.92 29.29
C MET C 341 -13.72 -20.50 29.20
N PRO C 342 -13.57 -21.78 29.64
CA PRO C 342 -12.28 -22.48 29.59
C PRO C 342 -11.78 -22.79 28.17
N TRP C 343 -12.70 -23.21 27.29
CA TRP C 343 -12.39 -23.41 25.87
C TRP C 343 -12.01 -22.15 25.10
N LEU C 344 -12.56 -20.98 25.49
CA LEU C 344 -12.47 -19.76 24.67
C LEU C 344 -11.30 -18.85 25.04
N ARG C 345 -10.25 -18.87 24.20
CA ARG C 345 -9.07 -18.02 24.38
C ARG C 345 -8.99 -16.99 23.25
N PRO C 346 -8.86 -15.69 23.61
CA PRO C 346 -8.87 -14.61 22.64
C PRO C 346 -7.62 -14.69 21.77
N CYS C 347 -7.84 -14.60 20.46
CA CYS C 347 -6.77 -14.61 19.45
C CYS C 347 -7.10 -13.69 18.24
N ALA C 348 -6.45 -12.54 18.17
CA ALA C 348 -6.85 -11.52 17.17
C ALA C 348 -6.64 -11.92 15.70
N ALA C 349 -5.35 -12.43 15.43
CA ALA C 349 -5.02 -13.03 14.13
C ALA C 349 -6.13 -13.87 13.53
N GLY C 350 -6.42 -14.99 14.20
CA GLY C 350 -7.32 -16.05 13.74
C GLY C 350 -8.63 -15.55 13.13
N PHE C 351 -9.22 -14.53 13.76
CA PHE C 351 -10.43 -13.91 13.20
C PHE C 351 -10.13 -13.40 11.78
N ARG C 352 -9.08 -12.59 11.61
CA ARG C 352 -8.67 -12.29 10.27
C ARG C 352 -8.40 -13.54 9.46
N ASP C 353 -7.30 -14.23 9.77
CA ASP C 353 -6.75 -15.32 8.94
C ASP C 353 -7.86 -16.20 8.36
N PHE C 354 -8.81 -16.51 9.25
CA PHE C 354 -10.00 -17.22 8.86
C PHE C 354 -10.76 -16.49 7.76
N LEU C 355 -11.06 -15.18 7.99
CA LEU C 355 -11.81 -14.35 7.01
C LEU C 355 -11.17 -14.57 5.64
N VAL C 356 -9.81 -14.46 5.61
CA VAL C 356 -9.15 -14.66 4.31
C VAL C 356 -9.32 -16.15 3.92
N TRP C 357 -9.44 -17.03 4.92
CA TRP C 357 -9.47 -18.49 4.60
C TRP C 357 -10.66 -18.81 3.76
N ILE C 358 -11.83 -18.56 4.35
CA ILE C 358 -13.09 -18.40 3.63
C ILE C 358 -12.87 -17.77 2.26
N SER C 359 -12.19 -16.62 2.26
CA SER C 359 -12.27 -15.73 1.13
C SER C 359 -11.55 -16.31 -0.08
N LYS C 360 -10.47 -17.08 0.17
CA LYS C 360 -9.72 -17.66 -0.95
C LYS C 360 -10.29 -19.06 -1.27
N ARG C 361 -10.75 -19.78 -0.24
CA ARG C 361 -11.44 -21.06 -0.50
C ARG C 361 -12.66 -20.80 -1.38
N TYR C 362 -13.50 -19.86 -0.94
CA TYR C 362 -14.77 -19.58 -1.57
C TYR C 362 -14.75 -18.26 -2.38
N GLY C 363 -13.59 -17.95 -2.97
CA GLY C 363 -13.49 -16.89 -4.00
C GLY C 363 -14.19 -15.59 -3.69
N TYR C 364 -14.27 -15.25 -2.40
CA TYR C 364 -14.72 -13.95 -1.94
C TYR C 364 -16.22 -13.82 -2.05
N PRO C 365 -16.96 -14.52 -1.19
CA PRO C 365 -18.35 -14.08 -1.09
C PRO C 365 -18.45 -12.87 -0.14
N PRO C 366 -19.59 -12.14 -0.18
CA PRO C 366 -19.93 -11.26 0.93
C PRO C 366 -19.88 -12.04 2.22
N ILE C 367 -19.18 -11.51 3.22
CA ILE C 367 -19.05 -12.16 4.53
C ILE C 367 -19.87 -11.42 5.59
N TYR C 368 -20.71 -12.14 6.37
CA TYR C 368 -21.29 -11.48 7.57
C TYR C 368 -20.66 -12.04 8.81
N VAL C 369 -20.02 -11.21 9.63
CA VAL C 369 -19.42 -11.74 10.87
C VAL C 369 -20.49 -11.87 11.98
N THR C 370 -21.52 -12.69 11.66
CA THR C 370 -22.78 -12.83 12.41
C THR C 370 -22.75 -12.99 13.95
N GLU C 371 -21.59 -13.33 14.52
CA GLU C 371 -21.45 -13.38 15.98
C GLU C 371 -19.99 -13.40 16.36
N ASN C 372 -19.69 -12.87 17.55
CA ASN C 372 -18.30 -12.68 18.03
C ASN C 372 -18.34 -12.01 19.39
N GLY C 373 -17.88 -12.73 20.43
CA GLY C 373 -17.95 -12.19 21.80
C GLY C 373 -16.93 -12.78 22.79
N ALA C 374 -17.02 -12.32 24.04
CA ALA C 374 -16.09 -12.75 25.09
C ALA C 374 -16.72 -12.76 26.47
N ALA C 375 -17.11 -13.96 26.92
CA ALA C 375 -17.53 -14.19 28.29
C ALA C 375 -16.37 -13.96 29.26
N PHE C 376 -16.58 -13.10 30.24
CA PHE C 376 -15.54 -12.68 31.17
C PHE C 376 -16.16 -12.44 32.54
N ASP C 377 -15.49 -11.60 33.34
CA ASP C 377 -16.06 -11.14 34.60
C ASP C 377 -16.79 -9.80 34.44
N ASP C 378 -18.05 -9.78 34.84
CA ASP C 378 -18.88 -8.58 34.78
C ASP C 378 -19.48 -8.21 36.16
N VAL C 379 -18.91 -7.20 36.80
CA VAL C 379 -19.30 -6.78 38.16
C VAL C 379 -19.87 -5.36 38.22
N VAL C 380 -21.05 -5.23 38.86
CA VAL C 380 -21.64 -3.92 39.18
C VAL C 380 -20.89 -3.29 40.34
N SER C 381 -20.30 -2.11 40.10
CA SER C 381 -19.39 -1.48 41.07
C SER C 381 -20.08 -0.54 42.07
N GLU C 382 -19.28 0.29 42.76
CA GLU C 382 -19.78 1.29 43.72
C GLU C 382 -20.35 2.53 43.04
N ASP C 383 -19.95 2.77 41.79
CA ASP C 383 -20.51 3.88 41.01
C ASP C 383 -21.77 3.46 40.24
N GLY C 384 -21.96 2.15 40.09
CA GLY C 384 -23.15 1.59 39.44
C GLY C 384 -22.84 0.80 38.18
N ARG C 385 -22.09 1.44 37.28
CA ARG C 385 -21.73 0.83 35.99
C ARG C 385 -20.69 -0.28 36.15
N VAL C 386 -20.81 -1.31 35.32
CA VAL C 386 -19.83 -2.41 35.27
C VAL C 386 -18.63 -2.02 34.38
N HIS C 387 -17.42 -2.17 34.92
CA HIS C 387 -16.18 -1.75 34.25
C HIS C 387 -15.39 -2.89 33.67
N ASP C 388 -15.77 -3.30 32.47
CA ASP C 388 -15.21 -4.49 31.82
C ASP C 388 -14.23 -4.17 30.70
N GLN C 389 -12.99 -3.83 31.07
CA GLN C 389 -11.91 -3.68 30.08
C GLN C 389 -11.56 -5.05 29.48
N ASN C 390 -11.98 -6.11 30.17
CA ASN C 390 -11.93 -7.45 29.63
C ASN C 390 -12.42 -7.51 28.18
N ARG C 391 -13.72 -7.24 27.97
CA ARG C 391 -14.37 -7.41 26.65
C ARG C 391 -14.08 -6.30 25.64
N ILE C 392 -13.91 -5.06 26.12
CA ILE C 392 -13.58 -3.98 25.19
C ILE C 392 -12.31 -4.39 24.46
N ASP C 393 -11.41 -5.05 25.18
CA ASP C 393 -10.09 -5.46 24.65
C ASP C 393 -10.20 -6.67 23.71
N TYR C 394 -11.32 -7.39 23.77
CA TYR C 394 -11.57 -8.52 22.87
C TYR C 394 -12.00 -8.05 21.47
N LEU C 395 -13.14 -7.35 21.43
CA LEU C 395 -13.67 -6.69 20.23
C LEU C 395 -12.72 -5.61 19.70
N LYS C 396 -11.89 -5.05 20.58
CA LYS C 396 -10.86 -4.10 20.17
C LYS C 396 -9.87 -4.78 19.26
N ALA C 397 -9.57 -6.03 19.58
CA ALA C 397 -8.62 -6.83 18.82
C ALA C 397 -9.30 -7.27 17.53
N TYR C 398 -10.46 -7.89 17.72
CA TYR C 398 -11.16 -8.57 16.65
C TYR C 398 -11.71 -7.59 15.60
N ILE C 399 -11.96 -6.37 16.03
CA ILE C 399 -12.31 -5.37 15.04
C ILE C 399 -10.99 -4.83 14.48
N GLY C 400 -9.92 -5.02 15.25
CA GLY C 400 -8.56 -4.73 14.78
C GLY C 400 -8.20 -5.75 13.71
N ALA C 401 -8.65 -6.97 13.96
CA ALA C 401 -8.50 -8.11 13.05
C ALA C 401 -9.06 -7.95 11.63
N MET C 402 -10.26 -7.25 11.63
CA MET C 402 -11.13 -7.35 10.45
C MET C 402 -11.04 -6.19 9.41
N VAL C 403 -10.66 -5.00 9.88
CA VAL C 403 -10.25 -3.91 8.97
C VAL C 403 -9.07 -4.41 8.15
N THR C 404 -8.25 -5.23 8.83
CA THR C 404 -7.06 -5.80 8.24
C THR C 404 -7.56 -6.41 6.88
N ALA C 405 -8.44 -7.42 7.05
CA ALA C 405 -9.01 -8.21 5.96
C ALA C 405 -9.62 -7.36 4.81
N VAL C 406 -10.35 -6.30 5.20
CA VAL C 406 -11.01 -5.44 4.21
C VAL C 406 -9.90 -4.87 3.38
N GLU C 407 -8.93 -4.28 4.06
CA GLU C 407 -8.02 -3.36 3.42
C GLU C 407 -6.90 -4.08 2.70
N LEU C 408 -6.25 -5.02 3.38
CA LEU C 408 -5.07 -5.70 2.84
C LEU C 408 -5.46 -6.90 1.99
N ASP C 409 -6.10 -7.84 2.67
CA ASP C 409 -6.47 -9.13 2.11
C ASP C 409 -7.63 -9.06 1.12
N GLY C 410 -8.47 -8.04 1.25
CA GLY C 410 -9.34 -7.65 0.12
C GLY C 410 -10.66 -8.33 0.28
N VAL C 411 -10.80 -9.04 1.41
CA VAL C 411 -12.07 -9.65 1.76
C VAL C 411 -13.18 -8.58 1.75
N ASN C 412 -14.40 -9.03 1.96
CA ASN C 412 -15.57 -8.26 1.68
C ASN C 412 -16.60 -8.55 2.80
N VAL C 413 -16.39 -7.87 3.94
CA VAL C 413 -17.25 -8.03 5.12
C VAL C 413 -18.23 -6.85 5.14
N LYS C 414 -19.50 -7.15 4.94
CA LYS C 414 -20.50 -6.10 4.91
C LYS C 414 -20.91 -5.70 6.33
N GLY C 415 -21.02 -6.69 7.24
CA GLY C 415 -21.43 -6.45 8.68
C GLY C 415 -20.70 -7.23 9.79
N TYR C 416 -20.97 -6.87 11.07
CA TYR C 416 -20.34 -7.50 12.26
C TYR C 416 -21.21 -7.29 13.51
N PHE C 417 -22.00 -8.33 13.86
CA PHE C 417 -22.89 -8.33 15.04
C PHE C 417 -22.14 -8.79 16.28
N VAL C 418 -22.15 -8.00 17.38
CA VAL C 418 -21.51 -8.45 18.65
C VAL C 418 -22.43 -9.41 19.34
N TRP C 419 -21.86 -10.39 20.04
CA TRP C 419 -22.61 -11.31 20.91
C TRP C 419 -22.25 -11.10 22.36
N SER C 420 -23.27 -10.89 23.21
CA SER C 420 -24.61 -10.48 22.78
C SER C 420 -24.97 -9.18 23.53
N LEU C 421 -26.24 -8.74 23.41
CA LEU C 421 -26.61 -7.40 23.96
C LEU C 421 -26.81 -7.43 25.48
N LEU C 422 -27.40 -8.52 25.96
CA LEU C 422 -27.57 -8.72 27.39
C LEU C 422 -27.39 -10.20 27.71
N ASP C 423 -26.54 -10.46 28.69
CA ASP C 423 -26.16 -11.81 29.09
C ASP C 423 -27.27 -12.84 28.87
N ASN C 424 -27.08 -13.68 27.86
CA ASN C 424 -28.07 -14.66 27.41
C ASN C 424 -28.18 -15.89 28.35
N PHE C 425 -29.17 -16.76 28.10
CA PHE C 425 -29.15 -18.15 28.57
C PHE C 425 -28.26 -18.91 27.58
N GLU C 426 -27.04 -19.22 28.02
CA GLU C 426 -26.06 -19.80 27.13
C GLU C 426 -25.97 -21.31 27.23
N TRP C 427 -27.05 -21.94 26.76
CA TRP C 427 -27.13 -23.38 26.63
C TRP C 427 -26.62 -24.14 27.84
N ALA C 428 -26.25 -25.42 27.66
CA ALA C 428 -25.91 -26.33 28.78
C ALA C 428 -24.87 -25.82 29.81
N GLU C 429 -24.45 -24.55 29.68
CA GLU C 429 -23.57 -23.92 30.65
C GLU C 429 -24.32 -23.01 31.64
N GLY C 430 -25.58 -22.72 31.35
CA GLY C 430 -26.41 -21.88 32.22
C GLY C 430 -26.09 -20.39 32.17
N TYR C 431 -26.28 -19.72 33.31
CA TYR C 431 -26.22 -18.27 33.38
C TYR C 431 -24.85 -17.70 33.80
N SER C 432 -23.91 -18.60 34.10
CA SER C 432 -22.55 -18.19 34.42
C SER C 432 -21.78 -17.78 33.15
N LYS C 433 -22.51 -17.41 32.10
CA LYS C 433 -21.88 -17.07 30.80
C LYS C 433 -22.13 -15.63 30.30
N ARG C 434 -21.32 -14.73 30.85
CA ARG C 434 -21.35 -13.32 30.58
C ARG C 434 -20.92 -12.96 29.15
N PHE C 435 -21.89 -12.92 28.23
CA PHE C 435 -21.61 -12.41 26.86
C PHE C 435 -22.11 -11.00 26.55
N GLY C 436 -23.21 -10.59 27.19
CA GLY C 436 -23.80 -9.28 26.96
C GLY C 436 -22.83 -8.15 27.20
N ILE C 437 -22.85 -7.16 26.31
CA ILE C 437 -22.04 -5.96 26.48
C ILE C 437 -22.66 -5.15 27.62
N VAL C 438 -23.99 -5.15 27.68
CA VAL C 438 -24.72 -4.55 28.78
C VAL C 438 -25.00 -5.65 29.76
N TYR C 439 -24.70 -5.41 31.03
CA TYR C 439 -24.95 -6.40 32.09
C TYR C 439 -26.45 -6.72 32.22
N VAL C 440 -26.79 -7.77 32.95
CA VAL C 440 -28.17 -8.02 33.38
CA TYR C 442 -30.81 -11.29 37.70
C TYR C 442 -31.83 -11.32 38.85
N SER C 443 -31.66 -10.43 39.82
CA SER C 443 -32.62 -10.24 40.90
C SER C 443 -33.69 -9.27 40.43
N THR C 444 -33.31 -8.01 40.26
CA THR C 444 -34.15 -6.99 39.65
C THR C 444 -34.33 -7.25 38.15
N GLN C 445 -35.58 -7.47 37.76
CA GLN C 445 -35.94 -7.71 36.36
N ARG C 447 -29.97 -5.24 34.20
CA ARG C 447 -29.95 -4.43 32.97
C ARG C 447 -28.99 -3.22 32.99
N ILE C 448 -27.84 -3.38 33.67
CA ILE C 448 -26.85 -2.30 33.83
C ILE C 448 -25.86 -2.25 32.63
N VAL C 449 -25.97 -1.20 31.82
CA VAL C 449 -25.18 -1.10 30.57
C VAL C 449 -23.69 -0.80 30.79
N LYS C 450 -22.86 -1.82 30.50
CA LYS C 450 -21.45 -1.83 30.91
C LYS C 450 -20.49 -0.97 30.09
N ASP C 451 -19.20 -1.07 30.43
CA ASP C 451 -18.11 -0.33 29.77
C ASP C 451 -17.86 -0.81 28.34
N SER C 452 -18.13 -2.10 28.08
CA SER C 452 -18.03 -2.63 26.72
C SER C 452 -18.98 -1.82 25.84
N GLY C 453 -20.21 -1.65 26.38
CA GLY C 453 -21.28 -0.83 25.83
C GLY C 453 -20.90 0.61 25.57
N TYR C 454 -20.35 1.29 26.60
CA TYR C 454 -19.89 2.68 26.44
C TYR C 454 -18.87 2.79 25.31
N TRP C 455 -18.19 1.68 25.05
CA TRP C 455 -17.12 1.61 24.05
C TRP C 455 -17.65 1.30 22.67
N TYR C 456 -18.45 0.23 22.55
CA TYR C 456 -18.95 -0.25 21.24
C TYR C 456 -19.81 0.75 20.44
N SER C 457 -20.67 1.49 21.15
CA SER C 457 -21.48 2.56 20.54
C SER C 457 -20.61 3.62 19.87
N ASN C 458 -19.52 4.02 20.53
CA ASN C 458 -18.57 4.98 19.96
C ASN C 458 -17.78 4.37 18.81
N VAL C 459 -17.87 3.04 18.66
CA VAL C 459 -17.37 2.40 17.43
C VAL C 459 -18.42 2.61 16.35
N VAL C 460 -19.64 2.11 16.62
CA VAL C 460 -20.78 2.17 15.69
C VAL C 460 -20.94 3.55 15.06
N LYS C 461 -20.89 4.58 15.90
CA LYS C 461 -21.13 5.98 15.48
C LYS C 461 -20.02 6.52 14.57
N ASN C 462 -18.80 6.04 14.80
CA ASN C 462 -17.64 6.36 13.97
C ASN C 462 -17.58 5.51 12.69
N ASN C 463 -18.17 4.30 12.76
CA ASN C 463 -18.07 3.29 11.67
C ASN C 463 -16.62 2.69 11.64
N GLY C 464 -16.11 2.39 12.89
CA GLY C 464 -14.68 2.02 13.03
C GLY C 464 -14.07 2.48 14.36
N LEU C 465 -12.70 2.21 14.51
CA LEU C 465 -12.00 2.38 15.81
C LEU C 465 -11.05 3.59 15.88
N GLU C 466 -10.93 4.19 17.07
CA GLU C 466 -10.09 5.39 17.30
C GLU C 466 -8.69 5.10 17.86
N ASP C 467 -8.16 3.91 17.52
CA ASP C 467 -6.80 3.49 17.90
C ASP C 467 -5.85 3.58 16.69
#